data_9PSW
# 
_entry.id   9PSW 
# 
_audit_conform.dict_name       mmcif_pdbx.dic 
_audit_conform.dict_version    5.406 
_audit_conform.dict_location   http://mmcif.pdb.org/dictionaries/ascii/mmcif_pdbx.dic 
# 
loop_
_database_2.database_id 
_database_2.database_code 
_database_2.pdbx_database_accession 
_database_2.pdbx_DOI 
PDB   9PSW         pdb_00009psw 10.2210/pdb9psw/pdb 
WWPDB D_1000298336 ?            ?                   
# 
_pdbx_audit_revision_history.ordinal             1 
_pdbx_audit_revision_history.data_content_type   'Structure model' 
_pdbx_audit_revision_history.major_revision      1 
_pdbx_audit_revision_history.minor_revision      0 
_pdbx_audit_revision_history.revision_date       2025-10-01 
_pdbx_audit_revision_history.part_number         ? 
# 
_pdbx_audit_revision_details.ordinal             1 
_pdbx_audit_revision_details.revision_ordinal    1 
_pdbx_audit_revision_details.data_content_type   'Structure model' 
_pdbx_audit_revision_details.provider            repository 
_pdbx_audit_revision_details.type                'Initial release' 
_pdbx_audit_revision_details.description         ? 
_pdbx_audit_revision_details.details             ? 
# 
_pdbx_database_status.status_code                     REL 
_pdbx_database_status.status_code_sf                  REL 
_pdbx_database_status.status_code_mr                  ? 
_pdbx_database_status.entry_id                        9PSW 
_pdbx_database_status.recvd_initial_deposition_date   2025-07-27 
_pdbx_database_status.SG_entry                        N 
_pdbx_database_status.deposit_site                    RCSB 
_pdbx_database_status.process_site                    RCSB 
_pdbx_database_status.status_code_cs                  ? 
_pdbx_database_status.status_code_nmr_data            ? 
_pdbx_database_status.methods_development_category    ? 
_pdbx_database_status.pdb_format_compatible           N 
# 
_pdbx_contact_author.id                 2 
_pdbx_contact_author.email              geigerj@msu.edu 
_pdbx_contact_author.name_first         'James H.' 
_pdbx_contact_author.name_last          Geiger 
_pdbx_contact_author.name_mi            ? 
_pdbx_contact_author.role               'principal investigator/group leader' 
_pdbx_contact_author.identifier_ORCID   0000-0002-9443-4488 
# 
loop_
_audit_author.name 
_audit_author.pdbx_ordinal 
_audit_author.identifier_ORCID 
'Ghanbarpour, A.' 1 0000-0002-7485-029X 
'Bingham, C.'     2 0000-0001-5920-5543 
'Geiger, J.H.'    3 0000-0002-9443-4488 
# 
_citation.abstract                  ? 
_citation.abstract_id_CAS           ? 
_citation.book_id_ISBN              ? 
_citation.book_publisher            ? 
_citation.book_publisher_city       ? 
_citation.book_title                ? 
_citation.coordinate_linkage        ? 
_citation.country                   ? 
_citation.database_id_Medline       ? 
_citation.details                   ? 
_citation.id                        primary 
_citation.journal_abbrev            'To Be Published' 
_citation.journal_id_ASTM           ? 
_citation.journal_id_CSD            0353 
_citation.journal_id_ISSN           ? 
_citation.journal_full              ? 
_citation.journal_issue             ? 
_citation.journal_volume            ? 
_citation.language                  ? 
_citation.page_first                ? 
_citation.page_last                 ? 
_citation.title                     'Exploring the Structure-Property Relationships of Protein/Fluorophore Complex' 
_citation.year                      ? 
_citation.database_id_CSD           ? 
_citation.pdbx_database_id_DOI      ? 
_citation.pdbx_database_id_PubMed   ? 
_citation.pdbx_database_id_patent   ? 
_citation.unpublished_flag          ? 
# 
loop_
_citation_author.citation_id 
_citation_author.name 
_citation_author.ordinal 
_citation_author.identifier_ORCID 
primary 'Santos, E.'      1 ? 
primary 'Ghanbarpour, A.' 2 ? 
primary 'Chandra, I.'     3 ? 
primary 'Bingham, C.'     4 ? 
primary 'Vasileiou, C.'   5 ? 
primary 'Geiger, J.H.'    6 ? 
primary 'Borhan, B.'      7 ? 
# 
loop_
_entity.id 
_entity.type 
_entity.src_method 
_entity.pdbx_description 
_entity.formula_weight 
_entity.pdbx_number_of_molecules 
_entity.pdbx_ec 
_entity.pdbx_mutation 
_entity.pdbx_fragment 
_entity.details 
1 polymer     man 'Retinol-binding protein 2'                                   15634.491 1  ? 
Q108K:K40L:T51V:T53S:R58W:Y19W:L117E ? ? 
2 non-polymer syn '(2E)-3-{5-[4-(azetidin-1-yl)phenyl]thiophen-2-yl}but-2-enal' 283.388   1  ? ? ? ? 
3 non-polymer syn 'ACETATE ION'                                                 59.044    1  ? ? ? ? 
4 water       nat water                                                         18.015    93 ? ? ? ? 
# 
_entity_name_com.entity_id   1 
_entity_name_com.name        'Cellular retinol-binding protein II,CRBP-II' 
# 
_entity_poly.entity_id                      1 
_entity_poly.type                           'polypeptide(L)' 
_entity_poly.nstd_linkage                   no 
_entity_poly.nstd_monomer                   no 
_entity_poly.pdbx_seq_one_letter_code       
;TRDQNGTWEMESNENFEGWMKALDIDFATRKIAVRLTQTLVIDQDGDNFKVKSTSTFWNYDVDFTVGVEFDEYTKSLDNR
HVKALVTWEGDVLVCVQKGEKENRGWKKWIEGDKLYEELTCGDQVCRQVFKKK
;
_entity_poly.pdbx_seq_one_letter_code_can   
;TRDQNGTWEMESNENFEGWMKALDIDFATRKIAVRLTQTLVIDQDGDNFKVKSTSTFWNYDVDFTVGVEFDEYTKSLDNR
HVKALVTWEGDVLVCVQKGEKENRGWKKWIEGDKLYEELTCGDQVCRQVFKKK
;
_entity_poly.pdbx_strand_id                 A 
_entity_poly.pdbx_target_identifier         ? 
# 
loop_
_pdbx_entity_nonpoly.entity_id 
_pdbx_entity_nonpoly.name 
_pdbx_entity_nonpoly.comp_id 
2 '(2E)-3-{5-[4-(azetidin-1-yl)phenyl]thiophen-2-yl}but-2-enal' A1CKV 
3 'ACETATE ION'                                                 ACT   
4 water                                                         HOH   
# 
loop_
_entity_poly_seq.entity_id 
_entity_poly_seq.num 
_entity_poly_seq.mon_id 
_entity_poly_seq.hetero 
1 1   THR n 
1 2   ARG n 
1 3   ASP n 
1 4   GLN n 
1 5   ASN n 
1 6   GLY n 
1 7   THR n 
1 8   TRP n 
1 9   GLU n 
1 10  MET n 
1 11  GLU n 
1 12  SER n 
1 13  ASN n 
1 14  GLU n 
1 15  ASN n 
1 16  PHE n 
1 17  GLU n 
1 18  GLY n 
1 19  TRP n 
1 20  MET n 
1 21  LYS n 
1 22  ALA n 
1 23  LEU n 
1 24  ASP n 
1 25  ILE n 
1 26  ASP n 
1 27  PHE n 
1 28  ALA n 
1 29  THR n 
1 30  ARG n 
1 31  LYS n 
1 32  ILE n 
1 33  ALA n 
1 34  VAL n 
1 35  ARG n 
1 36  LEU n 
1 37  THR n 
1 38  GLN n 
1 39  THR n 
1 40  LEU n 
1 41  VAL n 
1 42  ILE n 
1 43  ASP n 
1 44  GLN n 
1 45  ASP n 
1 46  GLY n 
1 47  ASP n 
1 48  ASN n 
1 49  PHE n 
1 50  LYS n 
1 51  VAL n 
1 52  LYS n 
1 53  SER n 
1 54  THR n 
1 55  SER n 
1 56  THR n 
1 57  PHE n 
1 58  TRP n 
1 59  ASN n 
1 60  TYR n 
1 61  ASP n 
1 62  VAL n 
1 63  ASP n 
1 64  PHE n 
1 65  THR n 
1 66  VAL n 
1 67  GLY n 
1 68  VAL n 
1 69  GLU n 
1 70  PHE n 
1 71  ASP n 
1 72  GLU n 
1 73  TYR n 
1 74  THR n 
1 75  LYS n 
1 76  SER n 
1 77  LEU n 
1 78  ASP n 
1 79  ASN n 
1 80  ARG n 
1 81  HIS n 
1 82  VAL n 
1 83  LYS n 
1 84  ALA n 
1 85  LEU n 
1 86  VAL n 
1 87  THR n 
1 88  TRP n 
1 89  GLU n 
1 90  GLY n 
1 91  ASP n 
1 92  VAL n 
1 93  LEU n 
1 94  VAL n 
1 95  CYS n 
1 96  VAL n 
1 97  GLN n 
1 98  LYS n 
1 99  GLY n 
1 100 GLU n 
1 101 LYS n 
1 102 GLU n 
1 103 ASN n 
1 104 ARG n 
1 105 GLY n 
1 106 TRP n 
1 107 LYS n 
1 108 LYS n 
1 109 TRP n 
1 110 ILE n 
1 111 GLU n 
1 112 GLY n 
1 113 ASP n 
1 114 LYS n 
1 115 LEU n 
1 116 TYR n 
1 117 GLU n 
1 118 GLU n 
1 119 LEU n 
1 120 THR n 
1 121 CYS n 
1 122 GLY n 
1 123 ASP n 
1 124 GLN n 
1 125 VAL n 
1 126 CYS n 
1 127 ARG n 
1 128 GLN n 
1 129 VAL n 
1 130 PHE n 
1 131 LYS n 
1 132 LYS n 
1 133 LYS n 
# 
_entity_src_gen.entity_id                          1 
_entity_src_gen.pdbx_src_id                        1 
_entity_src_gen.pdbx_alt_source_flag               sample 
_entity_src_gen.pdbx_seq_type                      'Biological sequence' 
_entity_src_gen.pdbx_beg_seq_num                   1 
_entity_src_gen.pdbx_end_seq_num                   133 
_entity_src_gen.gene_src_common_name               human 
_entity_src_gen.gene_src_genus                     ? 
_entity_src_gen.pdbx_gene_src_gene                 'RBP2, CRBP2' 
_entity_src_gen.gene_src_species                   ? 
_entity_src_gen.gene_src_strain                    ? 
_entity_src_gen.gene_src_tissue                    ? 
_entity_src_gen.gene_src_tissue_fraction           ? 
_entity_src_gen.gene_src_details                   ? 
_entity_src_gen.pdbx_gene_src_fragment             ? 
_entity_src_gen.pdbx_gene_src_scientific_name      'Homo sapiens' 
_entity_src_gen.pdbx_gene_src_ncbi_taxonomy_id     9606 
_entity_src_gen.pdbx_gene_src_variant              ? 
_entity_src_gen.pdbx_gene_src_cell_line            ? 
_entity_src_gen.pdbx_gene_src_atcc                 ? 
_entity_src_gen.pdbx_gene_src_organ                ? 
_entity_src_gen.pdbx_gene_src_organelle            ? 
_entity_src_gen.pdbx_gene_src_cell                 ? 
_entity_src_gen.pdbx_gene_src_cellular_location    ? 
_entity_src_gen.host_org_common_name               ? 
_entity_src_gen.pdbx_host_org_scientific_name      'Escherichia coli' 
_entity_src_gen.pdbx_host_org_ncbi_taxonomy_id     562 
_entity_src_gen.host_org_genus                     ? 
_entity_src_gen.pdbx_host_org_gene                 ? 
_entity_src_gen.pdbx_host_org_organ                ? 
_entity_src_gen.host_org_species                   ? 
_entity_src_gen.pdbx_host_org_tissue               ? 
_entity_src_gen.pdbx_host_org_tissue_fraction      ? 
_entity_src_gen.pdbx_host_org_strain               ? 
_entity_src_gen.pdbx_host_org_variant              ? 
_entity_src_gen.pdbx_host_org_cell_line            ? 
_entity_src_gen.pdbx_host_org_atcc                 ? 
_entity_src_gen.pdbx_host_org_culture_collection   ? 
_entity_src_gen.pdbx_host_org_cell                 ? 
_entity_src_gen.pdbx_host_org_organelle            ? 
_entity_src_gen.pdbx_host_org_cellular_location    ? 
_entity_src_gen.pdbx_host_org_vector_type          ? 
_entity_src_gen.pdbx_host_org_vector               ? 
_entity_src_gen.host_org_details                   ? 
_entity_src_gen.expression_system_id               ? 
_entity_src_gen.plasmid_name                       ? 
_entity_src_gen.plasmid_details                    ? 
_entity_src_gen.pdbx_description                   ? 
# 
loop_
_chem_comp.id 
_chem_comp.type 
_chem_comp.mon_nstd_flag 
_chem_comp.name 
_chem_comp.pdbx_synonyms 
_chem_comp.formula 
_chem_comp.formula_weight 
A1CKV non-polymer         . '(2E)-3-{5-[4-(azetidin-1-yl)phenyl]thiophen-2-yl}but-2-enal' ? 'C17 H17 N O S'  283.388 
ACT   non-polymer         . 'ACETATE ION'                                                 ? 'C2 H3 O2 -1'    59.044  
ALA   'L-peptide linking' y ALANINE                                                       ? 'C3 H7 N O2'     89.093  
ARG   'L-peptide linking' y ARGININE                                                      ? 'C6 H15 N4 O2 1' 175.209 
ASN   'L-peptide linking' y ASPARAGINE                                                    ? 'C4 H8 N2 O3'    132.118 
ASP   'L-peptide linking' y 'ASPARTIC ACID'                                               ? 'C4 H7 N O4'     133.103 
CYS   'L-peptide linking' y CYSTEINE                                                      ? 'C3 H7 N O2 S'   121.158 
GLN   'L-peptide linking' y GLUTAMINE                                                     ? 'C5 H10 N2 O3'   146.144 
GLU   'L-peptide linking' y 'GLUTAMIC ACID'                                               ? 'C5 H9 N O4'     147.129 
GLY   'peptide linking'   y GLYCINE                                                       ? 'C2 H5 N O2'     75.067  
HIS   'L-peptide linking' y HISTIDINE                                                     ? 'C6 H10 N3 O2 1' 156.162 
HOH   non-polymer         . WATER                                                         ? 'H2 O'           18.015  
ILE   'L-peptide linking' y ISOLEUCINE                                                    ? 'C6 H13 N O2'    131.173 
LEU   'L-peptide linking' y LEUCINE                                                       ? 'C6 H13 N O2'    131.173 
LYS   'L-peptide linking' y LYSINE                                                        ? 'C6 H15 N2 O2 1' 147.195 
MET   'L-peptide linking' y METHIONINE                                                    ? 'C5 H11 N O2 S'  149.211 
PHE   'L-peptide linking' y PHENYLALANINE                                                 ? 'C9 H11 N O2'    165.189 
SER   'L-peptide linking' y SERINE                                                        ? 'C3 H7 N O3'     105.093 
THR   'L-peptide linking' y THREONINE                                                     ? 'C4 H9 N O3'     119.119 
TRP   'L-peptide linking' y TRYPTOPHAN                                                    ? 'C11 H12 N2 O2'  204.225 
TYR   'L-peptide linking' y TYROSINE                                                      ? 'C9 H11 N O3'    181.189 
VAL   'L-peptide linking' y VALINE                                                        ? 'C5 H11 N O2'    117.146 
# 
loop_
_pdbx_poly_seq_scheme.asym_id 
_pdbx_poly_seq_scheme.entity_id 
_pdbx_poly_seq_scheme.seq_id 
_pdbx_poly_seq_scheme.mon_id 
_pdbx_poly_seq_scheme.ndb_seq_num 
_pdbx_poly_seq_scheme.pdb_seq_num 
_pdbx_poly_seq_scheme.auth_seq_num 
_pdbx_poly_seq_scheme.pdb_mon_id 
_pdbx_poly_seq_scheme.auth_mon_id 
_pdbx_poly_seq_scheme.pdb_strand_id 
_pdbx_poly_seq_scheme.pdb_ins_code 
_pdbx_poly_seq_scheme.hetero 
A 1 1   THR 1   1   1   THR THR A . n 
A 1 2   ARG 2   2   2   ARG ARG A . n 
A 1 3   ASP 3   3   3   ASP ASP A . n 
A 1 4   GLN 4   4   4   GLN GLN A . n 
A 1 5   ASN 5   5   5   ASN ASN A . n 
A 1 6   GLY 6   6   6   GLY GLY A . n 
A 1 7   THR 7   7   7   THR THR A . n 
A 1 8   TRP 8   8   8   TRP TRP A . n 
A 1 9   GLU 9   9   9   GLU GLU A . n 
A 1 10  MET 10  10  10  MET MET A . n 
A 1 11  GLU 11  11  11  GLU GLU A . n 
A 1 12  SER 12  12  12  SER SER A . n 
A 1 13  ASN 13  13  13  ASN ASN A . n 
A 1 14  GLU 14  14  14  GLU GLU A . n 
A 1 15  ASN 15  15  15  ASN ASN A . n 
A 1 16  PHE 16  16  16  PHE PHE A . n 
A 1 17  GLU 17  17  17  GLU GLU A . n 
A 1 18  GLY 18  18  18  GLY GLY A . n 
A 1 19  TRP 19  19  19  TRP TRP A . n 
A 1 20  MET 20  20  20  MET MET A . n 
A 1 21  LYS 21  21  21  LYS LYS A . n 
A 1 22  ALA 22  22  22  ALA ALA A . n 
A 1 23  LEU 23  23  23  LEU LEU A . n 
A 1 24  ASP 24  24  24  ASP ASP A . n 
A 1 25  ILE 25  25  25  ILE ILE A . n 
A 1 26  ASP 26  26  26  ASP ASP A . n 
A 1 27  PHE 27  27  27  PHE PHE A . n 
A 1 28  ALA 28  28  28  ALA ALA A . n 
A 1 29  THR 29  29  29  THR THR A . n 
A 1 30  ARG 30  30  30  ARG ARG A . n 
A 1 31  LYS 31  31  31  LYS LYS A . n 
A 1 32  ILE 32  32  32  ILE ILE A . n 
A 1 33  ALA 33  33  33  ALA ALA A . n 
A 1 34  VAL 34  34  34  VAL VAL A . n 
A 1 35  ARG 35  35  35  ARG ARG A . n 
A 1 36  LEU 36  36  36  LEU LEU A . n 
A 1 37  THR 37  37  37  THR THR A . n 
A 1 38  GLN 38  38  38  GLN GLN A . n 
A 1 39  THR 39  39  39  THR THR A . n 
A 1 40  LEU 40  40  40  LEU LEU A . n 
A 1 41  VAL 41  41  41  VAL VAL A . n 
A 1 42  ILE 42  42  42  ILE ILE A . n 
A 1 43  ASP 43  43  43  ASP ASP A . n 
A 1 44  GLN 44  44  44  GLN GLN A . n 
A 1 45  ASP 45  45  45  ASP ASP A . n 
A 1 46  GLY 46  46  46  GLY GLY A . n 
A 1 47  ASP 47  47  47  ASP ASP A . n 
A 1 48  ASN 48  48  48  ASN ASN A . n 
A 1 49  PHE 49  49  49  PHE PHE A . n 
A 1 50  LYS 50  50  50  LYS LYS A . n 
A 1 51  VAL 51  51  51  VAL VAL A . n 
A 1 52  LYS 52  52  52  LYS LYS A . n 
A 1 53  SER 53  53  53  SER SER A . n 
A 1 54  THR 54  54  54  THR THR A . n 
A 1 55  SER 55  55  55  SER SER A . n 
A 1 56  THR 56  56  56  THR THR A . n 
A 1 57  PHE 57  57  57  PHE PHE A . n 
A 1 58  TRP 58  58  58  TRP TRP A . n 
A 1 59  ASN 59  59  59  ASN ASN A . n 
A 1 60  TYR 60  60  60  TYR TYR A . n 
A 1 61  ASP 61  61  61  ASP ASP A . n 
A 1 62  VAL 62  62  62  VAL VAL A . n 
A 1 63  ASP 63  63  63  ASP ASP A . n 
A 1 64  PHE 64  64  64  PHE PHE A . n 
A 1 65  THR 65  65  65  THR THR A . n 
A 1 66  VAL 66  66  66  VAL VAL A . n 
A 1 67  GLY 67  67  67  GLY GLY A . n 
A 1 68  VAL 68  68  68  VAL VAL A . n 
A 1 69  GLU 69  69  69  GLU GLU A . n 
A 1 70  PHE 70  70  70  PHE PHE A . n 
A 1 71  ASP 71  71  71  ASP ASP A . n 
A 1 72  GLU 72  72  72  GLU GLU A . n 
A 1 73  TYR 73  73  73  TYR TYR A . n 
A 1 74  THR 74  74  74  THR THR A . n 
A 1 75  LYS 75  75  75  LYS LYS A . n 
A 1 76  SER 76  76  76  SER SER A . n 
A 1 77  LEU 77  77  77  LEU LEU A . n 
A 1 78  ASP 78  78  78  ASP ASP A . n 
A 1 79  ASN 79  79  79  ASN ASN A . n 
A 1 80  ARG 80  80  80  ARG ARG A . n 
A 1 81  HIS 81  81  81  HIS HIS A . n 
A 1 82  VAL 82  82  82  VAL VAL A . n 
A 1 83  LYS 83  83  83  LYS LYS A . n 
A 1 84  ALA 84  84  84  ALA ALA A . n 
A 1 85  LEU 85  85  85  LEU LEU A . n 
A 1 86  VAL 86  86  86  VAL VAL A . n 
A 1 87  THR 87  87  87  THR THR A . n 
A 1 88  TRP 88  88  88  TRP TRP A . n 
A 1 89  GLU 89  89  89  GLU GLU A . n 
A 1 90  GLY 90  90  90  GLY GLY A . n 
A 1 91  ASP 91  91  91  ASP ASP A . n 
A 1 92  VAL 92  92  92  VAL VAL A . n 
A 1 93  LEU 93  93  93  LEU LEU A . n 
A 1 94  VAL 94  94  94  VAL VAL A . n 
A 1 95  CYS 95  95  95  CYS CYS A . n 
A 1 96  VAL 96  96  96  VAL VAL A . n 
A 1 97  GLN 97  97  97  GLN GLN A . n 
A 1 98  LYS 98  98  98  LYS LYS A . n 
A 1 99  GLY 99  99  99  GLY GLY A . n 
A 1 100 GLU 100 100 100 GLU GLU A . n 
A 1 101 LYS 101 101 101 LYS LYS A . n 
A 1 102 GLU 102 102 102 GLU GLU A . n 
A 1 103 ASN 103 103 103 ASN ASN A . n 
A 1 104 ARG 104 104 104 ARG ARG A . n 
A 1 105 GLY 105 105 105 GLY GLY A . n 
A 1 106 TRP 106 106 106 TRP TRP A . n 
A 1 107 LYS 107 107 107 LYS LYS A . n 
A 1 108 LYS 108 108 108 LYS LYS A . n 
A 1 109 TRP 109 109 109 TRP TRP A . n 
A 1 110 ILE 110 110 110 ILE ILE A . n 
A 1 111 GLU 111 111 111 GLU GLU A . n 
A 1 112 GLY 112 112 112 GLY GLY A . n 
A 1 113 ASP 113 113 113 ASP ASP A . n 
A 1 114 LYS 114 114 114 LYS LYS A . n 
A 1 115 LEU 115 115 115 LEU LEU A . n 
A 1 116 TYR 116 116 116 TYR TYR A . n 
A 1 117 GLU 117 117 117 GLU GLU A . n 
A 1 118 GLU 118 118 118 GLU GLU A . n 
A 1 119 LEU 119 119 119 LEU LEU A . n 
A 1 120 THR 120 120 120 THR THR A . n 
A 1 121 CYS 121 121 121 CYS CYS A . n 
A 1 122 GLY 122 122 122 GLY GLY A . n 
A 1 123 ASP 123 123 123 ASP ASP A . n 
A 1 124 GLN 124 124 124 GLN GLN A . n 
A 1 125 VAL 125 125 125 VAL VAL A . n 
A 1 126 CYS 126 126 126 CYS CYS A . n 
A 1 127 ARG 127 127 127 ARG ARG A . n 
A 1 128 GLN 128 128 128 GLN GLN A . n 
A 1 129 VAL 129 129 129 VAL VAL A . n 
A 1 130 PHE 130 130 130 PHE PHE A . n 
A 1 131 LYS 131 131 131 LYS LYS A . n 
A 1 132 LYS 132 132 132 LYS LYS A . n 
A 1 133 LYS 133 133 133 LYS LYS A . n 
# 
_pdbx_entity_instance_feature.ordinal        1 
_pdbx_entity_instance_feature.comp_id        A1CKV 
_pdbx_entity_instance_feature.asym_id        ? 
_pdbx_entity_instance_feature.seq_num        ? 
_pdbx_entity_instance_feature.auth_comp_id   A1CKV 
_pdbx_entity_instance_feature.auth_asym_id   ? 
_pdbx_entity_instance_feature.auth_seq_num   ? 
_pdbx_entity_instance_feature.feature_type   'SUBJECT OF INVESTIGATION' 
_pdbx_entity_instance_feature.details        ? 
# 
loop_
_pdbx_nonpoly_scheme.asym_id 
_pdbx_nonpoly_scheme.entity_id 
_pdbx_nonpoly_scheme.mon_id 
_pdbx_nonpoly_scheme.ndb_seq_num 
_pdbx_nonpoly_scheme.pdb_seq_num 
_pdbx_nonpoly_scheme.auth_seq_num 
_pdbx_nonpoly_scheme.pdb_mon_id 
_pdbx_nonpoly_scheme.auth_mon_id 
_pdbx_nonpoly_scheme.pdb_strand_id 
_pdbx_nonpoly_scheme.pdb_ins_code 
B 2 A1CKV 1  201 201 A1CKV TF3 A . 
C 3 ACT   1  202 301 ACT   ACT A . 
D 4 HOH   1  301 52  HOH   HOH A . 
D 4 HOH   2  302 56  HOH   HOH A . 
D 4 HOH   3  303 86  HOH   HOH A . 
D 4 HOH   4  304 87  HOH   HOH A . 
D 4 HOH   5  305 28  HOH   HOH A . 
D 4 HOH   6  306 96  HOH   HOH A . 
D 4 HOH   7  307 12  HOH   HOH A . 
D 4 HOH   8  308 49  HOH   HOH A . 
D 4 HOH   9  309 53  HOH   HOH A . 
D 4 HOH   10 310 37  HOH   HOH A . 
D 4 HOH   11 311 20  HOH   HOH A . 
D 4 HOH   12 312 13  HOH   HOH A . 
D 4 HOH   13 313 16  HOH   HOH A . 
D 4 HOH   14 314 54  HOH   HOH A . 
D 4 HOH   15 315 77  HOH   HOH A . 
D 4 HOH   16 316 8   HOH   HOH A . 
D 4 HOH   17 317 73  HOH   HOH A . 
D 4 HOH   18 318 80  HOH   HOH A . 
D 4 HOH   19 319 46  HOH   HOH A . 
D 4 HOH   20 320 24  HOH   HOH A . 
D 4 HOH   21 321 41  HOH   HOH A . 
D 4 HOH   22 322 62  HOH   HOH A . 
D 4 HOH   23 323 26  HOH   HOH A . 
D 4 HOH   24 324 23  HOH   HOH A . 
D 4 HOH   25 325 7   HOH   HOH A . 
D 4 HOH   26 326 22  HOH   HOH A . 
D 4 HOH   27 327 21  HOH   HOH A . 
D 4 HOH   28 328 45  HOH   HOH A . 
D 4 HOH   29 329 33  HOH   HOH A . 
D 4 HOH   30 330 79  HOH   HOH A . 
D 4 HOH   31 331 11  HOH   HOH A . 
D 4 HOH   32 332 6   HOH   HOH A . 
D 4 HOH   33 333 2   HOH   HOH A . 
D 4 HOH   34 334 69  HOH   HOH A . 
D 4 HOH   35 335 72  HOH   HOH A . 
D 4 HOH   36 336 17  HOH   HOH A . 
D 4 HOH   37 337 40  HOH   HOH A . 
D 4 HOH   38 338 3   HOH   HOH A . 
D 4 HOH   39 339 9   HOH   HOH A . 
D 4 HOH   40 340 32  HOH   HOH A . 
D 4 HOH   41 341 78  HOH   HOH A . 
D 4 HOH   42 342 66  HOH   HOH A . 
D 4 HOH   43 343 29  HOH   HOH A . 
D 4 HOH   44 344 31  HOH   HOH A . 
D 4 HOH   45 345 47  HOH   HOH A . 
D 4 HOH   46 346 94  HOH   HOH A . 
D 4 HOH   47 347 15  HOH   HOH A . 
D 4 HOH   48 348 71  HOH   HOH A . 
D 4 HOH   49 349 84  HOH   HOH A . 
D 4 HOH   50 350 10  HOH   HOH A . 
D 4 HOH   51 351 70  HOH   HOH A . 
D 4 HOH   52 352 25  HOH   HOH A . 
D 4 HOH   53 353 18  HOH   HOH A . 
D 4 HOH   54 354 14  HOH   HOH A . 
D 4 HOH   55 355 27  HOH   HOH A . 
D 4 HOH   56 356 58  HOH   HOH A . 
D 4 HOH   57 357 85  HOH   HOH A . 
D 4 HOH   58 358 61  HOH   HOH A . 
D 4 HOH   59 359 38  HOH   HOH A . 
D 4 HOH   60 360 36  HOH   HOH A . 
D 4 HOH   61 361 95  HOH   HOH A . 
D 4 HOH   62 362 43  HOH   HOH A . 
D 4 HOH   63 363 65  HOH   HOH A . 
D 4 HOH   64 364 55  HOH   HOH A . 
D 4 HOH   65 365 39  HOH   HOH A . 
D 4 HOH   66 366 93  HOH   HOH A . 
D 4 HOH   67 367 4   HOH   HOH A . 
D 4 HOH   68 368 91  HOH   HOH A . 
D 4 HOH   69 369 51  HOH   HOH A . 
D 4 HOH   70 370 48  HOH   HOH A . 
D 4 HOH   71 371 83  HOH   HOH A . 
D 4 HOH   72 372 5   HOH   HOH A . 
D 4 HOH   73 373 42  HOH   HOH A . 
D 4 HOH   74 374 1   HOH   HOH A . 
D 4 HOH   75 375 30  HOH   HOH A . 
D 4 HOH   76 376 76  HOH   HOH A . 
D 4 HOH   77 377 82  HOH   HOH A . 
D 4 HOH   78 378 68  HOH   HOH A . 
D 4 HOH   79 379 75  HOH   HOH A . 
D 4 HOH   80 380 60  HOH   HOH A . 
D 4 HOH   81 381 97  HOH   HOH A . 
D 4 HOH   82 382 35  HOH   HOH A . 
D 4 HOH   83 383 90  HOH   HOH A . 
D 4 HOH   84 384 50  HOH   HOH A . 
D 4 HOH   85 385 74  HOH   HOH A . 
D 4 HOH   86 386 88  HOH   HOH A . 
D 4 HOH   87 387 81  HOH   HOH A . 
D 4 HOH   88 388 89  HOH   HOH A . 
D 4 HOH   89 389 57  HOH   HOH A . 
D 4 HOH   90 390 64  HOH   HOH A . 
D 4 HOH   91 391 44  HOH   HOH A . 
D 4 HOH   92 392 67  HOH   HOH A . 
D 4 HOH   93 393 63  HOH   HOH A . 
# 
loop_
_pdbx_unobs_or_zero_occ_atoms.id 
_pdbx_unobs_or_zero_occ_atoms.PDB_model_num 
_pdbx_unobs_or_zero_occ_atoms.polymer_flag 
_pdbx_unobs_or_zero_occ_atoms.occupancy_flag 
_pdbx_unobs_or_zero_occ_atoms.auth_asym_id 
_pdbx_unobs_or_zero_occ_atoms.auth_comp_id 
_pdbx_unobs_or_zero_occ_atoms.auth_seq_id 
_pdbx_unobs_or_zero_occ_atoms.PDB_ins_code 
_pdbx_unobs_or_zero_occ_atoms.auth_atom_id 
_pdbx_unobs_or_zero_occ_atoms.label_alt_id 
_pdbx_unobs_or_zero_occ_atoms.label_asym_id 
_pdbx_unobs_or_zero_occ_atoms.label_comp_id 
_pdbx_unobs_or_zero_occ_atoms.label_seq_id 
_pdbx_unobs_or_zero_occ_atoms.label_atom_id 
1 1 Y 1 A LYS 52 ? CG ? A LYS 52 CG 
2 1 Y 1 A LYS 52 ? CD ? A LYS 52 CD 
3 1 Y 1 A LYS 52 ? CE ? A LYS 52 CE 
4 1 Y 1 A LYS 52 ? NZ ? A LYS 52 NZ 
# 
loop_
_software.citation_id 
_software.classification 
_software.compiler_name 
_software.compiler_version 
_software.contact_author 
_software.contact_author_email 
_software.date 
_software.description 
_software.dependencies 
_software.hardware 
_software.language 
_software.location 
_software.mods 
_software.name 
_software.os 
_software.os_version 
_software.type 
_software.version 
_software.pdbx_reference_DOI 
_software.pdbx_ordinal 
? refinement       ? ? ? ? ? ? ? ? ? ? ? PHENIX   ? ? ? 1.21.2_5419 ? 1 
? 'data scaling'   ? ? ? ? ? ? ? ? ? ? ? HKL-2000 ? ? ? .           ? 2 
? phasing          ? ? ? ? ? ? ? ? ? ? ? PHASER   ? ? ? .           ? 3 
? 'model building' ? ? ? ? ? ? ? ? ? ? ? Coot     ? ? ? .           ? 4 
# 
_cell.angle_alpha                  90.000 
_cell.angle_alpha_esd              ? 
_cell.angle_beta                   90.812 
_cell.angle_beta_esd               ? 
_cell.angle_gamma                  90.000 
_cell.angle_gamma_esd              ? 
_cell.entry_id                     9PSW 
_cell.details                      ? 
_cell.formula_units_Z              ? 
_cell.length_a                     29.409 
_cell.length_a_esd                 ? 
_cell.length_b                     66.646 
_cell.length_b_esd                 ? 
_cell.length_c                     64.152 
_cell.length_c_esd                 ? 
_cell.volume                       125724.794 
_cell.volume_esd                   ? 
_cell.Z_PDB                        4 
_cell.reciprocal_angle_alpha       ? 
_cell.reciprocal_angle_beta        ? 
_cell.reciprocal_angle_gamma       ? 
_cell.reciprocal_angle_alpha_esd   ? 
_cell.reciprocal_angle_beta_esd    ? 
_cell.reciprocal_angle_gamma_esd   ? 
_cell.reciprocal_length_a          ? 
_cell.reciprocal_length_b          ? 
_cell.reciprocal_length_c          ? 
_cell.reciprocal_length_a_esd      ? 
_cell.reciprocal_length_b_esd      ? 
_cell.reciprocal_length_c_esd      ? 
_cell.pdbx_unique_axis             ? 
_cell.pdbx_esd_method              ? 
# 
_symmetry.entry_id                         9PSW 
_symmetry.cell_setting                     ? 
_symmetry.Int_Tables_number                5 
_symmetry.space_group_name_Hall            'C 2y' 
_symmetry.space_group_name_H-M             'C 1 2 1' 
_symmetry.pdbx_full_space_group_name_H-M   ? 
# 
_exptl.absorpt_coefficient_mu     ? 
_exptl.absorpt_correction_T_max   ? 
_exptl.absorpt_correction_T_min   ? 
_exptl.absorpt_correction_type    ? 
_exptl.absorpt_process_details    ? 
_exptl.entry_id                   9PSW 
_exptl.crystals_number            1 
_exptl.details                    ? 
_exptl.method                     'X-RAY DIFFRACTION' 
_exptl.method_details             ? 
# 
_exptl_crystal.colour                       ? 
_exptl_crystal.density_diffrn               ? 
_exptl_crystal.density_Matthews             2.01 
_exptl_crystal.density_method               ? 
_exptl_crystal.density_percent_sol          38.82 
_exptl_crystal.description                  ? 
_exptl_crystal.F_000                        ? 
_exptl_crystal.id                           1 
_exptl_crystal.preparation                  ? 
_exptl_crystal.size_max                     ? 
_exptl_crystal.size_mid                     ? 
_exptl_crystal.size_min                     ? 
_exptl_crystal.size_rad                     ? 
_exptl_crystal.colour_lustre                ? 
_exptl_crystal.colour_modifier              ? 
_exptl_crystal.colour_primary               ? 
_exptl_crystal.density_meas                 ? 
_exptl_crystal.density_meas_esd             ? 
_exptl_crystal.density_meas_gt              ? 
_exptl_crystal.density_meas_lt              ? 
_exptl_crystal.density_meas_temp            ? 
_exptl_crystal.density_meas_temp_esd        ? 
_exptl_crystal.density_meas_temp_gt         ? 
_exptl_crystal.density_meas_temp_lt         ? 
_exptl_crystal.pdbx_crystal_image_url       ? 
_exptl_crystal.pdbx_crystal_image_format    ? 
_exptl_crystal.pdbx_mosaicity               ? 
_exptl_crystal.pdbx_mosaicity_esd           ? 
_exptl_crystal.pdbx_mosaic_method           ? 
_exptl_crystal.pdbx_mosaic_block_size       ? 
_exptl_crystal.pdbx_mosaic_block_size_esd   ? 
# 
_exptl_crystal_grow.apparatus       ? 
_exptl_crystal_grow.atmosphere      ? 
_exptl_crystal_grow.crystal_id      1 
_exptl_crystal_grow.details         ? 
_exptl_crystal_grow.method          'VAPOR DIFFUSION, HANGING DROP' 
_exptl_crystal_grow.method_ref      ? 
_exptl_crystal_grow.pH              ? 
_exptl_crystal_grow.pressure        ? 
_exptl_crystal_grow.pressure_esd    ? 
_exptl_crystal_grow.seeding         ? 
_exptl_crystal_grow.seeding_ref     ? 
_exptl_crystal_grow.temp_details    ? 
_exptl_crystal_grow.temp_esd        ? 
_exptl_crystal_grow.time            ? 
_exptl_crystal_grow.pdbx_details    'PEG4000, ammonium acetate, 100 mM sodium acetate, pH 4.0 - 4.8' 
_exptl_crystal_grow.pdbx_pH_range   '4.0 - 4.8' 
_exptl_crystal_grow.temp            298 
# 
_diffrn.ambient_environment              ? 
_diffrn.ambient_temp                     100 
_diffrn.ambient_temp_details             ? 
_diffrn.ambient_temp_esd                 ? 
_diffrn.crystal_id                       1 
_diffrn.crystal_support                  ? 
_diffrn.crystal_treatment                ? 
_diffrn.details                          ? 
_diffrn.id                               1 
_diffrn.ambient_pressure                 ? 
_diffrn.ambient_pressure_esd             ? 
_diffrn.ambient_pressure_gt              ? 
_diffrn.ambient_pressure_lt              ? 
_diffrn.ambient_temp_gt                  ? 
_diffrn.ambient_temp_lt                  ? 
_diffrn.pdbx_serial_crystal_experiment   N 
# 
_diffrn_detector.details                      ? 
_diffrn_detector.detector                     PIXEL 
_diffrn_detector.diffrn_id                    1 
_diffrn_detector.type                         'DECTRIS EIGER X 9M' 
_diffrn_detector.area_resol_mean              ? 
_diffrn_detector.dtime                        ? 
_diffrn_detector.pdbx_frames_total            ? 
_diffrn_detector.pdbx_collection_time_total   ? 
_diffrn_detector.pdbx_collection_date         2017-12-19 
_diffrn_detector.pdbx_frequency               ? 
_diffrn_detector.id                           ? 
_diffrn_detector.number_of_axes               ? 
# 
_diffrn_radiation.collimation                      ? 
_diffrn_radiation.diffrn_id                        1 
_diffrn_radiation.filter_edge                      ? 
_diffrn_radiation.inhomogeneity                    ? 
_diffrn_radiation.monochromator                    ? 
_diffrn_radiation.polarisn_norm                    ? 
_diffrn_radiation.polarisn_ratio                   ? 
_diffrn_radiation.probe                            ? 
_diffrn_radiation.type                             ? 
_diffrn_radiation.xray_symbol                      ? 
_diffrn_radiation.wavelength_id                    1 
_diffrn_radiation.pdbx_monochromatic_or_laue_m_l   M 
_diffrn_radiation.pdbx_wavelength_list             ? 
_diffrn_radiation.pdbx_wavelength                  ? 
_diffrn_radiation.pdbx_diffrn_protocol             'SINGLE WAVELENGTH' 
_diffrn_radiation.pdbx_analyzer                    ? 
_diffrn_radiation.pdbx_scattering_type             x-ray 
# 
_diffrn_radiation_wavelength.id           1 
_diffrn_radiation_wavelength.wavelength   1.127 
_diffrn_radiation_wavelength.wt           1.0 
# 
_diffrn_source.current                     ? 
_diffrn_source.details                     ? 
_diffrn_source.diffrn_id                   1 
_diffrn_source.power                       ? 
_diffrn_source.size                        ? 
_diffrn_source.source                      SYNCHROTRON 
_diffrn_source.target                      ? 
_diffrn_source.type                        'APS BEAMLINE 21-ID-D' 
_diffrn_source.voltage                     ? 
_diffrn_source.take-off_angle              ? 
_diffrn_source.pdbx_wavelength_list        1.127 
_diffrn_source.pdbx_wavelength             ? 
_diffrn_source.pdbx_synchrotron_beamline   21-ID-D 
_diffrn_source.pdbx_synchrotron_site       APS 
# 
_reflns.B_iso_Wilson_estimate                          ? 
_reflns.entry_id                                       9PSW 
_reflns.data_reduction_details                         ? 
_reflns.data_reduction_method                          ? 
_reflns.d_resolution_high                              1.607 
_reflns.d_resolution_low                               33.32 
_reflns.details                                        ? 
_reflns.limit_h_max                                    ? 
_reflns.limit_h_min                                    ? 
_reflns.limit_k_max                                    ? 
_reflns.limit_k_min                                    ? 
_reflns.limit_l_max                                    ? 
_reflns.limit_l_min                                    ? 
_reflns.number_all                                     ? 
_reflns.number_obs                                     15679 
_reflns.observed_criterion                             ? 
_reflns.observed_criterion_F_max                       ? 
_reflns.observed_criterion_F_min                       ? 
_reflns.observed_criterion_I_max                       ? 
_reflns.observed_criterion_I_min                       ? 
_reflns.observed_criterion_sigma_F                     ? 
_reflns.observed_criterion_sigma_I                     ? 
_reflns.percent_possible_obs                           96.92 
_reflns.R_free_details                                 ? 
_reflns.Rmerge_F_all                                   ? 
_reflns.Rmerge_F_obs                                   ? 
_reflns.Friedel_coverage                               ? 
_reflns.number_gt                                      ? 
_reflns.threshold_expression                           ? 
_reflns.pdbx_redundancy                                4.5 
_reflns.pdbx_netI_over_av_sigmaI                       ? 
_reflns.pdbx_netI_over_sigmaI                          28.97 
_reflns.pdbx_res_netI_over_av_sigmaI_2                 ? 
_reflns.pdbx_res_netI_over_sigmaI_2                    ? 
_reflns.pdbx_chi_squared                               ? 
_reflns.pdbx_scaling_rejects                           ? 
_reflns.pdbx_d_res_high_opt                            ? 
_reflns.pdbx_d_res_low_opt                             ? 
_reflns.pdbx_d_res_opt_method                          ? 
_reflns.phase_calculation_details                      ? 
_reflns.pdbx_Rrim_I_all                                ? 
_reflns.pdbx_Rpim_I_all                                ? 
_reflns.pdbx_d_opt                                     ? 
_reflns.pdbx_number_measured_all                       ? 
_reflns.pdbx_diffrn_id                                 1 
_reflns.pdbx_ordinal                                   1 
_reflns.pdbx_CC_half                                   ? 
_reflns.pdbx_CC_star                                   ? 
_reflns.pdbx_R_split                                   ? 
_reflns.pdbx_Rmerge_I_obs                              0.047 
_reflns.pdbx_Rmerge_I_all                              ? 
_reflns.pdbx_Rsym_value                                ? 
_reflns.pdbx_CC_split_method                           ? 
_reflns.pdbx_aniso_diffraction_limit_axis_1_ortho[1]   ? 
_reflns.pdbx_aniso_diffraction_limit_axis_1_ortho[2]   ? 
_reflns.pdbx_aniso_diffraction_limit_axis_1_ortho[3]   ? 
_reflns.pdbx_aniso_diffraction_limit_axis_2_ortho[1]   ? 
_reflns.pdbx_aniso_diffraction_limit_axis_2_ortho[2]   ? 
_reflns.pdbx_aniso_diffraction_limit_axis_2_ortho[3]   ? 
_reflns.pdbx_aniso_diffraction_limit_axis_3_ortho[1]   ? 
_reflns.pdbx_aniso_diffraction_limit_axis_3_ortho[2]   ? 
_reflns.pdbx_aniso_diffraction_limit_axis_3_ortho[3]   ? 
_reflns.pdbx_aniso_diffraction_limit_1                 ? 
_reflns.pdbx_aniso_diffraction_limit_2                 ? 
_reflns.pdbx_aniso_diffraction_limit_3                 ? 
_reflns.pdbx_aniso_B_tensor_eigenvector_1_ortho[1]     ? 
_reflns.pdbx_aniso_B_tensor_eigenvector_1_ortho[2]     ? 
_reflns.pdbx_aniso_B_tensor_eigenvector_1_ortho[3]     ? 
_reflns.pdbx_aniso_B_tensor_eigenvector_2_ortho[1]     ? 
_reflns.pdbx_aniso_B_tensor_eigenvector_2_ortho[2]     ? 
_reflns.pdbx_aniso_B_tensor_eigenvector_2_ortho[3]     ? 
_reflns.pdbx_aniso_B_tensor_eigenvector_3_ortho[1]     ? 
_reflns.pdbx_aniso_B_tensor_eigenvector_3_ortho[2]     ? 
_reflns.pdbx_aniso_B_tensor_eigenvector_3_ortho[3]     ? 
_reflns.pdbx_aniso_B_tensor_eigenvalue_1               ? 
_reflns.pdbx_aniso_B_tensor_eigenvalue_2               ? 
_reflns.pdbx_aniso_B_tensor_eigenvalue_3               ? 
_reflns.pdbx_orthogonalization_convention              ? 
_reflns.pdbx_percent_possible_ellipsoidal              ? 
_reflns.pdbx_percent_possible_spherical                ? 
_reflns.pdbx_percent_possible_ellipsoidal_anomalous    ? 
_reflns.pdbx_percent_possible_spherical_anomalous      ? 
_reflns.pdbx_redundancy_anomalous                      ? 
_reflns.pdbx_CC_half_anomalous                         ? 
_reflns.pdbx_absDiff_over_sigma_anomalous              ? 
_reflns.pdbx_percent_possible_anomalous                ? 
_reflns.pdbx_observed_signal_threshold                 ? 
_reflns.pdbx_signal_type                               ? 
_reflns.pdbx_signal_details                            ? 
_reflns.pdbx_signal_software_id                        ? 
# 
_reflns_shell.d_res_high                                    1.61 
_reflns_shell.d_res_low                                     1.67 
_reflns_shell.meanI_over_sigI_all                           ? 
_reflns_shell.meanI_over_sigI_obs                           ? 
_reflns_shell.number_measured_all                           ? 
_reflns_shell.number_measured_obs                           ? 
_reflns_shell.number_possible                               ? 
_reflns_shell.number_unique_all                             ? 
_reflns_shell.number_unique_obs                             1524 
_reflns_shell.percent_possible_obs                          ? 
_reflns_shell.Rmerge_F_all                                  ? 
_reflns_shell.Rmerge_F_obs                                  ? 
_reflns_shell.meanI_over_sigI_gt                            ? 
_reflns_shell.meanI_over_uI_all                             ? 
_reflns_shell.meanI_over_uI_gt                              ? 
_reflns_shell.number_measured_gt                            ? 
_reflns_shell.number_unique_gt                              ? 
_reflns_shell.percent_possible_gt                           ? 
_reflns_shell.Rmerge_F_gt                                   ? 
_reflns_shell.Rmerge_I_gt                                   ? 
_reflns_shell.pdbx_redundancy                               ? 
_reflns_shell.pdbx_chi_squared                              ? 
_reflns_shell.pdbx_netI_over_sigmaI_all                     ? 
_reflns_shell.pdbx_netI_over_sigmaI_obs                     ? 
_reflns_shell.pdbx_Rrim_I_all                               ? 
_reflns_shell.pdbx_Rpim_I_all                               ? 
_reflns_shell.pdbx_rejects                                  ? 
_reflns_shell.pdbx_ordinal                                  1 
_reflns_shell.pdbx_diffrn_id                                1 
_reflns_shell.pdbx_CC_half                                  ? 
_reflns_shell.pdbx_CC_star                                  ? 
_reflns_shell.pdbx_R_split                                  ? 
_reflns_shell.percent_possible_all                          ? 
_reflns_shell.Rmerge_I_all                                  ? 
_reflns_shell.Rmerge_I_obs                                  0.250 
_reflns_shell.pdbx_Rsym_value                               ? 
_reflns_shell.pdbx_percent_possible_ellipsoidal             ? 
_reflns_shell.pdbx_percent_possible_spherical               ? 
_reflns_shell.pdbx_percent_possible_ellipsoidal_anomalous   ? 
_reflns_shell.pdbx_percent_possible_spherical_anomalous     ? 
_reflns_shell.pdbx_redundancy_anomalous                     ? 
_reflns_shell.pdbx_CC_half_anomalous                        ? 
_reflns_shell.pdbx_absDiff_over_sigma_anomalous             ? 
_reflns_shell.pdbx_percent_possible_anomalous               ? 
# 
_refine.aniso_B[1][1]                            ? 
_refine.aniso_B[1][2]                            ? 
_refine.aniso_B[1][3]                            ? 
_refine.aniso_B[2][2]                            ? 
_refine.aniso_B[2][3]                            ? 
_refine.aniso_B[3][3]                            ? 
_refine.B_iso_max                                ? 
_refine.B_iso_mean                               25.10 
_refine.B_iso_min                                ? 
_refine.correlation_coeff_Fo_to_Fc               ? 
_refine.correlation_coeff_Fo_to_Fc_free          ? 
_refine.details                                  ? 
_refine.diff_density_max                         ? 
_refine.diff_density_max_esd                     ? 
_refine.diff_density_min                         ? 
_refine.diff_density_min_esd                     ? 
_refine.diff_density_rms                         ? 
_refine.diff_density_rms_esd                     ? 
_refine.entry_id                                 9PSW 
_refine.pdbx_refine_id                           'X-RAY DIFFRACTION' 
_refine.ls_abs_structure_details                 ? 
_refine.ls_abs_structure_Flack                   ? 
_refine.ls_abs_structure_Flack_esd               ? 
_refine.ls_abs_structure_Rogers                  ? 
_refine.ls_abs_structure_Rogers_esd              ? 
_refine.ls_d_res_high                            1.61 
_refine.ls_d_res_low                             33.32 
_refine.ls_extinction_coef                       ? 
_refine.ls_extinction_coef_esd                   ? 
_refine.ls_extinction_expression                 ? 
_refine.ls_extinction_method                     ? 
_refine.ls_goodness_of_fit_all                   ? 
_refine.ls_goodness_of_fit_all_esd               ? 
_refine.ls_goodness_of_fit_obs                   ? 
_refine.ls_goodness_of_fit_obs_esd               ? 
_refine.ls_hydrogen_treatment                    ? 
_refine.ls_matrix_type                           ? 
_refine.ls_number_constraints                    ? 
_refine.ls_number_parameters                     ? 
_refine.ls_number_reflns_all                     ? 
_refine.ls_number_reflns_obs                     15648 
_refine.ls_number_reflns_R_free                  1563 
_refine.ls_number_reflns_R_work                  14085 
_refine.ls_number_restraints                     ? 
_refine.ls_percent_reflns_obs                    96.80 
_refine.ls_percent_reflns_R_free                 9.99 
_refine.ls_R_factor_all                          ? 
_refine.ls_R_factor_obs                          0.1729 
_refine.ls_R_factor_R_free                       0.1981 
_refine.ls_R_factor_R_free_error                 ? 
_refine.ls_R_factor_R_free_error_details         ? 
_refine.ls_R_factor_R_work                       0.1700 
_refine.ls_R_Fsqd_factor_obs                     ? 
_refine.ls_R_I_factor_obs                        ? 
_refine.ls_redundancy_reflns_all                 ? 
_refine.ls_redundancy_reflns_obs                 ? 
_refine.ls_restrained_S_all                      ? 
_refine.ls_restrained_S_obs                      ? 
_refine.ls_shift_over_esd_max                    ? 
_refine.ls_shift_over_esd_mean                   ? 
_refine.ls_structure_factor_coef                 ? 
_refine.ls_weighting_details                     ? 
_refine.ls_weighting_scheme                      ? 
_refine.ls_wR_factor_all                         ? 
_refine.ls_wR_factor_obs                         ? 
_refine.ls_wR_factor_R_free                      ? 
_refine.ls_wR_factor_R_work                      ? 
_refine.occupancy_max                            ? 
_refine.occupancy_min                            ? 
_refine.solvent_model_details                    'FLAT BULK SOLVENT MODEL' 
_refine.solvent_model_param_bsol                 ? 
_refine.solvent_model_param_ksol                 ? 
_refine.correlation_coeff_I_to_Fcsqd_work        ? 
_refine.correlation_coeff_I_to_Fcsqd_free        ? 
_refine.pdbx_R_complete                          ? 
_refine.ls_R_factor_gt                           ? 
_refine.ls_goodness_of_fit_gt                    ? 
_refine.ls_goodness_of_fit_ref                   ? 
_refine.ls_shift_over_su_max                     ? 
_refine.ls_shift_over_su_max_lt                  ? 
_refine.ls_shift_over_su_mean                    ? 
_refine.ls_shift_over_su_mean_lt                 ? 
_refine.pdbx_ls_sigma_I                          ? 
_refine.pdbx_ls_sigma_F                          1.38 
_refine.pdbx_ls_sigma_Fsqd                       ? 
_refine.pdbx_data_cutoff_high_absF               ? 
_refine.pdbx_data_cutoff_high_rms_absF           ? 
_refine.pdbx_data_cutoff_low_absF                ? 
_refine.pdbx_isotropic_thermal_model             ? 
_refine.pdbx_ls_cross_valid_method               'FREE R-VALUE' 
_refine.pdbx_method_to_determine_struct          'MOLECULAR REPLACEMENT' 
_refine.pdbx_starting_model                      ? 
_refine.pdbx_stereochemistry_target_values       'GeoStd + Monomer Library + CDL v1.2' 
_refine.pdbx_R_Free_selection_details            ? 
_refine.pdbx_stereochem_target_val_spec_case     ? 
_refine.pdbx_overall_ESU_R                       ? 
_refine.pdbx_overall_ESU_R_Free                  ? 
_refine.pdbx_solvent_vdw_probe_radii             1.1100 
_refine.pdbx_solvent_ion_probe_radii             ? 
_refine.pdbx_solvent_shrinkage_radii             0.9000 
_refine.pdbx_real_space_R                        ? 
_refine.pdbx_density_correlation                 ? 
_refine.pdbx_pd_number_of_powder_patterns        ? 
_refine.pdbx_pd_number_of_points                 ? 
_refine.pdbx_pd_meas_number_of_points            ? 
_refine.pdbx_pd_proc_ls_prof_R_factor            ? 
_refine.pdbx_pd_proc_ls_prof_wR_factor           ? 
_refine.pdbx_pd_Marquardt_correlation_coeff      ? 
_refine.pdbx_pd_Fsqrd_R_factor                   ? 
_refine.pdbx_pd_ls_matrix_band_width             ? 
_refine.pdbx_overall_phase_error                 20.9715 
_refine.pdbx_overall_SU_R_free_Cruickshank_DPI   ? 
_refine.pdbx_overall_SU_R_free_Blow_DPI          ? 
_refine.pdbx_overall_SU_R_Blow_DPI               ? 
_refine.pdbx_TLS_residual_ADP_flag               ? 
_refine.pdbx_diffrn_id                           1 
_refine.overall_SU_B                             ? 
_refine.overall_SU_ML                            0.1670 
_refine.overall_SU_R_Cruickshank_DPI             ? 
_refine.overall_SU_R_free                        ? 
_refine.overall_FOM_free_R_set                   ? 
_refine.overall_FOM_work_R_set                   ? 
_refine.pdbx_average_fsc_overall                 ? 
_refine.pdbx_average_fsc_work                    ? 
_refine.pdbx_average_fsc_free                    ? 
# 
_refine_hist.pdbx_refine_id                   'X-RAY DIFFRACTION' 
_refine_hist.cycle_id                         LAST 
_refine_hist.details                          ? 
_refine_hist.d_res_high                       1.61 
_refine_hist.d_res_low                        33.32 
_refine_hist.number_atoms_solvent             93 
_refine_hist.number_atoms_total               1211 
_refine_hist.number_reflns_all                ? 
_refine_hist.number_reflns_obs                ? 
_refine_hist.number_reflns_R_free             ? 
_refine_hist.number_reflns_R_work             ? 
_refine_hist.R_factor_all                     ? 
_refine_hist.R_factor_obs                     ? 
_refine_hist.R_factor_R_free                  ? 
_refine_hist.R_factor_R_work                  ? 
_refine_hist.pdbx_number_residues_total       ? 
_refine_hist.pdbx_B_iso_mean_ligand           ? 
_refine_hist.pdbx_B_iso_mean_solvent          ? 
_refine_hist.pdbx_number_atoms_protein        1095 
_refine_hist.pdbx_number_atoms_nucleic_acid   0 
_refine_hist.pdbx_number_atoms_ligand         23 
_refine_hist.pdbx_number_atoms_lipid          ? 
_refine_hist.pdbx_number_atoms_carb           ? 
_refine_hist.pdbx_pseudo_atom_details         ? 
# 
loop_
_refine_ls_restr.pdbx_refine_id 
_refine_ls_restr.criterion 
_refine_ls_restr.dev_ideal 
_refine_ls_restr.dev_ideal_target 
_refine_ls_restr.number 
_refine_ls_restr.rejects 
_refine_ls_restr.type 
_refine_ls_restr.weight 
_refine_ls_restr.pdbx_Zscore 
_refine_ls_restr.pdbx_restraint_function 
'X-RAY DIFFRACTION' ? 0.0097  ? 1146 ? f_bond_d           ? ? ? 
'X-RAY DIFFRACTION' ? 0.9837  ? 1548 ? f_angle_d          ? ? ? 
'X-RAY DIFFRACTION' ? 0.0606  ? 162  ? f_chiral_restr     ? ? ? 
'X-RAY DIFFRACTION' ? 0.0042  ? 198  ? f_plane_restr      ? ? ? 
'X-RAY DIFFRACTION' ? 28.4321 ? 415  ? f_dihedral_angle_d ? ? ? 
# 
loop_
_refine_ls_shell.pdbx_refine_id 
_refine_ls_shell.d_res_high 
_refine_ls_shell.d_res_low 
_refine_ls_shell.number_reflns_all 
_refine_ls_shell.number_reflns_obs 
_refine_ls_shell.number_reflns_R_free 
_refine_ls_shell.number_reflns_R_work 
_refine_ls_shell.percent_reflns_obs 
_refine_ls_shell.percent_reflns_R_free 
_refine_ls_shell.R_factor_all 
_refine_ls_shell.R_factor_obs 
_refine_ls_shell.R_factor_R_free_error 
_refine_ls_shell.R_factor_R_work 
_refine_ls_shell.redundancy_reflns_all 
_refine_ls_shell.redundancy_reflns_obs 
_refine_ls_shell.wR_factor_all 
_refine_ls_shell.wR_factor_obs 
_refine_ls_shell.wR_factor_R_free 
_refine_ls_shell.wR_factor_R_work 
_refine_ls_shell.pdbx_R_complete 
_refine_ls_shell.correlation_coeff_Fo_to_Fc 
_refine_ls_shell.correlation_coeff_Fo_to_Fc_free 
_refine_ls_shell.correlation_coeff_I_to_Fcsqd_work 
_refine_ls_shell.correlation_coeff_I_to_Fcsqd_free 
_refine_ls_shell.pdbx_total_number_of_bins_used 
_refine_ls_shell.pdbx_phase_error 
_refine_ls_shell.pdbx_fsc_work 
_refine_ls_shell.pdbx_fsc_free 
_refine_ls_shell.R_factor_R_free 
'X-RAY DIFFRACTION' 1.61 1.66  . . 134 1234 92.87 . . . . 0.2337 . . . . . . . . . . . . . . . 0.2559 
'X-RAY DIFFRACTION' 1.66 1.72  . . 144 1256 94.79 . . . . 0.2078 . . . . . . . . . . . . . . . 0.2764 
'X-RAY DIFFRACTION' 1.72 1.79  . . 139 1204 93.59 . . . . 0.1973 . . . . . . . . . . . . . . . 0.2194 
'X-RAY DIFFRACTION' 1.79 1.87  . . 143 1300 98.63 . . . . 0.1993 . . . . . . . . . . . . . . . 0.2551 
'X-RAY DIFFRACTION' 1.87 1.97  . . 139 1310 98.77 . . . . 0.1691 . . . . . . . . . . . . . . . 0.2294 
'X-RAY DIFFRACTION' 1.97 2.09  . . 151 1294 98.70 . . . . 0.1684 . . . . . . . . . . . . . . . 0.2030 
'X-RAY DIFFRACTION' 2.09 2.25  . . 139 1309 98.30 . . . . 0.1708 . . . . . . . . . . . . . . . 0.1995 
'X-RAY DIFFRACTION' 2.25 2.48  . . 144 1294 98.02 . . . . 0.1760 . . . . . . . . . . . . . . . 0.2576 
'X-RAY DIFFRACTION' 2.48 2.84  . . 145 1288 98.02 . . . . 0.1840 . . . . . . . . . . . . . . . 0.2110 
'X-RAY DIFFRACTION' 2.84 3.57  . . 133 1245 93.30 . . . . 0.1615 . . . . . . . . . . . . . . . 0.1785 
'X-RAY DIFFRACTION' 3.57 33.32 . . 152 1351 99.80 . . . . 0.1519 . . . . . . . . . . . . . . . 0.1593 
# 
_struct.entry_id                     9PSW 
_struct.title                        'Q108K:K40L:T51V:T53S:R58W:Y19W:L117E mutant of hCRBPII bound to fluorophore TD-1V-2' 
_struct.pdbx_model_details           ? 
_struct.pdbx_formula_weight          ? 
_struct.pdbx_formula_weight_method   ? 
_struct.pdbx_model_type_details      ? 
_struct.pdbx_CASP_flag               N 
# 
_struct_keywords.entry_id        9PSW 
_struct_keywords.text            
'human cellular retinol binding protein II, hCRBPII, fluorescent protein, engineered protein, RETINOL BINDING PROTEIN' 
_struct_keywords.pdbx_keywords   'RETINOL BINDING PROTEIN' 
# 
loop_
_struct_asym.id 
_struct_asym.pdbx_blank_PDB_chainid_flag 
_struct_asym.pdbx_modified 
_struct_asym.entity_id 
_struct_asym.details 
A N N 1 ? 
B N N 2 ? 
C N N 3 ? 
D N N 4 ? 
# 
_struct_ref.id                         1 
_struct_ref.db_name                    UNP 
_struct_ref.db_code                    RET2_HUMAN 
_struct_ref.pdbx_db_accession          P50120 
_struct_ref.pdbx_db_isoform            ? 
_struct_ref.entity_id                  1 
_struct_ref.pdbx_seq_one_letter_code   
;TRDQNGTWEMESNENFEGYMKALDIDFATRKIAVRLTQTKVIDQDGDNFKTKTTSTFRNYDVDFTVGVEFDEYTKSLDNR
HVKALVTWEGDVLVCVQKGEKENRGWKQWIEGDKLYLELTCGDQVCRQVFKKK
;
_struct_ref.pdbx_align_begin           0 
# 
_struct_ref_seq.align_id                      1 
_struct_ref_seq.ref_id                        1 
_struct_ref_seq.pdbx_PDB_id_code              9PSW 
_struct_ref_seq.pdbx_strand_id                A 
_struct_ref_seq.seq_align_beg                 1 
_struct_ref_seq.pdbx_seq_align_beg_ins_code   ? 
_struct_ref_seq.seq_align_end                 133 
_struct_ref_seq.pdbx_seq_align_end_ins_code   ? 
_struct_ref_seq.pdbx_db_accession             P50120 
_struct_ref_seq.db_align_beg                  2 
_struct_ref_seq.pdbx_db_align_beg_ins_code    ? 
_struct_ref_seq.db_align_end                  134 
_struct_ref_seq.pdbx_db_align_end_ins_code    ? 
_struct_ref_seq.pdbx_auth_seq_align_beg       1 
_struct_ref_seq.pdbx_auth_seq_align_end       133 
# 
loop_
_struct_ref_seq_dif.align_id 
_struct_ref_seq_dif.pdbx_pdb_id_code 
_struct_ref_seq_dif.mon_id 
_struct_ref_seq_dif.pdbx_pdb_strand_id 
_struct_ref_seq_dif.seq_num 
_struct_ref_seq_dif.pdbx_pdb_ins_code 
_struct_ref_seq_dif.pdbx_seq_db_name 
_struct_ref_seq_dif.pdbx_seq_db_accession_code 
_struct_ref_seq_dif.db_mon_id 
_struct_ref_seq_dif.pdbx_seq_db_seq_num 
_struct_ref_seq_dif.details 
_struct_ref_seq_dif.pdbx_auth_seq_num 
_struct_ref_seq_dif.pdbx_ordinal 
1 9PSW TRP A 19  ? UNP P50120 TYR 20  'engineered mutation' 19  1 
1 9PSW LEU A 40  ? UNP P50120 LYS 41  'engineered mutation' 40  2 
1 9PSW VAL A 51  ? UNP P50120 THR 52  'engineered mutation' 51  3 
1 9PSW SER A 53  ? UNP P50120 THR 54  'engineered mutation' 53  4 
1 9PSW TRP A 58  ? UNP P50120 ARG 59  'engineered mutation' 58  5 
1 9PSW LYS A 108 ? UNP P50120 GLN 109 'engineered mutation' 108 6 
1 9PSW GLU A 117 ? UNP P50120 LEU 118 'engineered mutation' 117 7 
# 
_pdbx_struct_assembly.id                   1 
_pdbx_struct_assembly.details              author_defined_assembly 
_pdbx_struct_assembly.method_details       ? 
_pdbx_struct_assembly.oligomeric_details   monomeric 
_pdbx_struct_assembly.oligomeric_count     1 
# 
_pdbx_struct_assembly_gen.assembly_id       1 
_pdbx_struct_assembly_gen.oper_expression   1 
_pdbx_struct_assembly_gen.asym_id_list      A,B,C,D 
# 
_pdbx_struct_assembly_auth_evidence.id                     1 
_pdbx_struct_assembly_auth_evidence.assembly_id            1 
_pdbx_struct_assembly_auth_evidence.experimental_support   'gel filtration' 
_pdbx_struct_assembly_auth_evidence.details                ? 
# 
_pdbx_struct_oper_list.id                   1 
_pdbx_struct_oper_list.type                 'identity operation' 
_pdbx_struct_oper_list.name                 1_555 
_pdbx_struct_oper_list.symmetry_operation   x,y,z 
_pdbx_struct_oper_list.matrix[1][1]         1.0000000000 
_pdbx_struct_oper_list.matrix[1][2]         0.0000000000 
_pdbx_struct_oper_list.matrix[1][3]         0.0000000000 
_pdbx_struct_oper_list.vector[1]            0.0000000000 
_pdbx_struct_oper_list.matrix[2][1]         0.0000000000 
_pdbx_struct_oper_list.matrix[2][2]         1.0000000000 
_pdbx_struct_oper_list.matrix[2][3]         0.0000000000 
_pdbx_struct_oper_list.vector[2]            0.0000000000 
_pdbx_struct_oper_list.matrix[3][1]         0.0000000000 
_pdbx_struct_oper_list.matrix[3][2]         0.0000000000 
_pdbx_struct_oper_list.matrix[3][3]         1.0000000000 
_pdbx_struct_oper_list.vector[3]            0.0000000000 
# 
loop_
_struct_conf.conf_type_id 
_struct_conf.id 
_struct_conf.pdbx_PDB_helix_id 
_struct_conf.beg_label_comp_id 
_struct_conf.beg_label_asym_id 
_struct_conf.beg_label_seq_id 
_struct_conf.pdbx_beg_PDB_ins_code 
_struct_conf.end_label_comp_id 
_struct_conf.end_label_asym_id 
_struct_conf.end_label_seq_id 
_struct_conf.pdbx_end_PDB_ins_code 
_struct_conf.beg_auth_comp_id 
_struct_conf.beg_auth_asym_id 
_struct_conf.beg_auth_seq_id 
_struct_conf.end_auth_comp_id 
_struct_conf.end_auth_asym_id 
_struct_conf.end_auth_seq_id 
_struct_conf.pdbx_PDB_helix_class 
_struct_conf.details 
_struct_conf.pdbx_PDB_helix_length 
HELX_P HELX_P1 AA1 ASN A 15 ? LEU A 23 ? ASN A 15 LEU A 23 1 ? 9 
HELX_P HELX_P2 AA2 ASP A 26 ? VAL A 34 ? ASP A 26 VAL A 34 1 ? 9 
# 
_struct_conf_type.id          HELX_P 
_struct_conf_type.criteria    ? 
_struct_conf_type.reference   ? 
# 
_struct_conn.id                            covale1 
_struct_conn.conn_type_id                  covale 
_struct_conn.pdbx_leaving_atom_flag        one 
_struct_conn.pdbx_PDB_id                   ? 
_struct_conn.ptnr1_label_asym_id           A 
_struct_conn.ptnr1_label_comp_id           LYS 
_struct_conn.ptnr1_label_seq_id            108 
_struct_conn.ptnr1_label_atom_id           NZ 
_struct_conn.pdbx_ptnr1_label_alt_id       ? 
_struct_conn.pdbx_ptnr1_PDB_ins_code       ? 
_struct_conn.pdbx_ptnr1_standard_comp_id   ? 
_struct_conn.ptnr1_symmetry                1_555 
_struct_conn.ptnr2_label_asym_id           B 
_struct_conn.ptnr2_label_comp_id           A1CKV 
_struct_conn.ptnr2_label_seq_id            . 
_struct_conn.ptnr2_label_atom_id           C14 
_struct_conn.pdbx_ptnr2_label_alt_id       ? 
_struct_conn.pdbx_ptnr2_PDB_ins_code       ? 
_struct_conn.ptnr1_auth_asym_id            A 
_struct_conn.ptnr1_auth_comp_id            LYS 
_struct_conn.ptnr1_auth_seq_id             108 
_struct_conn.ptnr2_auth_asym_id            A 
_struct_conn.ptnr2_auth_comp_id            A1CKV 
_struct_conn.ptnr2_auth_seq_id             201 
_struct_conn.ptnr2_symmetry                1_555 
_struct_conn.pdbx_ptnr3_label_atom_id      ? 
_struct_conn.pdbx_ptnr3_label_seq_id       ? 
_struct_conn.pdbx_ptnr3_label_comp_id      ? 
_struct_conn.pdbx_ptnr3_label_asym_id      ? 
_struct_conn.pdbx_ptnr3_label_alt_id       ? 
_struct_conn.pdbx_ptnr3_PDB_ins_code       ? 
_struct_conn.details                       ? 
_struct_conn.pdbx_dist_value               1.438 
_struct_conn.pdbx_value_order              ? 
_struct_conn.pdbx_role                     ? 
# 
_struct_conn_type.id          covale 
_struct_conn_type.criteria    ? 
_struct_conn_type.reference   ? 
# 
_pdbx_modification_feature.ordinal                            1 
_pdbx_modification_feature.label_comp_id                      A1CKV 
_pdbx_modification_feature.label_asym_id                      B 
_pdbx_modification_feature.label_seq_id                       . 
_pdbx_modification_feature.label_alt_id                       ? 
_pdbx_modification_feature.modified_residue_label_comp_id     LYS 
_pdbx_modification_feature.modified_residue_label_asym_id     A 
_pdbx_modification_feature.modified_residue_label_seq_id      108 
_pdbx_modification_feature.modified_residue_label_alt_id      ? 
_pdbx_modification_feature.auth_comp_id                       A1CKV 
_pdbx_modification_feature.auth_asym_id                       A 
_pdbx_modification_feature.auth_seq_id                        201 
_pdbx_modification_feature.PDB_ins_code                       ? 
_pdbx_modification_feature.symmetry                           1_555 
_pdbx_modification_feature.modified_residue_auth_comp_id      LYS 
_pdbx_modification_feature.modified_residue_auth_asym_id      A 
_pdbx_modification_feature.modified_residue_auth_seq_id       108 
_pdbx_modification_feature.modified_residue_PDB_ins_code      ? 
_pdbx_modification_feature.modified_residue_symmetry          1_555 
_pdbx_modification_feature.comp_id_linking_atom               C14 
_pdbx_modification_feature.modified_residue_id_linking_atom   NZ 
_pdbx_modification_feature.modified_residue_id                LYS 
_pdbx_modification_feature.ref_pcm_id                         1 
_pdbx_modification_feature.ref_comp_id                        A1CKV 
_pdbx_modification_feature.type                               None 
_pdbx_modification_feature.category                           'Covalent chemical modification' 
# 
_struct_sheet.id               AA1 
_struct_sheet.type             ? 
_struct_sheet.number_strands   10 
_struct_sheet.details          ? 
# 
loop_
_struct_sheet_order.sheet_id 
_struct_sheet_order.range_id_1 
_struct_sheet_order.range_id_2 
_struct_sheet_order.offset 
_struct_sheet_order.sense 
AA1 1 2  ? anti-parallel 
AA1 2 3  ? anti-parallel 
AA1 3 4  ? anti-parallel 
AA1 4 5  ? anti-parallel 
AA1 5 6  ? anti-parallel 
AA1 6 7  ? anti-parallel 
AA1 7 8  ? anti-parallel 
AA1 8 9  ? anti-parallel 
AA1 9 10 ? anti-parallel 
# 
loop_
_struct_sheet_range.sheet_id 
_struct_sheet_range.id 
_struct_sheet_range.beg_label_comp_id 
_struct_sheet_range.beg_label_asym_id 
_struct_sheet_range.beg_label_seq_id 
_struct_sheet_range.pdbx_beg_PDB_ins_code 
_struct_sheet_range.end_label_comp_id 
_struct_sheet_range.end_label_asym_id 
_struct_sheet_range.end_label_seq_id 
_struct_sheet_range.pdbx_end_PDB_ins_code 
_struct_sheet_range.beg_auth_comp_id 
_struct_sheet_range.beg_auth_asym_id 
_struct_sheet_range.beg_auth_seq_id 
_struct_sheet_range.end_auth_comp_id 
_struct_sheet_range.end_auth_asym_id 
_struct_sheet_range.end_auth_seq_id 
AA1 1  ASN A 59  ? THR A 65  ? ASN A 59  THR A 65  
AA1 2  ASN A 48  ? THR A 54  ? ASN A 48  THR A 54  
AA1 3  THR A 39  ? ASP A 45  ? THR A 39  ASP A 45  
AA1 4  GLY A 6   ? GLU A 14  ? GLY A 6   GLU A 14  
AA1 5  GLN A 124 ? LYS A 132 ? GLN A 124 LYS A 132 
AA1 6  LYS A 114 ? CYS A 121 ? LYS A 114 CYS A 121 
AA1 7  GLY A 105 ? GLU A 111 ? GLY A 105 GLU A 111 
AA1 8  VAL A 92  ? LYS A 98  ? VAL A 92  LYS A 98  
AA1 9  HIS A 81  ? GLU A 89  ? HIS A 81  GLU A 89  
AA1 10 PHE A 70  ? TYR A 73  ? PHE A 70  TYR A 73  
# 
loop_
_pdbx_struct_sheet_hbond.sheet_id 
_pdbx_struct_sheet_hbond.range_id_1 
_pdbx_struct_sheet_hbond.range_id_2 
_pdbx_struct_sheet_hbond.range_1_label_atom_id 
_pdbx_struct_sheet_hbond.range_1_label_comp_id 
_pdbx_struct_sheet_hbond.range_1_label_asym_id 
_pdbx_struct_sheet_hbond.range_1_label_seq_id 
_pdbx_struct_sheet_hbond.range_1_PDB_ins_code 
_pdbx_struct_sheet_hbond.range_1_auth_atom_id 
_pdbx_struct_sheet_hbond.range_1_auth_comp_id 
_pdbx_struct_sheet_hbond.range_1_auth_asym_id 
_pdbx_struct_sheet_hbond.range_1_auth_seq_id 
_pdbx_struct_sheet_hbond.range_2_label_atom_id 
_pdbx_struct_sheet_hbond.range_2_label_comp_id 
_pdbx_struct_sheet_hbond.range_2_label_asym_id 
_pdbx_struct_sheet_hbond.range_2_label_seq_id 
_pdbx_struct_sheet_hbond.range_2_PDB_ins_code 
_pdbx_struct_sheet_hbond.range_2_auth_atom_id 
_pdbx_struct_sheet_hbond.range_2_auth_comp_id 
_pdbx_struct_sheet_hbond.range_2_auth_asym_id 
_pdbx_struct_sheet_hbond.range_2_auth_seq_id 
AA1 1 2  O PHE A 64  ? O PHE A 64  N PHE A 49  ? N PHE A 49  
AA1 2 3  O THR A 54  ? O THR A 54  N THR A 39  ? N THR A 39  
AA1 3 4  O LEU A 40  ? O LEU A 40  N TRP A 8   ? N TRP A 8   
AA1 4 5  N GLU A 11  ? N GLU A 11  O VAL A 129 ? O VAL A 129 
AA1 5 6  O CYS A 126 ? O CYS A 126 N LEU A 119 ? N LEU A 119 
AA1 6 7  O TYR A 116 ? O TYR A 116 N TRP A 109 ? N TRP A 109 
AA1 7 8  O TRP A 106 ? O TRP A 106 N CYS A 95  ? N CYS A 95  
AA1 8 9  O VAL A 94  ? O VAL A 94  N THR A 87  ? N THR A 87  
AA1 9 10 O ALA A 84  ? O ALA A 84  N PHE A 70  ? N PHE A 70  
# 
_pdbx_entry_details.entry_id                   9PSW 
_pdbx_entry_details.nonpolymer_details         ? 
_pdbx_entry_details.sequence_details           ? 
_pdbx_entry_details.compound_details           ? 
_pdbx_entry_details.source_details             ? 
_pdbx_entry_details.has_ligand_of_interest     Y 
_pdbx_entry_details.has_protein_modification   Y 
# 
_pdbx_validate_symm_contact.id                1 
_pdbx_validate_symm_contact.PDB_model_num     1 
_pdbx_validate_symm_contact.auth_atom_id_1    NZ 
_pdbx_validate_symm_contact.auth_asym_id_1    A 
_pdbx_validate_symm_contact.auth_comp_id_1    LYS 
_pdbx_validate_symm_contact.auth_seq_id_1     133 
_pdbx_validate_symm_contact.PDB_ins_code_1    ? 
_pdbx_validate_symm_contact.label_alt_id_1    ? 
_pdbx_validate_symm_contact.site_symmetry_1   1_555 
_pdbx_validate_symm_contact.auth_atom_id_2    NZ 
_pdbx_validate_symm_contact.auth_asym_id_2    A 
_pdbx_validate_symm_contact.auth_comp_id_2    LYS 
_pdbx_validate_symm_contact.auth_seq_id_2     133 
_pdbx_validate_symm_contact.PDB_ins_code_2    ? 
_pdbx_validate_symm_contact.label_alt_id_2    ? 
_pdbx_validate_symm_contact.site_symmetry_2   2_555 
_pdbx_validate_symm_contact.dist              1.23 
# 
loop_
_pdbx_validate_torsion.id 
_pdbx_validate_torsion.PDB_model_num 
_pdbx_validate_torsion.auth_comp_id 
_pdbx_validate_torsion.auth_asym_id 
_pdbx_validate_torsion.auth_seq_id 
_pdbx_validate_torsion.PDB_ins_code 
_pdbx_validate_torsion.label_alt_id 
_pdbx_validate_torsion.phi 
_pdbx_validate_torsion.psi 
1 1 LYS A 75 ? ? 50.90  -128.41 
2 1 LEU A 77 ? ? -79.41 -86.09  
# 
_pdbx_struct_special_symmetry.id              1 
_pdbx_struct_special_symmetry.PDB_model_num   1 
_pdbx_struct_special_symmetry.auth_asym_id    A 
_pdbx_struct_special_symmetry.auth_comp_id    HOH 
_pdbx_struct_special_symmetry.auth_seq_id     375 
_pdbx_struct_special_symmetry.PDB_ins_code    ? 
_pdbx_struct_special_symmetry.label_asym_id   D 
_pdbx_struct_special_symmetry.label_comp_id   HOH 
_pdbx_struct_special_symmetry.label_seq_id    . 
# 
loop_
_space_group_symop.id 
_space_group_symop.operation_xyz 
1 x,y,z           
2 -x,y,-z         
3 x+1/2,y+1/2,z   
4 -x+1/2,y+1/2,-z 
# 
loop_
_chem_comp_atom.comp_id 
_chem_comp_atom.atom_id 
_chem_comp_atom.type_symbol 
_chem_comp_atom.pdbx_aromatic_flag 
_chem_comp_atom.pdbx_stereo_config 
_chem_comp_atom.pdbx_ordinal 
A1CKV C10  C Y N 1   
A1CKV C11  C Y N 2   
A1CKV C12  C N N 3   
A1CKV C13  C N N 4   
A1CKV C14  C N N 5   
A1CKV C18  C N N 6   
A1CKV C19  C N N 7   
A1CKV C20  C N N 8   
A1CKV C01  C Y N 9   
A1CKV C02  C Y N 10  
A1CKV C03  C Y N 11  
A1CKV C04  C Y N 12  
A1CKV C05  C Y N 13  
A1CKV C06  C Y N 14  
A1CKV C07  C Y N 15  
A1CKV C09  C Y N 16  
A1CKV C21  C N N 17  
A1CKV N17  N N N 18  
A1CKV S08  S Y N 19  
A1CKV H26  H N N 20  
A1CKV H27  H N N 21  
A1CKV H28  H N N 22  
A1CKV H1   H N N 23  
A1CKV H30  H N N 24  
A1CKV H29  H N N 25  
A1CKV H31  H N N 26  
A1CKV H32  H N N 27  
A1CKV H34  H N N 28  
A1CKV H35  H N N 29  
A1CKV H33  H N N 30  
A1CKV H22  H N N 31  
A1CKV H23  H N N 32  
A1CKV H24  H N N 33  
A1CKV H25  H N N 34  
A1CKV H36  H N N 35  
A1CKV H37  H N N 36  
A1CKV O1   O N N 37  
ACT   C    C N N 38  
ACT   O    O N N 39  
ACT   OXT  O N N 40  
ACT   CH3  C N N 41  
ACT   H1   H N N 42  
ACT   H2   H N N 43  
ACT   H3   H N N 44  
ALA   N    N N N 45  
ALA   CA   C N S 46  
ALA   C    C N N 47  
ALA   O    O N N 48  
ALA   CB   C N N 49  
ALA   OXT  O N N 50  
ALA   H    H N N 51  
ALA   H2   H N N 52  
ALA   HA   H N N 53  
ALA   HB1  H N N 54  
ALA   HB2  H N N 55  
ALA   HB3  H N N 56  
ALA   HXT  H N N 57  
ARG   N    N N N 58  
ARG   CA   C N S 59  
ARG   C    C N N 60  
ARG   O    O N N 61  
ARG   CB   C N N 62  
ARG   CG   C N N 63  
ARG   CD   C N N 64  
ARG   NE   N N N 65  
ARG   CZ   C N N 66  
ARG   NH1  N N N 67  
ARG   NH2  N N N 68  
ARG   OXT  O N N 69  
ARG   H    H N N 70  
ARG   H2   H N N 71  
ARG   HA   H N N 72  
ARG   HB2  H N N 73  
ARG   HB3  H N N 74  
ARG   HG2  H N N 75  
ARG   HG3  H N N 76  
ARG   HD2  H N N 77  
ARG   HD3  H N N 78  
ARG   HE   H N N 79  
ARG   HH11 H N N 80  
ARG   HH12 H N N 81  
ARG   HH21 H N N 82  
ARG   HH22 H N N 83  
ARG   HXT  H N N 84  
ASN   N    N N N 85  
ASN   CA   C N S 86  
ASN   C    C N N 87  
ASN   O    O N N 88  
ASN   CB   C N N 89  
ASN   CG   C N N 90  
ASN   OD1  O N N 91  
ASN   ND2  N N N 92  
ASN   OXT  O N N 93  
ASN   H    H N N 94  
ASN   H2   H N N 95  
ASN   HA   H N N 96  
ASN   HB2  H N N 97  
ASN   HB3  H N N 98  
ASN   HD21 H N N 99  
ASN   HD22 H N N 100 
ASN   HXT  H N N 101 
ASP   N    N N N 102 
ASP   CA   C N S 103 
ASP   C    C N N 104 
ASP   O    O N N 105 
ASP   CB   C N N 106 
ASP   CG   C N N 107 
ASP   OD1  O N N 108 
ASP   OD2  O N N 109 
ASP   OXT  O N N 110 
ASP   H    H N N 111 
ASP   H2   H N N 112 
ASP   HA   H N N 113 
ASP   HB2  H N N 114 
ASP   HB3  H N N 115 
ASP   HD2  H N N 116 
ASP   HXT  H N N 117 
CYS   N    N N N 118 
CYS   CA   C N R 119 
CYS   C    C N N 120 
CYS   O    O N N 121 
CYS   CB   C N N 122 
CYS   SG   S N N 123 
CYS   OXT  O N N 124 
CYS   H    H N N 125 
CYS   H2   H N N 126 
CYS   HA   H N N 127 
CYS   HB2  H N N 128 
CYS   HB3  H N N 129 
CYS   HG   H N N 130 
CYS   HXT  H N N 131 
GLN   N    N N N 132 
GLN   CA   C N S 133 
GLN   C    C N N 134 
GLN   O    O N N 135 
GLN   CB   C N N 136 
GLN   CG   C N N 137 
GLN   CD   C N N 138 
GLN   OE1  O N N 139 
GLN   NE2  N N N 140 
GLN   OXT  O N N 141 
GLN   H    H N N 142 
GLN   H2   H N N 143 
GLN   HA   H N N 144 
GLN   HB2  H N N 145 
GLN   HB3  H N N 146 
GLN   HG2  H N N 147 
GLN   HG3  H N N 148 
GLN   HE21 H N N 149 
GLN   HE22 H N N 150 
GLN   HXT  H N N 151 
GLU   N    N N N 152 
GLU   CA   C N S 153 
GLU   C    C N N 154 
GLU   O    O N N 155 
GLU   CB   C N N 156 
GLU   CG   C N N 157 
GLU   CD   C N N 158 
GLU   OE1  O N N 159 
GLU   OE2  O N N 160 
GLU   OXT  O N N 161 
GLU   H    H N N 162 
GLU   H2   H N N 163 
GLU   HA   H N N 164 
GLU   HB2  H N N 165 
GLU   HB3  H N N 166 
GLU   HG2  H N N 167 
GLU   HG3  H N N 168 
GLU   HE2  H N N 169 
GLU   HXT  H N N 170 
GLY   N    N N N 171 
GLY   CA   C N N 172 
GLY   C    C N N 173 
GLY   O    O N N 174 
GLY   OXT  O N N 175 
GLY   H    H N N 176 
GLY   H2   H N N 177 
GLY   HA2  H N N 178 
GLY   HA3  H N N 179 
GLY   HXT  H N N 180 
HIS   N    N N N 181 
HIS   CA   C N S 182 
HIS   C    C N N 183 
HIS   O    O N N 184 
HIS   CB   C N N 185 
HIS   CG   C Y N 186 
HIS   ND1  N Y N 187 
HIS   CD2  C Y N 188 
HIS   CE1  C Y N 189 
HIS   NE2  N Y N 190 
HIS   OXT  O N N 191 
HIS   H    H N N 192 
HIS   H2   H N N 193 
HIS   HA   H N N 194 
HIS   HB2  H N N 195 
HIS   HB3  H N N 196 
HIS   HD1  H N N 197 
HIS   HD2  H N N 198 
HIS   HE1  H N N 199 
HIS   HE2  H N N 200 
HIS   HXT  H N N 201 
HOH   O    O N N 202 
HOH   H1   H N N 203 
HOH   H2   H N N 204 
ILE   N    N N N 205 
ILE   CA   C N S 206 
ILE   C    C N N 207 
ILE   O    O N N 208 
ILE   CB   C N S 209 
ILE   CG1  C N N 210 
ILE   CG2  C N N 211 
ILE   CD1  C N N 212 
ILE   OXT  O N N 213 
ILE   H    H N N 214 
ILE   H2   H N N 215 
ILE   HA   H N N 216 
ILE   HB   H N N 217 
ILE   HG12 H N N 218 
ILE   HG13 H N N 219 
ILE   HG21 H N N 220 
ILE   HG22 H N N 221 
ILE   HG23 H N N 222 
ILE   HD11 H N N 223 
ILE   HD12 H N N 224 
ILE   HD13 H N N 225 
ILE   HXT  H N N 226 
LEU   N    N N N 227 
LEU   CA   C N S 228 
LEU   C    C N N 229 
LEU   O    O N N 230 
LEU   CB   C N N 231 
LEU   CG   C N N 232 
LEU   CD1  C N N 233 
LEU   CD2  C N N 234 
LEU   OXT  O N N 235 
LEU   H    H N N 236 
LEU   H2   H N N 237 
LEU   HA   H N N 238 
LEU   HB2  H N N 239 
LEU   HB3  H N N 240 
LEU   HG   H N N 241 
LEU   HD11 H N N 242 
LEU   HD12 H N N 243 
LEU   HD13 H N N 244 
LEU   HD21 H N N 245 
LEU   HD22 H N N 246 
LEU   HD23 H N N 247 
LEU   HXT  H N N 248 
LYS   N    N N N 249 
LYS   CA   C N S 250 
LYS   C    C N N 251 
LYS   O    O N N 252 
LYS   CB   C N N 253 
LYS   CG   C N N 254 
LYS   CD   C N N 255 
LYS   CE   C N N 256 
LYS   NZ   N N N 257 
LYS   OXT  O N N 258 
LYS   H    H N N 259 
LYS   H2   H N N 260 
LYS   HA   H N N 261 
LYS   HB2  H N N 262 
LYS   HB3  H N N 263 
LYS   HG2  H N N 264 
LYS   HG3  H N N 265 
LYS   HD2  H N N 266 
LYS   HD3  H N N 267 
LYS   HE2  H N N 268 
LYS   HE3  H N N 269 
LYS   HZ1  H N N 270 
LYS   HZ2  H N N 271 
LYS   HZ3  H N N 272 
LYS   HXT  H N N 273 
MET   N    N N N 274 
MET   CA   C N S 275 
MET   C    C N N 276 
MET   O    O N N 277 
MET   CB   C N N 278 
MET   CG   C N N 279 
MET   SD   S N N 280 
MET   CE   C N N 281 
MET   OXT  O N N 282 
MET   H    H N N 283 
MET   H2   H N N 284 
MET   HA   H N N 285 
MET   HB2  H N N 286 
MET   HB3  H N N 287 
MET   HG2  H N N 288 
MET   HG3  H N N 289 
MET   HE1  H N N 290 
MET   HE2  H N N 291 
MET   HE3  H N N 292 
MET   HXT  H N N 293 
PHE   N    N N N 294 
PHE   CA   C N S 295 
PHE   C    C N N 296 
PHE   O    O N N 297 
PHE   CB   C N N 298 
PHE   CG   C Y N 299 
PHE   CD1  C Y N 300 
PHE   CD2  C Y N 301 
PHE   CE1  C Y N 302 
PHE   CE2  C Y N 303 
PHE   CZ   C Y N 304 
PHE   OXT  O N N 305 
PHE   H    H N N 306 
PHE   H2   H N N 307 
PHE   HA   H N N 308 
PHE   HB2  H N N 309 
PHE   HB3  H N N 310 
PHE   HD1  H N N 311 
PHE   HD2  H N N 312 
PHE   HE1  H N N 313 
PHE   HE2  H N N 314 
PHE   HZ   H N N 315 
PHE   HXT  H N N 316 
SER   N    N N N 317 
SER   CA   C N S 318 
SER   C    C N N 319 
SER   O    O N N 320 
SER   CB   C N N 321 
SER   OG   O N N 322 
SER   OXT  O N N 323 
SER   H    H N N 324 
SER   H2   H N N 325 
SER   HA   H N N 326 
SER   HB2  H N N 327 
SER   HB3  H N N 328 
SER   HG   H N N 329 
SER   HXT  H N N 330 
THR   N    N N N 331 
THR   CA   C N S 332 
THR   C    C N N 333 
THR   O    O N N 334 
THR   CB   C N R 335 
THR   OG1  O N N 336 
THR   CG2  C N N 337 
THR   OXT  O N N 338 
THR   H    H N N 339 
THR   H2   H N N 340 
THR   HA   H N N 341 
THR   HB   H N N 342 
THR   HG1  H N N 343 
THR   HG21 H N N 344 
THR   HG22 H N N 345 
THR   HG23 H N N 346 
THR   HXT  H N N 347 
TRP   N    N N N 348 
TRP   CA   C N S 349 
TRP   C    C N N 350 
TRP   O    O N N 351 
TRP   CB   C N N 352 
TRP   CG   C Y N 353 
TRP   CD1  C Y N 354 
TRP   CD2  C Y N 355 
TRP   NE1  N Y N 356 
TRP   CE2  C Y N 357 
TRP   CE3  C Y N 358 
TRP   CZ2  C Y N 359 
TRP   CZ3  C Y N 360 
TRP   CH2  C Y N 361 
TRP   OXT  O N N 362 
TRP   H    H N N 363 
TRP   H2   H N N 364 
TRP   HA   H N N 365 
TRP   HB2  H N N 366 
TRP   HB3  H N N 367 
TRP   HD1  H N N 368 
TRP   HE1  H N N 369 
TRP   HE3  H N N 370 
TRP   HZ2  H N N 371 
TRP   HZ3  H N N 372 
TRP   HH2  H N N 373 
TRP   HXT  H N N 374 
TYR   N    N N N 375 
TYR   CA   C N S 376 
TYR   C    C N N 377 
TYR   O    O N N 378 
TYR   CB   C N N 379 
TYR   CG   C Y N 380 
TYR   CD1  C Y N 381 
TYR   CD2  C Y N 382 
TYR   CE1  C Y N 383 
TYR   CE2  C Y N 384 
TYR   CZ   C Y N 385 
TYR   OH   O N N 386 
TYR   OXT  O N N 387 
TYR   H    H N N 388 
TYR   H2   H N N 389 
TYR   HA   H N N 390 
TYR   HB2  H N N 391 
TYR   HB3  H N N 392 
TYR   HD1  H N N 393 
TYR   HD2  H N N 394 
TYR   HE1  H N N 395 
TYR   HE2  H N N 396 
TYR   HH   H N N 397 
TYR   HXT  H N N 398 
VAL   N    N N N 399 
VAL   CA   C N S 400 
VAL   C    C N N 401 
VAL   O    O N N 402 
VAL   CB   C N N 403 
VAL   CG1  C N N 404 
VAL   CG2  C N N 405 
VAL   OXT  O N N 406 
VAL   H    H N N 407 
VAL   H2   H N N 408 
VAL   HA   H N N 409 
VAL   HB   H N N 410 
VAL   HG11 H N N 411 
VAL   HG12 H N N 412 
VAL   HG13 H N N 413 
VAL   HG21 H N N 414 
VAL   HG22 H N N 415 
VAL   HG23 H N N 416 
VAL   HXT  H N N 417 
# 
loop_
_chem_comp_bond.comp_id 
_chem_comp_bond.atom_id_1 
_chem_comp_bond.atom_id_2 
_chem_comp_bond.value_order 
_chem_comp_bond.pdbx_aromatic_flag 
_chem_comp_bond.pdbx_stereo_config 
_chem_comp_bond.pdbx_ordinal 
A1CKV C01 C02  doub Y N 1   
A1CKV C02 C03  sing Y N 2   
A1CKV C03 C04  doub Y N 3   
A1CKV C04 C05  sing Y N 4   
A1CKV C05 C06  doub Y N 5   
A1CKV C06 C01  sing Y N 6   
A1CKV C05 C07  sing N N 7   
A1CKV C07 S08  sing Y N 8   
A1CKV S08 C09  sing Y N 9   
A1CKV C09 C10  doub Y N 10  
A1CKV C10 C11  sing Y N 11  
A1CKV C11 C07  doub Y N 12  
A1CKV C09 C12  sing N N 13  
A1CKV C12 C13  doub N E 14  
A1CKV C13 C14  sing N N 15  
A1CKV C02 N17  sing N N 16  
A1CKV N17 C18  sing N N 17  
A1CKV N17 C19  sing N N 18  
A1CKV C12 C20  sing N N 19  
A1CKV C21 C18  sing N N 20  
A1CKV C21 C19  sing N N 21  
A1CKV C10 H26  sing N N 22  
A1CKV C11 H27  sing N N 23  
A1CKV C13 H28  sing N N 24  
A1CKV C14 H1   sing N N 25  
A1CKV C18 H30  sing N N 26  
A1CKV C18 H29  sing N N 27  
A1CKV C19 H31  sing N N 28  
A1CKV C19 H32  sing N N 29  
A1CKV C20 H34  sing N N 30  
A1CKV C20 H35  sing N N 31  
A1CKV C20 H33  sing N N 32  
A1CKV C01 H22  sing N N 33  
A1CKV C03 H23  sing N N 34  
A1CKV C04 H24  sing N N 35  
A1CKV C06 H25  sing N N 36  
A1CKV C21 H36  sing N N 37  
A1CKV C21 H37  sing N N 38  
A1CKV C14 O1   doub N N 39  
ACT   C   O    doub N N 40  
ACT   C   OXT  sing N N 41  
ACT   C   CH3  sing N N 42  
ACT   CH3 H1   sing N N 43  
ACT   CH3 H2   sing N N 44  
ACT   CH3 H3   sing N N 45  
ALA   N   CA   sing N N 46  
ALA   N   H    sing N N 47  
ALA   N   H2   sing N N 48  
ALA   CA  C    sing N N 49  
ALA   CA  CB   sing N N 50  
ALA   CA  HA   sing N N 51  
ALA   C   O    doub N N 52  
ALA   C   OXT  sing N N 53  
ALA   CB  HB1  sing N N 54  
ALA   CB  HB2  sing N N 55  
ALA   CB  HB3  sing N N 56  
ALA   OXT HXT  sing N N 57  
ARG   N   CA   sing N N 58  
ARG   N   H    sing N N 59  
ARG   N   H2   sing N N 60  
ARG   CA  C    sing N N 61  
ARG   CA  CB   sing N N 62  
ARG   CA  HA   sing N N 63  
ARG   C   O    doub N N 64  
ARG   C   OXT  sing N N 65  
ARG   CB  CG   sing N N 66  
ARG   CB  HB2  sing N N 67  
ARG   CB  HB3  sing N N 68  
ARG   CG  CD   sing N N 69  
ARG   CG  HG2  sing N N 70  
ARG   CG  HG3  sing N N 71  
ARG   CD  NE   sing N N 72  
ARG   CD  HD2  sing N N 73  
ARG   CD  HD3  sing N N 74  
ARG   NE  CZ   sing N N 75  
ARG   NE  HE   sing N N 76  
ARG   CZ  NH1  sing N N 77  
ARG   CZ  NH2  doub N N 78  
ARG   NH1 HH11 sing N N 79  
ARG   NH1 HH12 sing N N 80  
ARG   NH2 HH21 sing N N 81  
ARG   NH2 HH22 sing N N 82  
ARG   OXT HXT  sing N N 83  
ASN   N   CA   sing N N 84  
ASN   N   H    sing N N 85  
ASN   N   H2   sing N N 86  
ASN   CA  C    sing N N 87  
ASN   CA  CB   sing N N 88  
ASN   CA  HA   sing N N 89  
ASN   C   O    doub N N 90  
ASN   C   OXT  sing N N 91  
ASN   CB  CG   sing N N 92  
ASN   CB  HB2  sing N N 93  
ASN   CB  HB3  sing N N 94  
ASN   CG  OD1  doub N N 95  
ASN   CG  ND2  sing N N 96  
ASN   ND2 HD21 sing N N 97  
ASN   ND2 HD22 sing N N 98  
ASN   OXT HXT  sing N N 99  
ASP   N   CA   sing N N 100 
ASP   N   H    sing N N 101 
ASP   N   H2   sing N N 102 
ASP   CA  C    sing N N 103 
ASP   CA  CB   sing N N 104 
ASP   CA  HA   sing N N 105 
ASP   C   O    doub N N 106 
ASP   C   OXT  sing N N 107 
ASP   CB  CG   sing N N 108 
ASP   CB  HB2  sing N N 109 
ASP   CB  HB3  sing N N 110 
ASP   CG  OD1  doub N N 111 
ASP   CG  OD2  sing N N 112 
ASP   OD2 HD2  sing N N 113 
ASP   OXT HXT  sing N N 114 
CYS   N   CA   sing N N 115 
CYS   N   H    sing N N 116 
CYS   N   H2   sing N N 117 
CYS   CA  C    sing N N 118 
CYS   CA  CB   sing N N 119 
CYS   CA  HA   sing N N 120 
CYS   C   O    doub N N 121 
CYS   C   OXT  sing N N 122 
CYS   CB  SG   sing N N 123 
CYS   CB  HB2  sing N N 124 
CYS   CB  HB3  sing N N 125 
CYS   SG  HG   sing N N 126 
CYS   OXT HXT  sing N N 127 
GLN   N   CA   sing N N 128 
GLN   N   H    sing N N 129 
GLN   N   H2   sing N N 130 
GLN   CA  C    sing N N 131 
GLN   CA  CB   sing N N 132 
GLN   CA  HA   sing N N 133 
GLN   C   O    doub N N 134 
GLN   C   OXT  sing N N 135 
GLN   CB  CG   sing N N 136 
GLN   CB  HB2  sing N N 137 
GLN   CB  HB3  sing N N 138 
GLN   CG  CD   sing N N 139 
GLN   CG  HG2  sing N N 140 
GLN   CG  HG3  sing N N 141 
GLN   CD  OE1  doub N N 142 
GLN   CD  NE2  sing N N 143 
GLN   NE2 HE21 sing N N 144 
GLN   NE2 HE22 sing N N 145 
GLN   OXT HXT  sing N N 146 
GLU   N   CA   sing N N 147 
GLU   N   H    sing N N 148 
GLU   N   H2   sing N N 149 
GLU   CA  C    sing N N 150 
GLU   CA  CB   sing N N 151 
GLU   CA  HA   sing N N 152 
GLU   C   O    doub N N 153 
GLU   C   OXT  sing N N 154 
GLU   CB  CG   sing N N 155 
GLU   CB  HB2  sing N N 156 
GLU   CB  HB3  sing N N 157 
GLU   CG  CD   sing N N 158 
GLU   CG  HG2  sing N N 159 
GLU   CG  HG3  sing N N 160 
GLU   CD  OE1  doub N N 161 
GLU   CD  OE2  sing N N 162 
GLU   OE2 HE2  sing N N 163 
GLU   OXT HXT  sing N N 164 
GLY   N   CA   sing N N 165 
GLY   N   H    sing N N 166 
GLY   N   H2   sing N N 167 
GLY   CA  C    sing N N 168 
GLY   CA  HA2  sing N N 169 
GLY   CA  HA3  sing N N 170 
GLY   C   O    doub N N 171 
GLY   C   OXT  sing N N 172 
GLY   OXT HXT  sing N N 173 
HIS   N   CA   sing N N 174 
HIS   N   H    sing N N 175 
HIS   N   H2   sing N N 176 
HIS   CA  C    sing N N 177 
HIS   CA  CB   sing N N 178 
HIS   CA  HA   sing N N 179 
HIS   C   O    doub N N 180 
HIS   C   OXT  sing N N 181 
HIS   CB  CG   sing N N 182 
HIS   CB  HB2  sing N N 183 
HIS   CB  HB3  sing N N 184 
HIS   CG  ND1  sing Y N 185 
HIS   CG  CD2  doub Y N 186 
HIS   ND1 CE1  doub Y N 187 
HIS   ND1 HD1  sing N N 188 
HIS   CD2 NE2  sing Y N 189 
HIS   CD2 HD2  sing N N 190 
HIS   CE1 NE2  sing Y N 191 
HIS   CE1 HE1  sing N N 192 
HIS   NE2 HE2  sing N N 193 
HIS   OXT HXT  sing N N 194 
HOH   O   H1   sing N N 195 
HOH   O   H2   sing N N 196 
ILE   N   CA   sing N N 197 
ILE   N   H    sing N N 198 
ILE   N   H2   sing N N 199 
ILE   CA  C    sing N N 200 
ILE   CA  CB   sing N N 201 
ILE   CA  HA   sing N N 202 
ILE   C   O    doub N N 203 
ILE   C   OXT  sing N N 204 
ILE   CB  CG1  sing N N 205 
ILE   CB  CG2  sing N N 206 
ILE   CB  HB   sing N N 207 
ILE   CG1 CD1  sing N N 208 
ILE   CG1 HG12 sing N N 209 
ILE   CG1 HG13 sing N N 210 
ILE   CG2 HG21 sing N N 211 
ILE   CG2 HG22 sing N N 212 
ILE   CG2 HG23 sing N N 213 
ILE   CD1 HD11 sing N N 214 
ILE   CD1 HD12 sing N N 215 
ILE   CD1 HD13 sing N N 216 
ILE   OXT HXT  sing N N 217 
LEU   N   CA   sing N N 218 
LEU   N   H    sing N N 219 
LEU   N   H2   sing N N 220 
LEU   CA  C    sing N N 221 
LEU   CA  CB   sing N N 222 
LEU   CA  HA   sing N N 223 
LEU   C   O    doub N N 224 
LEU   C   OXT  sing N N 225 
LEU   CB  CG   sing N N 226 
LEU   CB  HB2  sing N N 227 
LEU   CB  HB3  sing N N 228 
LEU   CG  CD1  sing N N 229 
LEU   CG  CD2  sing N N 230 
LEU   CG  HG   sing N N 231 
LEU   CD1 HD11 sing N N 232 
LEU   CD1 HD12 sing N N 233 
LEU   CD1 HD13 sing N N 234 
LEU   CD2 HD21 sing N N 235 
LEU   CD2 HD22 sing N N 236 
LEU   CD2 HD23 sing N N 237 
LEU   OXT HXT  sing N N 238 
LYS   N   CA   sing N N 239 
LYS   N   H    sing N N 240 
LYS   N   H2   sing N N 241 
LYS   CA  C    sing N N 242 
LYS   CA  CB   sing N N 243 
LYS   CA  HA   sing N N 244 
LYS   C   O    doub N N 245 
LYS   C   OXT  sing N N 246 
LYS   CB  CG   sing N N 247 
LYS   CB  HB2  sing N N 248 
LYS   CB  HB3  sing N N 249 
LYS   CG  CD   sing N N 250 
LYS   CG  HG2  sing N N 251 
LYS   CG  HG3  sing N N 252 
LYS   CD  CE   sing N N 253 
LYS   CD  HD2  sing N N 254 
LYS   CD  HD3  sing N N 255 
LYS   CE  NZ   sing N N 256 
LYS   CE  HE2  sing N N 257 
LYS   CE  HE3  sing N N 258 
LYS   NZ  HZ1  sing N N 259 
LYS   NZ  HZ2  sing N N 260 
LYS   NZ  HZ3  sing N N 261 
LYS   OXT HXT  sing N N 262 
MET   N   CA   sing N N 263 
MET   N   H    sing N N 264 
MET   N   H2   sing N N 265 
MET   CA  C    sing N N 266 
MET   CA  CB   sing N N 267 
MET   CA  HA   sing N N 268 
MET   C   O    doub N N 269 
MET   C   OXT  sing N N 270 
MET   CB  CG   sing N N 271 
MET   CB  HB2  sing N N 272 
MET   CB  HB3  sing N N 273 
MET   CG  SD   sing N N 274 
MET   CG  HG2  sing N N 275 
MET   CG  HG3  sing N N 276 
MET   SD  CE   sing N N 277 
MET   CE  HE1  sing N N 278 
MET   CE  HE2  sing N N 279 
MET   CE  HE3  sing N N 280 
MET   OXT HXT  sing N N 281 
PHE   N   CA   sing N N 282 
PHE   N   H    sing N N 283 
PHE   N   H2   sing N N 284 
PHE   CA  C    sing N N 285 
PHE   CA  CB   sing N N 286 
PHE   CA  HA   sing N N 287 
PHE   C   O    doub N N 288 
PHE   C   OXT  sing N N 289 
PHE   CB  CG   sing N N 290 
PHE   CB  HB2  sing N N 291 
PHE   CB  HB3  sing N N 292 
PHE   CG  CD1  doub Y N 293 
PHE   CG  CD2  sing Y N 294 
PHE   CD1 CE1  sing Y N 295 
PHE   CD1 HD1  sing N N 296 
PHE   CD2 CE2  doub Y N 297 
PHE   CD2 HD2  sing N N 298 
PHE   CE1 CZ   doub Y N 299 
PHE   CE1 HE1  sing N N 300 
PHE   CE2 CZ   sing Y N 301 
PHE   CE2 HE2  sing N N 302 
PHE   CZ  HZ   sing N N 303 
PHE   OXT HXT  sing N N 304 
SER   N   CA   sing N N 305 
SER   N   H    sing N N 306 
SER   N   H2   sing N N 307 
SER   CA  C    sing N N 308 
SER   CA  CB   sing N N 309 
SER   CA  HA   sing N N 310 
SER   C   O    doub N N 311 
SER   C   OXT  sing N N 312 
SER   CB  OG   sing N N 313 
SER   CB  HB2  sing N N 314 
SER   CB  HB3  sing N N 315 
SER   OG  HG   sing N N 316 
SER   OXT HXT  sing N N 317 
THR   N   CA   sing N N 318 
THR   N   H    sing N N 319 
THR   N   H2   sing N N 320 
THR   CA  C    sing N N 321 
THR   CA  CB   sing N N 322 
THR   CA  HA   sing N N 323 
THR   C   O    doub N N 324 
THR   C   OXT  sing N N 325 
THR   CB  OG1  sing N N 326 
THR   CB  CG2  sing N N 327 
THR   CB  HB   sing N N 328 
THR   OG1 HG1  sing N N 329 
THR   CG2 HG21 sing N N 330 
THR   CG2 HG22 sing N N 331 
THR   CG2 HG23 sing N N 332 
THR   OXT HXT  sing N N 333 
TRP   N   CA   sing N N 334 
TRP   N   H    sing N N 335 
TRP   N   H2   sing N N 336 
TRP   CA  C    sing N N 337 
TRP   CA  CB   sing N N 338 
TRP   CA  HA   sing N N 339 
TRP   C   O    doub N N 340 
TRP   C   OXT  sing N N 341 
TRP   CB  CG   sing N N 342 
TRP   CB  HB2  sing N N 343 
TRP   CB  HB3  sing N N 344 
TRP   CG  CD1  doub Y N 345 
TRP   CG  CD2  sing Y N 346 
TRP   CD1 NE1  sing Y N 347 
TRP   CD1 HD1  sing N N 348 
TRP   CD2 CE2  doub Y N 349 
TRP   CD2 CE3  sing Y N 350 
TRP   NE1 CE2  sing Y N 351 
TRP   NE1 HE1  sing N N 352 
TRP   CE2 CZ2  sing Y N 353 
TRP   CE3 CZ3  doub Y N 354 
TRP   CE3 HE3  sing N N 355 
TRP   CZ2 CH2  doub Y N 356 
TRP   CZ2 HZ2  sing N N 357 
TRP   CZ3 CH2  sing Y N 358 
TRP   CZ3 HZ3  sing N N 359 
TRP   CH2 HH2  sing N N 360 
TRP   OXT HXT  sing N N 361 
TYR   N   CA   sing N N 362 
TYR   N   H    sing N N 363 
TYR   N   H2   sing N N 364 
TYR   CA  C    sing N N 365 
TYR   CA  CB   sing N N 366 
TYR   CA  HA   sing N N 367 
TYR   C   O    doub N N 368 
TYR   C   OXT  sing N N 369 
TYR   CB  CG   sing N N 370 
TYR   CB  HB2  sing N N 371 
TYR   CB  HB3  sing N N 372 
TYR   CG  CD1  doub Y N 373 
TYR   CG  CD2  sing Y N 374 
TYR   CD1 CE1  sing Y N 375 
TYR   CD1 HD1  sing N N 376 
TYR   CD2 CE2  doub Y N 377 
TYR   CD2 HD2  sing N N 378 
TYR   CE1 CZ   doub Y N 379 
TYR   CE1 HE1  sing N N 380 
TYR   CE2 CZ   sing Y N 381 
TYR   CE2 HE2  sing N N 382 
TYR   CZ  OH   sing N N 383 
TYR   OH  HH   sing N N 384 
TYR   OXT HXT  sing N N 385 
VAL   N   CA   sing N N 386 
VAL   N   H    sing N N 387 
VAL   N   H2   sing N N 388 
VAL   CA  C    sing N N 389 
VAL   CA  CB   sing N N 390 
VAL   CA  HA   sing N N 391 
VAL   C   O    doub N N 392 
VAL   C   OXT  sing N N 393 
VAL   CB  CG1  sing N N 394 
VAL   CB  CG2  sing N N 395 
VAL   CB  HB   sing N N 396 
VAL   CG1 HG11 sing N N 397 
VAL   CG1 HG12 sing N N 398 
VAL   CG1 HG13 sing N N 399 
VAL   CG2 HG21 sing N N 400 
VAL   CG2 HG22 sing N N 401 
VAL   CG2 HG23 sing N N 402 
VAL   OXT HXT  sing N N 403 
# 
_pdbx_audit_support.funding_organization   
'National Institutes of Health/National Institute of Biomedical Imaging and Bioengineering (NIH/NIBIB)' 
_pdbx_audit_support.country                'United States' 
_pdbx_audit_support.grant_number           ? 
_pdbx_audit_support.ordinal                1 
# 
_pdbx_initial_refinement_model.id               1 
_pdbx_initial_refinement_model.entity_id_list   ? 
_pdbx_initial_refinement_model.type             'experimental model' 
_pdbx_initial_refinement_model.source_name      PDB 
_pdbx_initial_refinement_model.accession_code   4QYP 
_pdbx_initial_refinement_model.details          ? 
# 
_space_group.crystal_system   monoclinic 
_space_group.name_H-M_alt     'C 1 2 1' 
_space_group.IT_number        5 
_space_group.name_Hall        'C 2y' 
_space_group.id               1 
# 
_atom_sites.entry_id                    9PSW 
_atom_sites.Cartn_transf_matrix[1][1]   ? 
_atom_sites.Cartn_transf_matrix[1][2]   ? 
_atom_sites.Cartn_transf_matrix[1][3]   ? 
_atom_sites.Cartn_transf_matrix[2][1]   ? 
_atom_sites.Cartn_transf_matrix[2][2]   ? 
_atom_sites.Cartn_transf_matrix[2][3]   ? 
_atom_sites.Cartn_transf_matrix[3][1]   ? 
_atom_sites.Cartn_transf_matrix[3][2]   ? 
_atom_sites.Cartn_transf_matrix[3][3]   ? 
_atom_sites.Cartn_transf_vector[1]      ? 
_atom_sites.Cartn_transf_vector[2]      ? 
_atom_sites.Cartn_transf_vector[3]      ? 
_atom_sites.Cartn_transform_axes        ? 
_atom_sites.fract_transf_matrix[1][1]   0.00758439 
_atom_sites.fract_transf_matrix[1][2]   -0.02982708 
_atom_sites.fract_transf_matrix[1][3]   0.01446578 
_atom_sites.fract_transf_matrix[2][1]   0.01207645 
_atom_sites.fract_transf_matrix[2][2]   0.00618044 
_atom_sites.fract_transf_matrix[2][3]   0.00641182 
_atom_sites.fract_transf_matrix[3][1]   -0.00852449 
_atom_sites.fract_transf_matrix[3][2]   0.00365744 
_atom_sites.fract_transf_matrix[3][3]   0.01253014 
_atom_sites.fract_transf_vector[1]      0.104706 
_atom_sites.fract_transf_vector[2]      0.259315 
_atom_sites.fract_transf_vector[3]      0.243364 
_atom_sites.solution_primary            ? 
_atom_sites.solution_secondary          ? 
_atom_sites.solution_hydrogens          ? 
_atom_sites.special_details             ? 
# 
loop_
_atom_type.symbol 
C 
H 
N 
O 
S 
# 
loop_
_atom_site.group_PDB 
_atom_site.id 
_atom_site.type_symbol 
_atom_site.label_atom_id 
_atom_site.label_alt_id 
_atom_site.label_comp_id 
_atom_site.label_asym_id 
_atom_site.label_entity_id 
_atom_site.label_seq_id 
_atom_site.pdbx_PDB_ins_code 
_atom_site.Cartn_x 
_atom_site.Cartn_y 
_atom_site.Cartn_z 
_atom_site.occupancy 
_atom_site.B_iso_or_equiv 
_atom_site.pdbx_formal_charge 
_atom_site.auth_seq_id 
_atom_site.auth_comp_id 
_atom_site.auth_asym_id 
_atom_site.auth_atom_id 
_atom_site.pdbx_PDB_model_num 
ATOM   1    N N   . THR   A 1 1   ? -14.08929 10.43444  -6.98384  1.000 40.09000 ? 1   THR   A N   1 
ATOM   2    C CA  . THR   A 1 1   ? -14.73979 9.17040   -6.67919  1.000 35.98000 ? 1   THR   A CA  1 
ATOM   3    C C   . THR   A 1 1   ? -14.01846 8.41389   -5.57447  1.000 32.13000 ? 1   THR   A C   1 
ATOM   4    O O   . THR   A 1 1   ? -12.79150 8.42905   -5.49194  1.000 28.10000 ? 1   THR   A O   1 
ATOM   5    C CB  . THR   A 1 1   ? -14.82361 8.25858   -7.91707  1.000 32.24000 ? 1   THR   A CB  1 
ATOM   6    O OG1 . THR   A 1 1   ? -15.50933 7.04386   -7.57487  1.000 39.73000 ? 1   THR   A OG1 1 
ATOM   7    C CG2 . THR   A 1 1   ? -13.43041 7.93145   -8.44021  1.000 31.62000 ? 1   THR   A CG2 1 
ATOM   8    N N   . ARG   A 1 2   ? -14.80048 7.75595   -4.72872  1.000 30.33000 ? 2   ARG   A N   1 
ATOM   9    C CA  . ARG   A 1 2   ? -14.27892 6.87762   -3.69200  1.000 32.39000 ? 2   ARG   A CA  1 
ATOM   10   C C   . ARG   A 1 2   ? -14.18702 5.42867   -4.15338  1.000 29.33000 ? 2   ARG   A C   1 
ATOM   11   O O   . ARG   A 1 2   ? -13.68763 4.57867   -3.40876  1.000 29.09000 ? 2   ARG   A O   1 
ATOM   12   C CB  . ARG   A 1 2   ? -15.14843 6.96923   -2.43279  1.000 30.49000 ? 2   ARG   A CB  1 
ATOM   13   C CG  . ARG   A 1 2   ? -14.78558 8.13643   -1.51260  1.000 25.10000 ? 2   ARG   A CG  1 
ATOM   14   C CD  . ARG   A 1 2   ? -15.68487 8.24621   -0.28269  1.000 27.55000 ? 2   ARG   A CD  1 
ATOM   15   N NE  . ARG   A 1 2   ? -15.31045 9.39061   0.54875   1.000 24.71000 ? 2   ARG   A NE  1 
ATOM   16   C CZ  . ARG   A 1 2   ? -16.09492 9.96491   1.45867   1.000 29.14000 ? 2   ARG   A CZ  1 
ATOM   17   N NH1 . ARG   A 1 2   ? -17.32216 9.50729   1.67679   1.000 32.47000 ? 2   ARG   A NH1 1 
ATOM   18   N NH2 . ARG   A 1 2   ? -15.65757 11.01009  2.14788   1.000 27.26000 ? 2   ARG   A NH2 1 
ATOM   19   N N   . ASP   A 1 3   ? -14.64965 5.12658   -5.35912  1.000 26.14000 ? 3   ASP   A N   1 
ATOM   20   C CA  . ASP   A 1 3   ? -14.69874 3.75050   -5.83815  1.000 29.02000 ? 3   ASP   A CA  1 
ATOM   21   C C   . ASP   A 1 3   ? -13.34110 3.34915   -6.41235  1.000 24.65000 ? 3   ASP   A C   1 
ATOM   22   O O   . ASP   A 1 3   ? -12.94877 3.79728   -7.49431  1.000 27.41000 ? 3   ASP   A O   1 
ATOM   23   C CB  . ASP   A 1 3   ? -15.80766 3.59596   -6.87220  1.000 28.33000 ? 3   ASP   A CB  1 
ATOM   24   C CG  . ASP   A 1 3   ? -16.13957 2.15220   -7.13943  1.000 34.58000 ? 3   ASP   A CG  1 
ATOM   25   O OD1 . ASP   A 1 3   ? -15.22610 1.30036   -7.02083  1.000 27.82000 ? 3   ASP   A OD1 1 
ATOM   26   O OD2 . ASP   A 1 3   ? -17.31353 1.86591   -7.44891  1.000 32.86000 ? 3   ASP   A OD2 1 
ATOM   27   N N   . GLN   A 1 4   ? -12.62168 2.48983   -5.68702  1.000 24.42000 ? 4   GLN   A N   1 
ATOM   28   C CA  . GLN   A 1 4   ? -11.29655 2.04158   -6.08923  1.000 17.61000 ? 4   GLN   A CA  1 
ATOM   29   C C   . GLN   A 1 4   ? -11.28766 0.60523   -6.59832  1.000 21.36000 ? 4   GLN   A C   1 
ATOM   30   O O   . GLN   A 1 4   ? -10.21353 0.02305   -6.76142  1.000 18.07000 ? 4   GLN   A O   1 
ATOM   31   C CB  . GLN   A 1 4   ? -10.31175 2.21818   -4.92459  1.000 19.73000 ? 4   GLN   A CB  1 
ATOM   32   C CG  . GLN   A 1 4   ? -10.21946 3.66851   -4.50255  1.000 21.19000 ? 4   GLN   A CG  1 
ATOM   33   C CD  . GLN   A 1 4   ? -9.20786  3.92204   -3.39936  1.000 19.50000 ? 4   GLN   A CD  1 
ATOM   34   O OE1 . GLN   A 1 4   ? -8.59761  2.99562   -2.87180  1.000 20.45000 ? 4   GLN   A OE1 1 
ATOM   35   N NE2 . GLN   A 1 4   ? -9.00496  5.19352   -3.07879  1.000 19.11000 ? 4   GLN   A NE2 1 
ATOM   36   N N   . ASN   A 1 5   ? -12.46100 0.01630   -6.84891  1.000 19.35000 ? 5   ASN   A N   1 
ATOM   37   C CA  . ASN   A 1 5   ? -12.52100 -1.33650  -7.39068  1.000 18.37000 ? 5   ASN   A CA  1 
ATOM   38   C C   . ASN   A 1 5   ? -11.69119 -1.47624  -8.65041  1.000 21.48000 ? 5   ASN   A C   1 
ATOM   39   O O   . ASN   A 1 5   ? -11.72376 -0.61399  -9.53018  1.000 22.59000 ? 5   ASN   A O   1 
ATOM   40   C CB  . ASN   A 1 5   ? -13.95834 -1.70185  -7.74803  1.000 21.63000 ? 5   ASN   A CB  1 
ATOM   41   C CG  . ASN   A 1 5   ? -14.68870 -2.30605  -6.60910  1.000 15.55000 ? 5   ASN   A CG  1 
ATOM   42   O OD1 . ASN   A 1 5   ? -14.44402 -3.45551  -6.22408  1.000 20.98000 ? 5   ASN   A OD1 1 
ATOM   43   N ND2 . ASN   A 1 5   ? -15.60064 -1.53689  -6.05181  1.000 21.27000 ? 5   ASN   A ND2 1 
ATOM   44   N N   . GLY   A 1 6   ? -11.01159 -2.59854  -8.77372  1.000 18.83000 ? 6   GLY   A N   1 
ATOM   45   C CA  . GLY   A 1 6   ? -10.43483 -2.93512  -10.05981 1.000 22.55000 ? 6   GLY   A CA  1 
ATOM   46   C C   . GLY   A 1 6   ? -9.14691  -3.71587  -9.92869  1.000 23.42000 ? 6   GLY   A C   1 
ATOM   47   O O   . GLY   A 1 6   ? -8.59452  -3.89960  -8.84729  1.000 19.95000 ? 6   GLY   A O   1 
ATOM   48   N N   . THR   A 1 7   ? -8.67629  -4.17765  -11.08372 1.000 22.11000 ? 7   THR   A N   1 
ATOM   49   C CA  . THR   A 1 7   ? -7.33017  -4.70110  -11.24939 1.000 21.52000 ? 7   THR   A CA  1 
ATOM   50   C C   . THR   A 1 7   ? -6.47844  -3.56273  -11.78855 1.000 23.36000 ? 7   THR   A C   1 
ATOM   51   O O   . THR   A 1 7   ? -6.79999  -2.98981  -12.83272 1.000 22.64000 ? 7   THR   A O   1 
ATOM   52   C CB  . THR   A 1 7   ? -7.32570  -5.89804  -12.20089 1.000 25.58000 ? 7   THR   A CB  1 
ATOM   53   O OG1 . THR   A 1 7   ? -8.21974  -6.90651  -11.70728 1.000 25.41000 ? 7   THR   A OG1 1 
ATOM   54   C CG2 . THR   A 1 7   ? -5.93619  -6.48680  -12.32917 1.000 28.13000 ? 7   THR   A CG2 1 
ATOM   55   N N   . TRP   A 1 8   ? -5.42377  -3.21384  -11.05966 1.000 22.41000 ? 8   TRP   A N   1 
ATOM   56   C CA  . TRP   A 1 8   ? -4.62707  -2.03047  -11.33960 1.000 20.38000 ? 8   TRP   A CA  1 
ATOM   57   C C   . TRP   A 1 8   ? -3.20945  -2.46082  -11.68286 1.000 19.95000 ? 8   TRP   A C   1 
ATOM   58   O O   . TRP   A 1 8   ? -2.57814  -3.19326  -10.91391 1.000 21.03000 ? 8   TRP   A O   1 
ATOM   59   C CB  . TRP   A 1 8   ? -4.62121  -1.08525  -10.13215 1.000 20.29000 ? 8   TRP   A CB  1 
ATOM   60   C CG  . TRP   A 1 8   ? -5.98899  -0.60908  -9.69992  1.000 17.58000 ? 8   TRP   A CG  1 
ATOM   61   C CD1 . TRP   A 1 8   ? -6.79331  -1.16096  -8.72487  1.000 17.27000 ? 8   TRP   A CD1 1 
ATOM   62   C CD2 . TRP   A 1 8   ? -6.71129  0.51025   -10.22814 1.000 16.29000 ? 8   TRP   A CD2 1 
ATOM   63   N NE1 . TRP   A 1 8   ? -7.96384  -0.43783  -8.62370  1.000 15.97000 ? 8   TRP   A NE1 1 
ATOM   64   C CE2 . TRP   A 1 8   ? -7.93502  0.58936   -9.53473  1.000 17.59000 ? 8   TRP   A CE2 1 
ATOM   65   C CE3 . TRP   A 1 8   ? -6.43298  1.46307   -11.22145 1.000 19.71000 ? 8   TRP   A CE3 1 
ATOM   66   C CZ2 . TRP   A 1 8   ? -8.87810  1.58278   -9.80189  1.000 20.73000 ? 8   TRP   A CZ2 1 
ATOM   67   C CZ3 . TRP   A 1 8   ? -7.37140  2.45197   -11.47666 1.000 20.80000 ? 8   TRP   A CZ3 1 
ATOM   68   C CH2 . TRP   A 1 8   ? -8.57871  2.50045   -10.77060 1.000 21.94000 ? 8   TRP   A CH2 1 
ATOM   69   N N   . GLU   A 1 9   ? -2.72405  -2.03231  -12.84634 1.000 19.22000 ? 9   GLU   A N   1 
ATOM   70   C CA  . GLU   A 1 9   ? -1.40245  -2.41164  -13.32706 1.000 18.02000 ? 9   GLU   A CA  1 
ATOM   71   C C   . GLU   A 1 9   ? -0.46670  -1.21348  -13.22556 1.000 17.25000 ? 9   GLU   A C   1 
ATOM   72   O O   . GLU   A 1 9   ? -0.79513  -0.11427  -13.68525 1.000 19.39000 ? 9   GLU   A O   1 
ATOM   73   C CB  . GLU   A 1 9   ? -1.47096  -2.92037  -14.77171 1.000 20.53000 ? 9   GLU   A CB  1 
ATOM   74   C CG  . GLU   A 1 9   ? -2.52796  -3.98161  -14.97574 1.000 28.98000 ? 9   GLU   A CG  1 
ATOM   75   C CD  . GLU   A 1 9   ? -2.30630  -4.78898  -16.23909 1.000 46.68000 ? 9   GLU   A CD  1 
ATOM   76   O OE1 . GLU   A 1 9   ? -2.16655  -6.02746  -16.13462 1.000 54.54000 ? 9   GLU   A OE1 1 
ATOM   77   O OE2 . GLU   A 1 9   ? -2.25422  -4.18421  -17.33200 1.000 50.07000 ? 9   GLU   A OE2 1 
ATOM   78   N N   . MET   A 1 10  ? 0.69334   -1.43472  -12.62063 1.000 16.13000 ? 10  MET   A N   1 
ATOM   79   C CA  . MET   A 1 10  ? 1.59468   -0.32510  -12.35496 1.000 17.85000 ? 10  MET   A CA  1 
ATOM   80   C C   . MET   A 1 10  ? 2.06335   0.31881   -13.65241 1.000 21.04000 ? 10  MET   A C   1 
ATOM   81   O O   . MET   A 1 10  ? 2.46614   -0.36019  -14.60604 1.000 20.16000 ? 10  MET   A O   1 
ATOM   82   C CB  . MET   A 1 10  ? 2.78883   -0.81361  -11.53558 1.000 20.15000 ? 10  MET   A CB  1 
ATOM   83   C CG  . MET   A 1 10  ? 3.98895   0.11827   -11.55599 1.000 22.29000 ? 10  MET   A CG  1 
ATOM   84   S SD  . MET   A 1 10  ? 5.21545   -0.41028  -10.34708 1.000 23.05000 ? 10  MET   A SD  1 
ATOM   85   C CE  . MET   A 1 10  ? 4.44869   0.14769   -8.83931  1.000 22.04000 ? 10  MET   A CE  1 
ATOM   86   N N   . GLU   A 1 11  ? 1.99831   1.64340   -13.69510 1.000 16.67000 ? 11  GLU   A N   1 
ATOM   87   C CA  . GLU   A 1 11  ? 2.65217   2.35906   -14.76931 1.000 17.22000 ? 11  GLU   A CA  1 
ATOM   88   C C   . GLU   A 1 11  ? 3.79391   3.24926   -14.30963 1.000 18.62000 ? 11  GLU   A C   1 
ATOM   89   O O   . GLU   A 1 11  ? 4.66865   3.53846   -15.12900 1.000 18.75000 ? 11  GLU   A O   1 
ATOM   90   C CB  . GLU   A 1 11  ? 1.63581   3.17399   -15.58292 1.000 28.14000 ? 11  GLU   A CB  1 
ATOM   91   C CG  . GLU   A 1 11  ? 1.04666   4.37908   -14.92580 1.000 31.62000 ? 11  GLU   A CG  1 
ATOM   92   C CD  . GLU   A 1 11  ? 0.21138   5.18661   -15.91889 1.000 34.37000 ? 11  GLU   A CD  1 
ATOM   93   O OE1 . GLU   A 1 11  ? -0.53435  4.56962   -16.71146 1.000 35.93000 ? 11  GLU   A OE1 1 
ATOM   94   O OE2 . GLU   A 1 11  ? 0.31834   6.43126   -15.91828 1.000 38.62000 ? 11  GLU   A OE2 1 
ATOM   95   N N   . SER   A 1 12  ? 3.85823   3.62612   -13.02717 1.000 16.75000 ? 12  SER   A N   1 
ATOM   96   C CA  . SER   A 1 12  ? 4.95302   4.46185   -12.54123 1.000 16.83000 ? 12  SER   A CA  1 
ATOM   97   C C   . SER   A 1 12  ? 5.26898   4.11705   -11.09093 1.000 18.26000 ? 12  SER   A C   1 
ATOM   98   O O   . SER   A 1 12  ? 4.35732   3.86240   -10.30552 1.000 18.33000 ? 12  SER   A O   1 
ATOM   99   C CB  . SER   A 1 12  ? 4.59396   5.94804   -12.66565 1.000 20.85000 ? 12  SER   A CB  1 
ATOM   100  O OG  . SER   A 1 12  ? 5.67420   6.77751   -12.29603 1.000 26.17000 ? 12  SER   A OG  1 
ATOM   101  N N   . ASN   A 1 13  ? 6.55711   4.13481   -10.74233 1.000 18.80000 ? 13  ASN   A N   1 
ATOM   102  C CA  . ASN   A 1 13  ? 7.03451   3.79059   -9.40010  1.000 17.16000 ? 13  ASN   A CA  1 
ATOM   103  C C   . ASN   A 1 13  ? 8.21136   4.69682   -9.08048  1.000 20.36000 ? 13  ASN   A C   1 
ATOM   104  O O   . ASN   A 1 13  ? 9.20614   4.70199   -9.81241  1.000 21.52000 ? 13  ASN   A O   1 
ATOM   105  C CB  . ASN   A 1 13  ? 7.46292   2.31913   -9.33856  1.000 18.20000 ? 13  ASN   A CB  1 
ATOM   106  C CG  . ASN   A 1 13  ? 7.49157   1.75015   -7.91502  1.000 22.77000 ? 13  ASN   A CG  1 
ATOM   107  O OD1 . ASN   A 1 13  ? 7.00702   2.36419   -6.96943  1.000 20.63000 ? 13  ASN   A OD1 1 
ATOM   108  N ND2 . ASN   A 1 13  ? 8.04381   0.54712   -7.77915  1.000 23.57000 ? 13  ASN   A ND2 1 
ATOM   109  N N   . GLU   A 1 14  ? 8.11339   5.45030   -7.99347  1.000 19.02000 ? 14  GLU   A N   1 
ATOM   110  C CA  . GLU   A 1 14  ? 9.13765   6.42076   -7.63092  1.000 16.89000 ? 14  GLU   A CA  1 
ATOM   111  C C   . GLU   A 1 14  ? 9.52796   6.22389   -6.17073  1.000 21.85000 ? 14  GLU   A C   1 
ATOM   112  O O   . GLU   A 1 14  ? 8.65690   6.15615   -5.30028  1.000 21.12000 ? 14  GLU   A O   1 
ATOM   113  C CB  . GLU   A 1 14  ? 8.63859   7.85102   -7.85665  1.000 23.38000 ? 14  GLU   A CB  1 
ATOM   114  C CG  . GLU   A 1 14  ? 9.60568   8.91659   -7.35174  1.000 32.74000 ? 14  GLU   A CG  1 
ATOM   115  C CD  . GLU   A 1 14  ? 9.00970   10.31651  -7.36332  1.000 36.34000 ? 14  GLU   A CD  1 
ATOM   116  O OE1 . GLU   A 1 14  ? 9.72745   11.26269  -6.97576  1.000 42.02000 ? 14  GLU   A OE1 1 
ATOM   117  O OE2 . GLU   A 1 14  ? 7.83355   10.47548  -7.76321  1.000 37.31000 ? 14  GLU   A OE2 1 
ATOM   118  N N   . ASN   A 1 15  ? 10.83425  6.12390   -5.91601  1.000 19.30000 ? 15  ASN   A N   1 
ATOM   119  C CA  . ASN   A 1 15  ? 11.39637  5.97185   -4.57222  1.000 20.21000 ? 15  ASN   A CA  1 
ATOM   120  C C   . ASN   A 1 15  ? 10.89434  4.72121   -3.85570  1.000 22.09000 ? 15  ASN   A C   1 
ATOM   121  O O   . ASN   A 1 15  ? 10.81655  4.69286   -2.62877  1.000 20.77000 ? 15  ASN   A O   1 
ATOM   122  C CB  . ASN   A 1 15  ? 11.13110  7.19642   -3.69673  1.000 20.06000 ? 15  ASN   A CB  1 
ATOM   123  C CG  . ASN   A 1 15  ? 12.05041  7.24073   -2.48951  1.000 20.82000 ? 15  ASN   A CG  1 
ATOM   124  O OD1 . ASN   A 1 15  ? 13.16522  6.68868   -2.52425  1.000 23.36000 ? 15  ASN   A OD1 1 
ATOM   125  N ND2 . ASN   A 1 15  ? 11.59481  7.88002   -1.41215  1.000 21.93000 ? 15  ASN   A ND2 1 
ATOM   126  N N   . PHE   A 1 16  ? 10.57809  3.66144   -4.59512  1.000 18.40000 ? 16  PHE   A N   1 
ATOM   127  C CA  . PHE   A 1 16  ? 10.21196  2.40909   -3.93868  1.000 19.74000 ? 16  PHE   A CA  1 
ATOM   128  C C   . PHE   A 1 16  ? 11.34736  1.90029   -3.04759  1.000 23.31000 ? 16  PHE   A C   1 
ATOM   129  O O   . PHE   A 1 16  ? 11.10525  1.37139   -1.95307  1.000 19.70000 ? 16  PHE   A O   1 
ATOM   130  C CB  . PHE   A 1 16  ? 9.82937   1.37596   -5.00474  1.000 20.62000 ? 16  PHE   A CB  1 
ATOM   131  C CG  . PHE   A 1 16  ? 9.21589   0.12007   -4.45705  1.000 18.92000 ? 16  PHE   A CG  1 
ATOM   132  C CD1 . PHE   A 1 16  ? 8.08530   0.17228   -3.66505  1.000 21.61000 ? 16  PHE   A CD1 1 
ATOM   133  C CD2 . PHE   A 1 16  ? 9.76379   -1.11907  -4.76027  1.000 18.98000 ? 16  PHE   A CD2 1 
ATOM   134  C CE1 . PHE   A 1 16  ? 7.51549   -0.98951  -3.16863  1.000 23.94000 ? 16  PHE   A CE1 1 
ATOM   135  C CE2 . PHE   A 1 16  ? 9.19710   -2.28445  -4.27561  1.000 22.28000 ? 16  PHE   A CE2 1 
ATOM   136  C CZ  . PHE   A 1 16  ? 8.08076   -2.22394  -3.47634  1.000 23.23000 ? 16  PHE   A CZ  1 
ATOM   137  N N   . GLU   A 1 17  ? 12.60105  2.05134   -3.49043  1.000 22.11000 ? 17  GLU   A N   1 
ATOM   138  C CA  . GLU   A 1 17  ? 13.69695  1.53679   -2.66684  1.000 25.00000 ? 17  GLU   A CA  1 
ATOM   139  C C   . GLU   A 1 17  ? 13.86076  2.34529   -1.38172  1.000 22.04000 ? 17  GLU   A C   1 
ATOM   140  O O   . GLU   A 1 17  ? 14.17643  1.78258   -0.32462  1.000 23.22000 ? 17  GLU   A O   1 
ATOM   141  C CB  . GLU   A 1 17  ? 15.01879  1.49621   -3.44411  1.000 26.27000 ? 17  GLU   A CB  1 
ATOM   142  C CG  . GLU   A 1 17  ? 16.13818  0.91040   -2.57503  1.000 31.54000 ? 17  GLU   A CG  1 
ATOM   143  C CD  . GLU   A 1 17  ? 17.32809  0.36276   -3.34754  1.000 42.47000 ? 17  GLU   A CD  1 
ATOM   144  O OE1 . GLU   A 1 17  ? 17.45901  0.65670   -4.55612  1.000 39.49000 ? 17  GLU   A OE1 1 
ATOM   145  O OE2 . GLU   A 1 17  ? 18.14401  -0.36039  -2.72694  1.000 38.57000 ? 17  GLU   A OE2 1 
ATOM   146  N N   . GLY   A 1 18  ? 13.64946  3.65993   -1.43889  1.000 22.68000 ? 18  GLY   A N   1 
ATOM   147  C CA  . GLY   A 1 18  ? 13.76955  4.45298   -0.22503  1.000 22.03000 ? 18  GLY   A CA  1 
ATOM   148  C C   . GLY   A 1 18  ? 12.76620  4.02896   0.82613   1.000 21.78000 ? 18  GLY   A C   1 
ATOM   149  O O   . GLY   A 1 18  ? 13.09150  3.92873   2.01606   1.000 24.01000 ? 18  GLY   A O   1 
ATOM   150  N N   . TRP   A 1 19  ? 11.52999  3.76536   0.39674   1.000 19.29000 ? 19  TRP   A N   1 
ATOM   151  C CA  . TRP   A 1 19  ? 10.50936  3.26683   1.31357   1.000 18.85000 ? 19  TRP   A CA  1 
ATOM   152  C C   . TRP   A 1 19  ? 10.90943  1.91474   1.90079   1.000 19.37000 ? 19  TRP   A C   1 
ATOM   153  O O   . TRP   A 1 19  ? 10.78305  1.69226   3.11150   1.000 17.99000 ? 19  TRP   A O   1 
ATOM   154  C CB  . TRP   A 1 19  ? 9.17080   3.20124   0.57014   1.000 17.08000 ? 19  TRP   A CB  1 
ATOM   155  C CG  . TRP   A 1 19  ? 8.05525   2.53781   1.30753   1.000 16.71000 ? 19  TRP   A CG  1 
ATOM   156  C CD1 . TRP   A 1 19  ? 7.27898   3.07972   2.30340   1.000 16.64000 ? 19  TRP   A CD1 1 
ATOM   157  C CD2 . TRP   A 1 19  ? 7.56383   1.21154   1.09408   1.000 21.97000 ? 19  TRP   A CD2 1 
ATOM   158  N NE1 . TRP   A 1 19  ? 6.34962   2.15882   2.73001   1.000 20.22000 ? 19  TRP   A NE1 1 
ATOM   159  C CE2 . TRP   A 1 19  ? 6.51038   1.00307   2.00843   1.000 22.17000 ? 19  TRP   A CE2 1 
ATOM   160  C CE3 . TRP   A 1 19  ? 7.93408   0.16758   0.24226   1.000 19.80000 ? 19  TRP   A CE3 1 
ATOM   161  C CZ2 . TRP   A 1 19  ? 5.81149   -0.19912  2.07548   1.000 21.36000 ? 19  TRP   A CZ2 1 
ATOM   162  C CZ3 . TRP   A 1 19  ? 7.23760   -1.01940  0.30650   1.000 23.09000 ? 19  TRP   A CZ3 1 
ATOM   163  C CH2 . TRP   A 1 19  ? 6.18893   -1.19592  1.21851   1.000 20.64000 ? 19  TRP   A CH2 1 
ATOM   164  N N   . MET   A 1 20  ? 11.41859  1.00233   1.06774   1.000 17.27000 ? 20  MET   A N   1 
ATOM   165  C CA  . MET   A 1 20  ? 11.81042  -0.31280  1.57635   1.000 19.84000 ? 20  MET   A CA  1 
ATOM   166  C C   . MET   A 1 20  ? 12.97499  -0.21342  2.56109   1.000 18.10000 ? 20  MET   A C   1 
ATOM   167  O O   . MET   A 1 20  ? 13.02811  -0.95214  3.55688   1.000 19.71000 ? 20  MET   A O   1 
ATOM   168  C CB  . MET   A 1 20  ? 12.18450  -1.23381  0.41628   1.000 20.02000 ? 20  MET   A CB  1 
ATOM   169  C CG  . MET   A 1 20  ? 10.99370  -1.78332  -0.35663  1.000 17.97000 ? 20  MET   A CG  1 
ATOM   170  S SD  . MET   A 1 20  ? 11.55572  -3.09412  -1.45050  1.000 21.93000 ? 20  MET   A SD  1 
ATOM   171  C CE  . MET   A 1 20  ? 12.39966  -2.14509  -2.72852  1.000 24.55000 ? 20  MET   A CE  1 
ATOM   172  N N   . LYS   A 1 21  ? 13.94450  0.65881   2.27429   1.000 21.58000 ? 21  LYS   A N   1 
ATOM   173  C CA  . LYS   A 1 21  ? 15.05822  0.83399   3.19982   1.000 24.96000 ? 21  LYS   A CA  1 
ATOM   174  C C   . LYS   A 1 21  ? 14.56938  1.37396   4.53612   1.000 26.58000 ? 21  LYS   A C   1 
ATOM   175  O O   . LYS   A 1 21  ? 15.06302  0.96892   5.59984   1.000 24.34000 ? 21  LYS   A O   1 
ATOM   176  C CB  . LYS   A 1 21  ? 16.10860  1.76112   2.58373   1.000 26.65000 ? 21  LYS   A CB  1 
ATOM   177  C CG  . LYS   A 1 21  ? 17.51872  1.51179   3.09577   1.000 32.86000 ? 21  LYS   A CG  1 
ATOM   178  C CD  . LYS   A 1 21  ? 18.56858  2.12339   2.18572   1.000 34.65000 ? 21  LYS   A CD  1 
ATOM   179  C CE  . LYS   A 1 21  ? 19.85246  2.41025   2.95926   1.000 39.41000 ? 21  LYS   A CE  1 
ATOM   180  N NZ  . LYS   A 1 21  ? 21.02385  2.61185   2.05873   1.000 41.57000 ? 21  LYS   A NZ  1 
ATOM   181  N N   . ALA   A 1 22  ? 13.58481  2.27815   4.50567   1.000 20.83000 ? 22  ALA   A N   1 
ATOM   182  C CA  . ALA   A 1 22  ? 13.06003  2.82493   5.75332   1.000 20.88000 ? 22  ALA   A CA  1 
ATOM   183  C C   . ALA   A 1 22  ? 12.40314  1.74924   6.60458   1.000 21.96000 ? 22  ALA   A C   1 
ATOM   184  O O   . ALA   A 1 22  ? 12.34108  1.88415   7.82939   1.000 24.61000 ? 22  ALA   A O   1 
ATOM   185  C CB  . ALA   A 1 22  ? 12.06877  3.95061   5.46580   1.000 22.56000 ? 22  ALA   A CB  1 
ATOM   186  N N   . LEU   A 1 23  ? 11.92741  0.67398   5.98389   1.000 21.54000 ? 23  LEU   A N   1 
ATOM   187  C CA  . LEU   A 1 23  ? 11.35493  -0.46404  6.69178   1.000 21.90000 ? 23  LEU   A CA  1 
ATOM   188  C C   . LEU   A 1 23  ? 12.38956  -1.51313  7.06485   1.000 19.83000 ? 23  LEU   A C   1 
ATOM   189  O O   . LEU   A 1 23  ? 12.03736  -2.52225  7.69461   1.000 20.09000 ? 23  LEU   A O   1 
ATOM   190  C CB  . LEU   A 1 23  ? 10.26907  -1.12040  5.83359   1.000 19.40000 ? 23  LEU   A CB  1 
ATOM   191  C CG  . LEU   A 1 23  ? 9.01292   -0.28820  5.64685   1.000 18.28000 ? 23  LEU   A CG  1 
ATOM   192  C CD1 . LEU   A 1 23  ? 8.16100   -0.87014  4.52670   1.000 23.85000 ? 23  LEU   A CD1 1 
ATOM   193  C CD2 . LEU   A 1 23  ? 8.21881   -0.26222  6.94665   1.000 21.66000 ? 23  LEU   A CD2 1 
ATOM   194  N N   . ASP   A 1 24  ? 13.65162  -1.30145  6.68589   1.000 22.75000 ? 24  ASP   A N   1 
ATOM   195  C CA  . ASP   A 1 24  ? 14.75646  -2.19417  7.02873   1.000 23.25000 ? 24  ASP   A CA  1 
ATOM   196  C C   . ASP   A 1 24  ? 14.69724  -3.50475  6.25992   1.000 24.86000 ? 24  ASP   A C   1 
ATOM   197  O O   . ASP   A 1 24  ? 15.22936  -4.52175  6.70603   1.000 26.35000 ? 24  ASP   A O   1 
ATOM   198  C CB  . ASP   A 1 24  ? 14.81136  -2.45769  8.53900   1.000 20.66000 ? 24  ASP   A CB  1 
ATOM   199  C CG  . ASP   A 1 24  ? 14.77316  -1.17385  9.34389   1.000 24.39000 ? 24  ASP   A CG  1 
ATOM   200  O OD1 . ASP   A 1 24  ? 15.43750  -0.19270  8.93714   1.000 26.04000 ? 24  ASP   A OD1 1 
ATOM   201  O OD2 . ASP   A 1 24  ? 14.06542  -1.13858  10.37377  1.000 24.08000 ? 24  ASP   A OD2 1 
ATOM   202  N N   . ILE   A 1 25  ? 14.06964  -3.49399  5.08205   1.000 19.06000 ? 25  ILE   A N   1 
ATOM   203  C CA  . ILE   A 1 25  ? 14.12383  -4.67154  4.23585   1.000 22.68000 ? 25  ILE   A CA  1 
ATOM   204  C C   . ILE   A 1 25  ? 15.56674  -4.90242  3.79309   1.000 18.34000 ? 25  ILE   A C   1 
ATOM   205  O O   . ILE   A 1 25  ? 16.29251  -3.96007  3.45313   1.000 24.39000 ? 25  ILE   A O   1 
ATOM   206  C CB  . ILE   A 1 25  ? 13.16664  -4.49725  3.04606   1.000 21.89000 ? 25  ILE   A CB  1 
ATOM   207  C CG1 . ILE   A 1 25  ? 11.74685  -4.25118  3.57104   1.000 29.09000 ? 25  ILE   A CG1 1 
ATOM   208  C CG2 . ILE   A 1 25  ? 13.22579  -5.71574  2.12934   1.000 23.39000 ? 25  ILE   A CG2 1 
ATOM   209  C CD1 . ILE   A 1 25  ? 10.73783  -3.91119  2.50167   1.000 27.50000 ? 25  ILE   A CD1 1 
ATOM   210  N N   . ASP   A 1 26  ? 15.98863  -6.16321  3.81358   1.000 23.63000 ? 26  ASP   A N   1 
ATOM   211  C CA  . ASP   A 1 26  ? 17.38797  -6.49701  3.59890   1.000 26.19000 ? 26  ASP   A CA  1 
ATOM   212  C C   . ASP   A 1 26  ? 17.81901  -6.17084  2.17077   1.000 27.40000 ? 26  ASP   A C   1 
ATOM   213  O O   . ASP   A 1 26  ? 17.00326  -6.05208  1.25018   1.000 26.63000 ? 26  ASP   A O   1 
ATOM   214  C CB  . ASP   A 1 26  ? 17.63929  -7.97803  3.88615   1.000 29.98000 ? 26  ASP   A CB  1 
ATOM   215  C CG  . ASP   A 1 26  ? 16.87216  -8.88422  2.94694   1.000 36.09000 ? 26  ASP   A CG  1 
ATOM   216  O OD1 . ASP   A 1 26  ? 15.67270  -9.13334  3.20896   1.000 36.80000 ? 26  ASP   A OD1 1 
ATOM   217  O OD2 . ASP   A 1 26  ? 17.46228  -9.31850  1.93112   1.000 30.49000 ? 26  ASP   A OD2 1 
ATOM   218  N N   . PHE   A 1 27  ? 19.13734  -6.05202  1.99531   1.000 28.98000 ? 27  PHE   A N   1 
ATOM   219  C CA  . PHE   A 1 27  ? 19.70275  -5.63309  0.71612   1.000 27.79000 ? 27  PHE   A CA  1 
ATOM   220  C C   . PHE   A 1 27  ? 19.23852  -6.53249  -0.42337  1.000 26.10000 ? 27  PHE   A C   1 
ATOM   221  O O   . PHE   A 1 27  ? 18.79323  -6.04465  -1.46840  1.000 25.05000 ? 27  PHE   A O   1 
ATOM   222  C CB  . PHE   A 1 27  ? 21.23214  -5.62017  0.82092   1.000 31.75000 ? 27  PHE   A CB  1 
ATOM   223  C CG  . PHE   A 1 27  ? 21.94289  -5.27969  -0.46216  1.000 33.40000 ? 27  PHE   A CG  1 
ATOM   224  C CD1 . PHE   A 1 27  ? 22.19139  -3.95971  -0.80778  1.000 31.62000 ? 27  PHE   A CD1 1 
ATOM   225  C CD2 . PHE   A 1 27  ? 22.39053  -6.28147  -1.30848  1.000 32.16000 ? 27  PHE   A CD2 1 
ATOM   226  C CE1 . PHE   A 1 27  ? 22.86242  -3.64143  -1.97827  1.000 36.89000 ? 27  PHE   A CE1 1 
ATOM   227  C CE2 . PHE   A 1 27  ? 23.05829  -5.97095  -2.48640  1.000 34.71000 ? 27  PHE   A CE2 1 
ATOM   228  C CZ  . PHE   A 1 27  ? 23.29646  -4.64652  -2.81920  1.000 31.04000 ? 27  PHE   A CZ  1 
ATOM   229  N N   . ALA   A 1 28  ? 19.33208  -7.85255  -0.24688  1.000 25.42000 ? 28  ALA   A N   1 
ATOM   230  C CA  . ALA   A 1 28  ? 19.01619  -8.75474  -1.35182  1.000 25.77000 ? 28  ALA   A CA  1 
ATOM   231  C C   . ALA   A 1 28  ? 17.56594  -8.59503  -1.79781  1.000 22.61000 ? 28  ALA   A C   1 
ATOM   232  O O   . ALA   A 1 28  ? 17.28463  -8.45008  -2.99202  1.000 22.88000 ? 28  ALA   A O   1 
ATOM   233  C CB  . ALA   A 1 28  ? 19.31256  -10.20269 -0.95896  1.000 27.20000 ? 28  ALA   A CB  1 
ATOM   234  N N   . THR   A 1 29  ? 16.63052  -8.59557  -0.84518  1.000 22.50000 ? 29  THR   A N   1 
ATOM   235  C CA  . THR   A 1 29  ? 15.21674  -8.43157  -1.17678  1.000 24.34000 ? 29  THR   A CA  1 
ATOM   236  C C   . THR   A 1 29  ? 14.95742  -7.09529  -1.86643  1.000 24.92000 ? 29  THR   A C   1 
ATOM   237  O O   . THR   A 1 29  ? 14.22491  -7.03362  -2.86303  1.000 22.14000 ? 29  THR   A O   1 
ATOM   238  C CB  . THR   A 1 29  ? 14.37747  -8.54851  0.09544   1.000 24.24000 ? 29  THR   A CB  1 
ATOM   239  O OG1 . THR   A 1 29  ? 14.59851  -9.83510  0.69229   1.000 25.20000 ? 29  THR   A OG1 1 
ATOM   240  C CG2 . THR   A 1 29  ? 12.90194  -8.38198  -0.22292  1.000 24.76000 ? 29  THR   A CG2 1 
ATOM   241  N N   . ARG   A 1 30  ? 15.54717  -6.01473  -1.34391  1.000 21.56000 ? 30  ARG   A N   1 
ATOM   242  C CA  . ARG   A 1 30  ? 15.36497  -4.69133  -1.93004  1.000 23.38000 ? 30  ARG   A CA  1 
ATOM   243  C C   . ARG   A 1 30  ? 15.85702  -4.65215  -3.36728  1.000 23.12000 ? 30  ARG   A C   1 
ATOM   244  O O   . ARG   A 1 30  ? 15.19726  -4.08930  -4.24916  1.000 24.85000 ? 30  ARG   A O   1 
ATOM   245  C CB  . ARG   A 1 30  ? 16.11385  -3.64196  -1.10850  1.000 26.19000 ? 30  ARG   A CB  1 
ATOM   246  C CG  . ARG   A 1 30  ? 15.45959  -3.25477  0.18350   1.000 25.89000 ? 30  ARG   A CG  1 
ATOM   247  C CD  . ARG   A 1 30  ? 15.97757  -1.90063  0.67812   1.000 27.48000 ? 30  ARG   A CD  1 
ATOM   248  N NE  . ARG   A 1 30  ? 17.30623  -1.56320  0.16718   1.000 33.59000 ? 30  ARG   A NE  1 
ATOM   249  C CZ  . ARG   A 1 30  ? 18.44764  -1.82907  0.80108   1.000 28.53000 ? 30  ARG   A CZ  1 
ATOM   250  N NH1 . ARG   A 1 30  ? 18.43709  -2.45000  1.97176   1.000 28.49000 ? 30  ARG   A NH1 1 
ATOM   251  N NH2 . ARG   A 1 30  ? 19.60627  -1.47771  0.25998   1.000 41.06000 ? 30  ARG   A NH2 1 
ATOM   252  N N   . LYS   A 1 31  ? 17.04227  -5.20930  -3.61637  1.000 22.02000 ? 31  LYS   A N   1 
ATOM   253  C CA  . LYS   A 1 31  ? 17.62684  -5.10705  -4.94934  1.000 25.54000 ? 31  LYS   A CA  1 
ATOM   254  C C   . LYS   A 1 31  ? 16.80062  -5.84591  -5.99003  1.000 25.70000 ? 31  LYS   A C   1 
ATOM   255  O O   . LYS   A 1 31  ? 16.73963  -5.41078  -7.14643  1.000 25.00000 ? 31  LYS   A O   1 
ATOM   256  C CB  . LYS   A 1 31  ? 19.05712  -5.63948  -4.94191  1.000 28.13000 ? 31  LYS   A CB  1 
ATOM   257  C CG  . LYS   A 1 31  ? 20.07308  -4.69990  -4.30228  1.000 35.13000 ? 31  LYS   A CG  1 
ATOM   258  C CD  . LYS   A 1 31  ? 19.78195  -3.24406  -4.63539  1.000 34.18000 ? 31  LYS   A CD  1 
ATOM   259  C CE  . LYS   A 1 31  ? 20.28683  -2.31358  -3.53456  1.000 41.59000 ? 31  LYS   A CE  1 
ATOM   260  N NZ  . LYS   A 1 31  ? 20.40749  -0.89774  -3.99389  1.000 42.47000 ? 31  LYS   A NZ  1 
ATOM   261  N N   . ILE   A 1 32  ? 16.17825  -6.96609  -5.61492  1.000 21.70000 ? 32  ILE   A N   1 
ATOM   262  C CA  . ILE   A 1 32  ? 15.28362  -7.65096  -6.54372  1.000 23.36000 ? 32  ILE   A CA  1 
ATOM   263  C C   . ILE   A 1 32  ? 13.96910  -6.89560  -6.66812  1.000 22.84000 ? 32  ILE   A C   1 
ATOM   264  O O   . ILE   A 1 32  ? 13.48500  -6.63208  -7.77486  1.000 23.74000 ? 32  ILE   A O   1 
ATOM   265  C CB  . ILE   A 1 32  ? 15.04871  -9.10566  -6.09851  1.000 22.85000 ? 32  ILE   A CB  1 
ATOM   266  C CG1 . ILE   A 1 32  ? 16.37035  -9.88346  -6.05480  1.000 29.31000 ? 32  ILE   A CG1 1 
ATOM   267  C CG2 . ILE   A 1 32  ? 14.03370  -9.79515  -7.02077  1.000 25.82000 ? 32  ILE   A CG2 1 
ATOM   268  C CD1 . ILE   A 1 32  ? 17.28684  -9.62003  -7.22518  1.000 27.74000 ? 32  ILE   A CD1 1 
ATOM   269  N N   . ALA   A 1 33  ? 13.37826  -6.52031  -5.52856  1.000 20.44000 ? 33  ALA   A N   1 
ATOM   270  C CA  . ALA   A 1 33  ? 12.02388  -5.98517  -5.54114  1.000 19.78000 ? 33  ALA   A CA  1 
ATOM   271  C C   . ALA   A 1 33  ? 11.92121  -4.66369  -6.29160  1.000 20.47000 ? 33  ALA   A C   1 
ATOM   272  O O   . ALA   A 1 33  ? 10.88004  -4.38386  -6.89373  1.000 20.28000 ? 33  ALA   A O   1 
ATOM   273  C CB  . ALA   A 1 33  ? 11.52168  -5.82647  -4.09766  1.000 17.91000 ? 33  ALA   A CB  1 
ATOM   274  N N   . VAL   A 1 34  ? 12.97367  -3.83932  -6.25790  1.000 19.84000 ? 34  VAL   A N   1 
ATOM   275  C CA  . VAL   A 1 34  ? 12.91000  -2.51189  -6.86287  1.000 19.44000 ? 34  VAL   A CA  1 
ATOM   276  C C   . VAL   A 1 34  ? 12.77704  -2.59902  -8.37490  1.000 21.70000 ? 34  VAL   A C   1 
ATOM   277  O O   . VAL   A 1 34  ? 12.32131  -1.64648  -9.01275  1.000 23.36000 ? 34  VAL   A O   1 
ATOM   278  C CB  . VAL   A 1 34  ? 14.15385  -1.67453  -6.50245  1.000 22.49000 ? 34  VAL   A CB  1 
ATOM   279  C CG1 . VAL   A 1 34  ? 15.40471  -2.25357  -7.15590  1.000 25.12000 ? 34  VAL   A CG1 1 
ATOM   280  C CG2 . VAL   A 1 34  ? 13.94825  -0.21299  -6.87111  1.000 28.29000 ? 34  VAL   A CG2 1 
ATOM   281  N N   . ARG   A 1 35  ? 13.17074  -3.72416  -8.96561  1.000 19.78000 ? 35  ARG   A N   1 
ATOM   282  C CA  . ARG   A 1 35  ? 13.12987  -3.88923  -10.41214 1.000 19.26000 ? 35  ARG   A CA  1 
ATOM   283  C C   . ARG   A 1 35  ? 11.73014  -4.14255  -10.94831 1.000 20.07000 ? 35  ARG   A C   1 
ATOM   284  O O   . ARG   A 1 35  ? 11.49786  -3.99145  -12.14953 1.000 18.10000 ? 35  ARG   A O   1 
ATOM   285  C CB  . ARG   A 1 35  ? 14.00408  -5.07344  -10.81423 1.000 20.76000 ? 35  ARG   A CB  1 
ATOM   286  C CG  . ARG   A 1 35  ? 15.43502  -5.03719  -10.30545 1.000 26.46000 ? 35  ARG   A CG  1 
ATOM   287  C CD  . ARG   A 1 35  ? 16.06424  -6.40942  -10.50953 1.000 28.73000 ? 35  ARG   A CD  1 
ATOM   288  N NE  . ARG   A 1 35  ? 17.48323  -6.45198  -10.17375 1.000 33.79000 ? 35  ARG   A NE  1 
ATOM   289  C CZ  . ARG   A 1 35  ? 18.21853  -7.56117  -10.21570 1.000 30.02000 ? 35  ARG   A CZ  1 
ATOM   290  N NH1 . ARG   A 1 35  ? 19.50309  -7.52146  -9.89088  1.000 39.57000 ? 35  ARG   A NH1 1 
ATOM   291  N NH2 . ARG   A 1 35  ? 17.66469  -8.70949  -10.59075 1.000 32.13000 ? 35  ARG   A NH2 1 
ATOM   292  N N   . LEU   A 1 36  ? 10.79556  -4.54084  -10.10297 1.000 19.33000 ? 36  LEU   A N   1 
ATOM   293  C CA  . LEU   A 1 36  ? 9.63920   -5.29306  -10.55812 1.000 16.68000 ? 36  LEU   A CA  1 
ATOM   294  C C   . LEU   A 1 36  ? 8.39584   -4.44007  -10.76090 1.000 23.45000 ? 36  LEU   A C   1 
ATOM   295  O O   . LEU   A 1 36  ? 8.11342   -3.52101  -9.98456  1.000 23.14000 ? 36  LEU   A O   1 
ATOM   296  C CB  . LEU   A 1 36  ? 9.30500   -6.40137  -9.56242  1.000 21.44000 ? 36  LEU   A CB  1 
ATOM   297  C CG  . LEU   A 1 36  ? 10.44770  -7.36377  -9.27053  1.000 20.39000 ? 36  LEU   A CG  1 
ATOM   298  C CD1 . LEU   A 1 36  ? 9.97347   -8.38311  -8.24427  1.000 22.54000 ? 36  LEU   A CD1 1 
ATOM   299  C CD2 . LEU   A 1 36  ? 10.89610  -8.03877  -10.55264 1.000 28.01000 ? 36  LEU   A CD2 1 
ATOM   300  N N   . THR   A 1 37  ? 7.62253   -4.80417  -11.78042 1.000 17.85000 ? 37  THR   A N   1 
ATOM   301  C CA  . THR   A 1 37  ? 6.31973   -4.20762  -12.01720 1.000 19.42000 ? 37  THR   A CA  1 
ATOM   302  C C   . THR   A 1 37  ? 5.31501   -4.81975  -11.04892 1.000 21.34000 ? 37  THR   A C   1 
ATOM   303  O O   . THR   A 1 37  ? 5.39130   -6.01054  -10.73281 1.000 24.42000 ? 37  THR   A O   1 
ATOM   304  C CB  . THR   A 1 37  ? 5.88406   -4.44492  -13.46489 1.000 22.95000 ? 37  THR   A CB  1 
ATOM   305  O OG1 . THR   A 1 37  ? 6.80711   -3.79496  -14.35794 1.000 26.33000 ? 37  THR   A OG1 1 
ATOM   306  C CG2 . THR   A 1 37  ? 4.49823   -3.89125  -13.69588 1.000 24.09000 ? 37  THR   A CG2 1 
ATOM   307  N N   . GLN   A 1 38  ? 4.38251   -4.00364  -10.55665 1.000 18.40000 ? 38  GLN   A N   1 
ATOM   308  C CA  . GLN   A 1 38  ? 3.44384   -4.45450  -9.53825  1.000 20.10000 ? 38  GLN   A CA  1 
ATOM   309  C C   . GLN   A 1 38  ? 2.02044   -4.45975  -10.07708 1.000 18.56000 ? 38  GLN   A C   1 
ATOM   310  O O   . GLN   A 1 38  ? 1.68471   -3.74847  -11.02198 1.000 20.10000 ? 38  GLN   A O   1 
ATOM   311  C CB  . GLN   A 1 38  ? 3.51883   -3.56905  -8.28873  1.000 22.02000 ? 38  GLN   A CB  1 
ATOM   312  C CG  . GLN   A 1 38  ? 4.91854   -3.47862  -7.71250  1.000 23.03000 ? 38  GLN   A CG  1 
ATOM   313  C CD  . GLN   A 1 38  ? 5.01566   -2.53421  -6.53108  1.000 24.57000 ? 38  GLN   A CD  1 
ATOM   314  O OE1 . GLN   A 1 38  ? 4.01319   -2.19918  -5.89497  1.000 24.00000 ? 38  GLN   A OE1 1 
ATOM   315  N NE2 . GLN   A 1 38  ? 6.22846   -2.07923  -6.24440  1.000 22.86000 ? 38  GLN   A NE2 1 
ATOM   316  N N   . THR   A 1 39  ? 1.17917   -5.26730  -9.42953  1.000 19.59000 ? 39  THR   A N   1 
ATOM   317  C CA  . THR   A 1 39  ? -0.25484  -5.29332  -9.67091  1.000 20.65000 ? 39  THR   A CA  1 
ATOM   318  C C   . THR   A 1 39  ? -0.96489  -5.11622  -8.33812  1.000 20.97000 ? 39  THR   A C   1 
ATOM   319  O O   . THR   A 1 39  ? -0.50076  -5.61226  -7.30897  1.000 25.62000 ? 39  THR   A O   1 
ATOM   320  C CB  . THR   A 1 39  ? -0.69075  -6.60797  -10.32776 1.000 26.11000 ? 39  THR   A CB  1 
ATOM   321  O OG1 . THR   A 1 39  ? 0.02105   -6.77294  -11.56088 1.000 29.44000 ? 39  THR   A OG1 1 
ATOM   322  C CG2 . THR   A 1 39  ? -2.18217  -6.59183  -10.60930 1.000 24.73000 ? 39  THR   A CG2 1 
ATOM   323  N N   . LEU   A 1 40  ? -2.06987  -4.37997  -8.35668  1.000 19.26000 ? 40  LEU   A N   1 
ATOM   324  C CA  . LEU   A 1 40  ? -2.88233  -4.14509  -7.16517  1.000 18.38000 ? 40  LEU   A CA  1 
ATOM   325  C C   . LEU   A 1 40  ? -4.30839  -4.52083  -7.52675  1.000 20.39000 ? 40  LEU   A C   1 
ATOM   326  O O   . LEU   A 1 40  ? -4.87300  -3.96173  -8.46723  1.000 24.04000 ? 40  LEU   A O   1 
ATOM   327  C CB  . LEU   A 1 40  ? -2.79510  -2.67168  -6.73713  1.000 23.93000 ? 40  LEU   A CB  1 
ATOM   328  C CG  . LEU   A 1 40  ? -3.10247  -2.17287  -5.32383  1.000 33.54000 ? 40  LEU   A CG  1 
ATOM   329  C CD1 . LEU   A 1 40  ? -2.33286  -2.94263  -4.26451  1.000 25.20000 ? 40  LEU   A CD1 1 
ATOM   330  C CD2 . LEU   A 1 40  ? -2.80300  -0.67781  -5.25788  1.000 27.52000 ? 40  LEU   A CD2 1 
ATOM   331  N N   . VAL   A 1 41  ? -4.89244  -5.46900  -6.79753  1.000 19.86000 ? 41  VAL   A N   1 
ATOM   332  C CA  . VAL   A 1 41  ? -6.27172  -5.88465  -7.02854  1.000 18.75000 ? 41  VAL   A CA  1 
ATOM   333  C C   . VAL   A 1 41  ? -7.07387  -5.43942  -5.82050  1.000 21.01000 ? 41  VAL   A C   1 
ATOM   334  O O   . VAL   A 1 41  ? -6.72319  -5.77552  -4.68504  1.000 24.55000 ? 41  VAL   A O   1 
ATOM   335  C CB  . VAL   A 1 41  ? -6.38342  -7.39867  -7.26604  1.000 19.41000 ? 41  VAL   A CB  1 
ATOM   336  C CG1 . VAL   A 1 41  ? -7.83368  -7.79974  -7.42890  1.000 22.54000 ? 41  VAL   A CG1 1 
ATOM   337  C CG2 . VAL   A 1 41  ? -5.60272  -7.77423  -8.52892  1.000 22.73000 ? 41  VAL   A CG2 1 
ATOM   338  N N   . ILE   A 1 42  ? -8.10689  -4.63387  -6.05545  1.000 18.54000 ? 42  ILE   A N   1 
ATOM   339  C CA  . ILE   A 1 42  ? -8.93763  -4.07308  -4.99390  1.000 21.01000 ? 42  ILE   A CA  1 
ATOM   340  C C   . ILE   A 1 42  ? -10.36739 -4.54549  -5.19913  1.000 20.43000 ? 42  ILE   A C   1 
ATOM   341  O O   . ILE   A 1 42  ? -10.96188 -4.31159  -6.25662  1.000 21.34000 ? 42  ILE   A O   1 
ATOM   342  C CB  . ILE   A 1 42  ? -8.87805  -2.53925  -4.95814  1.000 21.66000 ? 42  ILE   A CB  1 
ATOM   343  C CG1 . ILE   A 1 42  ? -7.44287  -2.08931  -4.68294  1.000 20.84000 ? 42  ILE   A CG1 1 
ATOM   344  C CG2 . ILE   A 1 42  ? -9.83474  -1.98598  -3.89548  1.000 17.72000 ? 42  ILE   A CG2 1 
ATOM   345  C CD1 . ILE   A 1 42  ? -7.22141  -0.58285  -4.76422  1.000 22.95000 ? 42  ILE   A CD1 1 
ATOM   346  N N   . ASP   A 1 43  ? -10.91338 -5.20940  -4.18609  1.000 17.47000 ? 43  ASP   A N   1 
ATOM   347  C CA  . ASP   A 1 43  ? -12.33305 -5.53969  -4.12609  1.000 19.49000 ? 43  ASP   A CA  1 
ATOM   348  C C   . ASP   A 1 43  ? -12.94574 -4.68538  -3.02801  1.000 17.40000 ? 43  ASP   A C   1 
ATOM   349  O O   . ASP   A 1 43  ? -12.56227 -4.80658  -1.85956  1.000 23.10000 ? 43  ASP   A O   1 
ATOM   350  C CB  . ASP   A 1 43  ? -12.55080 -7.02431  -3.84586  1.000 24.42000 ? 43  ASP   A CB  1 
ATOM   351  C CG  . ASP   A 1 43  ? -11.91556 -7.91623  -4.89399  1.000 45.58000 ? 43  ASP   A CG  1 
ATOM   352  O OD1 . ASP   A 1 43  ? -12.29389 -7.79714  -6.07946  1.000 44.96000 ? 43  ASP   A OD1 1 
ATOM   353  O OD2 . ASP   A 1 43  ? -11.05065 -8.74357  -4.53438  1.000 49.50000 ? 43  ASP   A OD2 1 
ATOM   354  N N   . GLN   A 1 44  ? -13.88354 -3.82240  -3.40405  1.000 19.27000 ? 44  GLN   A N   1 
ATOM   355  C CA  . GLN   A 1 44  ? -14.44416 -2.81894  -2.50568  1.000 21.95000 ? 44  GLN   A CA  1 
ATOM   356  C C   . GLN   A 1 44  ? -15.95958 -2.90611  -2.53948  1.000 21.94000 ? 44  GLN   A C   1 
ATOM   357  O O   . GLN   A 1 44  ? -16.56723 -2.77769  -3.60624  1.000 22.14000 ? 44  GLN   A O   1 
ATOM   358  C CB  . GLN   A 1 44  ? -13.98701 -1.41382  -2.91213  1.000 20.57000 ? 44  GLN   A CB  1 
ATOM   359  C CG  . GLN   A 1 44  ? -14.58506 -0.27600  -2.10085  1.000 21.43000 ? 44  GLN   A CG  1 
ATOM   360  C CD  . GLN   A 1 44  ? -14.16558 1.07443   -2.63640  1.000 22.84000 ? 44  GLN   A CD  1 
ATOM   361  O OE1 . GLN   A 1 44  ? -13.31369 1.15455   -3.50609  1.000 25.82000 ? 44  GLN   A OE1 1 
ATOM   362  N NE2 . GLN   A 1 44  ? -14.75371 2.14419   -2.10582  1.000 26.86000 ? 44  GLN   A NE2 1 
ATOM   363  N N   . ASP   A 1 45  ? -16.57022 -3.11729  -1.37535  1.000 20.92000 ? 45  ASP   A N   1 
ATOM   364  C CA  . ASP   A 1 45  ? -18.02305 -3.07829  -1.25783  1.000 25.29000 ? 45  ASP   A CA  1 
ATOM   365  C C   . ASP   A 1 45  ? -18.35367 -2.31388  0.01111   1.000 24.90000 ? 45  ASP   A C   1 
ATOM   366  O O   . ASP   A 1 45  ? -18.15786 -2.83234  1.11559   1.000 25.54000 ? 45  ASP   A O   1 
ATOM   367  C CB  . ASP   A 1 45  ? -18.62123 -4.48111  -1.22919  1.000 29.76000 ? 45  ASP   A CB  1 
ATOM   368  C CG  . ASP   A 1 45  ? -20.10280 -4.47080  -0.91755  1.000 35.04000 ? 45  ASP   A CG  1 
ATOM   369  O OD1 . ASP   A 1 45  ? -20.81763 -3.59839  -1.45820  1.000 37.78000 ? 45  ASP   A OD1 1 
ATOM   370  O OD2 . ASP   A 1 45  ? -20.54940 -5.33891  -0.14059  1.000 48.83000 ? 45  ASP   A OD2 1 
ATOM   371  N N   . GLY   A 1 46  ? -18.83938 -1.08754  -0.14850  1.000 26.28000 ? 46  GLY   A N   1 
ATOM   372  C CA  . GLY   A 1 46  ? -19.08377 -0.25671  1.02038   1.000 30.91000 ? 46  GLY   A CA  1 
ATOM   373  C C   . GLY   A 1 46  ? -17.77881 -0.02439  1.74828   1.000 23.48000 ? 46  GLY   A C   1 
ATOM   374  O O   . GLY   A 1 46  ? -16.78556 0.40714   1.15588   1.000 25.31000 ? 46  GLY   A O   1 
ATOM   375  N N   . ASP   A 1 47  ? -17.75690 -0.33527  3.04338   1.000 23.23000 ? 47  ASP   A N   1 
ATOM   376  C CA  . ASP   A 1 47  ? -16.54076 -0.17318  3.82841   1.000 23.67000 ? 47  ASP   A CA  1 
ATOM   377  C C   . ASP   A 1 47  ? -15.59379 -1.34797  3.73186   1.000 25.25000 ? 47  ASP   A C   1 
ATOM   378  O O   . ASP   A 1 47  ? -14.49361 -1.26738  4.28263   1.000 23.26000 ? 47  ASP   A O   1 
ATOM   379  C CB  . ASP   A 1 47  ? -16.85423 0.03127   5.31229   1.000 18.67000 ? 47  ASP   A CB  1 
ATOM   380  C CG  . ASP   A 1 47  ? -17.67698 1.24913   5.56164   1.000 32.60000 ? 47  ASP   A CG  1 
ATOM   381  O OD1 . ASP   A 1 47  ? -18.75168 1.09276   6.16389   1.000 38.87000 ? 47  ASP   A OD1 1 
ATOM   382  O OD2 . ASP   A 1 47  ? -17.26919 2.34226   5.12061   1.000 26.46000 ? 47  ASP   A OD2 1 
ATOM   383  N N   . ASN   A 1 48  ? -15.99289 -2.43691  3.08767   1.000 20.26000 ? 48  ASN   A N   1 
ATOM   384  C CA  . ASN   A 1 48  ? -15.23134 -3.67553  3.13743   1.000 20.80000 ? 48  ASN   A CA  1 
ATOM   385  C C   . ASN   A 1 48  ? -14.27384 -3.72424  1.95666   1.000 20.92000 ? 48  ASN   A C   1 
ATOM   386  O O   . ASN   A 1 48  ? -14.70616 -3.72382  0.79770   1.000 19.36000 ? 48  ASN   A O   1 
ATOM   387  C CB  . ASN   A 1 48  ? -16.17502 -4.87590  3.14193   1.000 24.30000 ? 48  ASN   A CB  1 
ATOM   388  C CG  . ASN   A 1 48  ? -17.06867 -4.89553  4.37364   1.000 32.52000 ? 48  ASN   A CG  1 
ATOM   389  O OD1 . ASN   A 1 48  ? -16.62402 -4.56818  5.47890   1.000 28.64000 ? 48  ASN   A OD1 1 
ATOM   390  N ND2 . ASN   A 1 48  ? -18.33190 -5.25951  4.18783   1.000 36.61000 ? 48  ASN   A ND2 1 
ATOM   391  N N   . PHE   A 1 49  ? -12.99378 -3.80446  2.24873   1.000 19.27000 ? 49  PHE   A N   1 
ATOM   392  C CA  . PHE   A 1 49  ? -12.01431 -3.88011  1.23510   1.000 17.09000 ? 49  PHE   A CA  1 
ATOM   393  C C   . PHE   A 1 49  ? -11.20857 -5.17665  1.32063   1.000 17.01000 ? 49  PHE   A C   1 
ATOM   394  O O   . PHE   A 1 49  ? -10.95042 -5.63389  2.35633   1.000 18.84000 ? 49  PHE   A O   1 
ATOM   395  C CB  . PHE   A 1 49  ? -10.98608 -2.75032  1.43190   1.000 17.21000 ? 49  PHE   A CB  1 
ATOM   396  C CG  . PHE   A 1 49  ? -11.37799 -1.40461  0.88694   1.000 18.88000 ? 49  PHE   A CG  1 
ATOM   397  C CD1 . PHE   A 1 49  ? -12.25649 -0.61249  1.52996   1.000 20.69000 ? 49  PHE   A CD1 1 
ATOM   398  C CD2 . PHE   A 1 49  ? -10.79377 -0.91974  -0.24317  1.000 19.15000 ? 49  PHE   A CD2 1 
ATOM   399  C CE1 . PHE   A 1 49  ? -12.58370 0.61420   1.03639   1.000 16.97000 ? 49  PHE   A CE1 1 
ATOM   400  C CE2 . PHE   A 1 49  ? -11.12272 0.28058   -0.73147  1.000 19.69000 ? 49  PHE   A CE2 1 
ATOM   401  C CZ  . PHE   A 1 49  ? -12.02497 1.04220   -0.08452  1.000 16.23000 ? 49  PHE   A CZ  1 
ATOM   402  N N   . LYS   A 1 50  ? -10.82136 -5.70445  0.18038   1.000 17.87000 ? 50  LYS   A N   1 
ATOM   403  C CA  . LYS   A 1 50  ? -9.88834  -6.78975  0.11042   1.000 18.32000 ? 50  LYS   A CA  1 
ATOM   404  C C   . LYS   A 1 50  ? -8.84875  -6.28324  -0.89662  1.000 20.30000 ? 50  LYS   A C   1 
ATOM   405  O O   . LYS   A 1 50  ? -9.17544  -5.97716  -1.95473  1.000 23.83000 ? 50  LYS   A O   1 
ATOM   406  C CB  . LYS   A 1 50  ? -10.52429 -8.08703  -0.36658  1.000 24.61000 ? 50  LYS   A CB  1 
ATOM   407  C CG  . LYS   A 1 50  ? -11.64123 -8.61972  0.50714   1.000 28.53000 ? 50  LYS   A CG  1 
ATOM   408  C CD  . LYS   A 1 50  ? -12.36076 -9.81176  -0.12215  1.000 37.14000 ? 50  LYS   A CD  1 
ATOM   409  C CE  . LYS   A 1 50  ? -13.82910 -9.94817  0.26620   1.000 44.24000 ? 50  LYS   A CE  1 
ATOM   410  N NZ  . LYS   A 1 50  ? -14.39372 -8.95269  1.21021   1.000 44.25000 ? 50  LYS   A NZ  1 
ATOM   411  N N   . VAL   A 1 51  ? -7.59569  -6.19609  -0.51375  1.000 18.68000 ? 51  VAL   A N   1 
ATOM   412  C CA  . VAL   A 1 51  ? -6.54797  -5.67943  -1.35399  1.000 16.56000 ? 51  VAL   A CA  1 
ATOM   413  C C   . VAL   A 1 51  ? -5.40231  -6.68123  -1.49774  1.000 20.58000 ? 51  VAL   A C   1 
ATOM   414  O O   . VAL   A 1 51  ? -5.00343  -7.25164  -0.57588  1.000 23.29000 ? 51  VAL   A O   1 
ATOM   415  C CB  . VAL   A 1 51  ? -5.97334  -4.39868  -0.75959  1.000 19.01000 ? 51  VAL   A CB  1 
ATOM   416  C CG1 . VAL   A 1 51  ? -4.94978  -3.77624  -1.66332  1.000 22.00000 ? 51  VAL   A CG1 1 
ATOM   417  C CG2 . VAL   A 1 51  ? -7.03573  -3.40646  -0.49667  1.000 21.85000 ? 51  VAL   A CG2 1 
ATOM   418  N N   . LYS   A 1 52  ? -4.91274  -6.84928  -2.69078  1.000 19.23000 ? 52  LYS   A N   1 
ATOM   419  C CA  . LYS   A 1 52  ? -3.84905  -7.75682  -2.96758  1.000 19.56000 ? 52  LYS   A CA  1 
ATOM   420  C C   . LYS   A 1 52  ? -2.77911  -7.06837  -3.79060  1.000 17.59000 ? 52  LYS   A C   1 
ATOM   421  O O   . LYS   A 1 52  ? -3.07449  -6.57093  -4.79493  1.000 22.93000 ? 52  LYS   A O   1 
ATOM   422  C CB  . LYS   A 1 52  ? -4.37879  -8.91767  -3.76676  1.000 27.71000 ? 52  LYS   A CB  1 
ATOM   423  N N   . SER   A 1 53  ? -1.56558  -7.02222  -3.28206  1.000 17.65000 ? 53  SER   A N   1 
ATOM   424  C CA  . SER   A 1 53  ? -0.42403  -6.44888  -3.97921  1.000 16.96000 ? 53  SER   A CA  1 
ATOM   425  C C   . SER   A 1 53  ? 0.40813   -7.62129  -4.46561  1.000 22.19000 ? 53  SER   A C   1 
ATOM   426  O O   . SER   A 1 53  ? 0.71181   -8.44088  -3.71868  1.000 25.70000 ? 53  SER   A O   1 
ATOM   427  C CB  . SER   A 1 53  ? 0.42884   -5.57586  -3.06655  1.000 24.95000 ? 53  SER   A CB  1 
ATOM   428  O OG  . SER   A 1 53  ? 1.66824   -5.26559  -3.62656  1.000 22.50000 ? 53  SER   A OG  1 
ATOM   429  N N   . THR   A 1 54  ? 0.79800   -7.62602  -5.72189  1.000 21.96000 ? 54  THR   A N   1 
ATOM   430  C CA  . THR   A 1 54  ? 1.52335   -8.76436  -6.26228  1.000 24.49000 ? 54  THR   A CA  1 
ATOM   431  C C   . THR   A 1 54  ? 2.60092   -8.30989  -7.23452  1.000 22.55000 ? 54  THR   A C   1 
ATOM   432  O O   . THR   A 1 54  ? 2.49692   -7.26132  -7.87386  1.000 22.95000 ? 54  THR   A O   1 
ATOM   433  C CB  . THR   A 1 54  ? 0.59204   -9.75779  -6.97667  1.000 27.02000 ? 54  THR   A CB  1 
ATOM   434  O OG1 . THR   A 1 54  ? -0.01377  -9.11503  -8.10272  1.000 30.49000 ? 54  THR   A OG1 1 
ATOM   435  C CG2 . THR   A 1 54  ? -0.48839  -10.25953 -6.02368  1.000 26.28000 ? 54  THR   A CG2 1 
ATOM   436  N N   . SER   A 1 55  ? 3.63991   -9.13097  -7.32816  1.000 22.69000 ? 55  SER   A N   1 
ATOM   437  C CA  . SER   A 1 55  ? 4.66792   -9.04545  -8.35457  1.000 20.83000 ? 55  SER   A CA  1 
ATOM   438  C C   . SER   A 1 55  ? 5.12145   -10.47540 -8.60035  1.000 20.61000 ? 55  SER   A C   1 
ATOM   439  O O   . SER   A 1 55  ? 4.60376   -11.41003 -7.99045  1.000 22.08000 ? 55  SER   A O   1 
ATOM   440  C CB  . SER   A 1 55  ? 5.82798   -8.14073  -7.91529  1.000 21.97000 ? 55  SER   A CB  1 
ATOM   441  O OG  . SER   A 1 55  ? 6.59477   -8.80710  -6.93162  1.000 25.29000 ? 55  SER   A OG  1 
ATOM   442  N N   . THR   A 1 56  ? 6.10265   -10.65683 -9.48488  1.000 23.31000 ? 56  THR   A N   1 
ATOM   443  C CA  . THR   A 1 56  ? 6.67192   -11.99475 -9.60912  1.000 21.07000 ? 56  THR   A CA  1 
ATOM   444  C C   . THR   A 1 56  ? 7.38276   -12.44887 -8.33851  1.000 24.58000 ? 56  THR   A C   1 
ATOM   445  O O   . THR   A 1 56  ? 7.75274   -13.62471 -8.24127  1.000 29.50000 ? 56  THR   A O   1 
ATOM   446  C CB  . THR   A 1 56  ? 7.64472   -12.04479 -10.79402 1.000 22.69000 ? 56  THR   A CB  1 
ATOM   447  O OG1 . THR   A 1 56  ? 8.76349   -11.18326 -10.54192 1.000 23.41000 ? 56  THR   A OG1 1 
ATOM   448  C CG2 . THR   A 1 56  ? 6.94445   -11.58226 -12.05988 1.000 29.16000 ? 56  THR   A CG2 1 
ATOM   449  N N   . PHE   A 1 57  ? 7.55667   -11.55976 -7.35372  1.000 21.71000 ? 57  PHE   A N   1 
ATOM   450  C CA  . PHE   A 1 57  ? 8.38686   -11.81902 -6.18447  1.000 19.17000 ? 57  PHE   A CA  1 
ATOM   451  C C   . PHE   A 1 57  ? 7.62272   -11.87387 -4.86556  1.000 21.28000 ? 57  PHE   A C   1 
ATOM   452  O O   . PHE   A 1 57  ? 8.13183   -12.47036 -3.91087  1.000 24.28000 ? 57  PHE   A O   1 
ATOM   453  C CB  . PHE   A 1 57  ? 9.48017   -10.73635 -6.09760  1.000 22.52000 ? 57  PHE   A CB  1 
ATOM   454  C CG  . PHE   A 1 57  ? 10.54405  -10.99503 -5.07187  1.000 25.51000 ? 57  PHE   A CG  1 
ATOM   455  C CD1 . PHE   A 1 57  ? 11.10719  -12.25101 -4.92185  1.000 27.68000 ? 57  PHE   A CD1 1 
ATOM   456  C CD2 . PHE   A 1 57  ? 11.02378  -9.95337  -4.29059  1.000 29.70000 ? 57  PHE   A CD2 1 
ATOM   457  C CE1 . PHE   A 1 57  ? 12.10539  -12.47425 -3.97977  1.000 30.57000 ? 57  PHE   A CE1 1 
ATOM   458  C CE2 . PHE   A 1 57  ? 12.02091  -10.16762 -3.34813  1.000 29.25000 ? 57  PHE   A CE2 1 
ATOM   459  C CZ  . PHE   A 1 57  ? 12.55811  -11.43155 -3.18606  1.000 34.33000 ? 57  PHE   A CZ  1 
ATOM   460  N N   . TRP   A 1 58  ? 6.43369   -11.27701 -4.77869  1.000 23.78000 ? 58  TRP   A N   1 
ATOM   461  C CA  . TRP   A 1 58  ? 5.70038   -11.27142 -3.51991  1.000 21.57000 ? 58  TRP   A CA  1 
ATOM   462  C C   . TRP   A 1 58  ? 4.19953   -11.30719 -3.76409  1.000 20.43000 ? 58  TRP   A C   1 
ATOM   463  O O   . TRP   A 1 58  ? 3.70620   -10.98641 -4.84780  1.000 23.09000 ? 58  TRP   A O   1 
ATOM   464  C CB  . TRP   A 1 58  ? 6.05166   -10.04729 -2.67025  1.000 24.21000 ? 58  TRP   A CB  1 
ATOM   465  C CG  . TRP   A 1 58  ? 5.51721   -8.73764  -3.18345  1.000 24.90000 ? 58  TRP   A CG  1 
ATOM   466  C CD1 . TRP   A 1 58  ? 4.24669   -8.25382  -3.03069  1.000 28.35000 ? 58  TRP   A CD1 1 
ATOM   467  C CD2 . TRP   A 1 58  ? 6.24374   -7.72832  -3.89829  1.000 21.35000 ? 58  TRP   A CD2 1 
ATOM   468  N NE1 . TRP   A 1 58  ? 4.13460   -7.01880  -3.61923  1.000 24.07000 ? 58  TRP   A NE1 1 
ATOM   469  C CE2 . TRP   A 1 58  ? 5.34862   -6.67044  -4.15412  1.000 20.88000 ? 58  TRP   A CE2 1 
ATOM   470  C CE3 . TRP   A 1 58  ? 7.56087   -7.62155  -4.35472  1.000 21.89000 ? 58  TRP   A CE3 1 
ATOM   471  C CZ2 . TRP   A 1 58  ? 5.72406   -5.52402  -4.84299  1.000 19.59000 ? 58  TRP   A CZ2 1 
ATOM   472  C CZ3 . TRP   A 1 58  ? 7.93559   -6.47795  -5.03953  1.000 23.14000 ? 58  TRP   A CZ3 1 
ATOM   473  C CH2 . TRP   A 1 58  ? 7.02168   -5.44439  -5.27865  1.000 23.25000 ? 58  TRP   A CH2 1 
ATOM   474  N N   . ASN   A 1 59  ? 3.48426   -11.71445 -2.71469  1.000 26.58000 ? 59  ASN   A N   1 
ATOM   475  C CA  . ASN   A 1 59  ? 2.03662   -11.59547 -2.62320  1.000 33.16000 ? 59  ASN   A CA  1 
ATOM   476  C C   . ASN   A 1 59  ? 1.74534   -11.04627 -1.23730  1.000 32.14000 ? 59  ASN   A C   1 
ATOM   477  O O   . ASN   A 1 59  ? 2.10667   -11.67430 -0.23832  1.000 37.67000 ? 59  ASN   A O   1 
ATOM   478  C CB  . ASN   A 1 59  ? 1.34459   -12.94793 -2.83609  1.000 38.64000 ? 59  ASN   A CB  1 
ATOM   479  C CG  . ASN   A 1 59  ? 0.02997   -12.82518 -3.59085  1.000 47.11000 ? 59  ASN   A CG  1 
ATOM   480  O OD1 . ASN   A 1 59  ? -0.75840  -11.90483 -3.35817  1.000 40.39000 ? 59  ASN   A OD1 1 
ATOM   481  N ND2 . ASN   A 1 59  ? -0.20940  -13.75708 -4.50939  1.000 46.97000 ? 59  ASN   A ND2 1 
ATOM   482  N N   . TYR   A 1 60  ? 1.14085   -9.86313  -1.16899  1.000 24.28000 ? 60  TYR   A N   1 
ATOM   483  C CA  . TYR   A 1 60  ? 0.82329   -9.22138  0.10233   1.000 21.43000 ? 60  TYR   A CA  1 
ATOM   484  C C   . TYR   A 1 60  ? -0.66043  -8.87638  0.08837   1.000 24.09000 ? 60  TYR   A C   1 
ATOM   485  O O   . TYR   A 1 60  ? -1.07801  -7.97691  -0.64738  1.000 24.09000 ? 60  TYR   A O   1 
ATOM   486  C CB  . TYR   A 1 60  ? 1.68184   -7.97464  0.31878   1.000 28.39000 ? 60  TYR   A CB  1 
ATOM   487  C CG  . TYR   A 1 60  ? 1.45837   -7.27770  1.64050   1.000 24.61000 ? 60  TYR   A CG  1 
ATOM   488  C CD1 . TYR   A 1 60  ? 2.24241   -7.57396  2.75681   1.000 28.89000 ? 60  TYR   A CD1 1 
ATOM   489  C CD2 . TYR   A 1 60  ? 0.45354   -6.32757  1.77944   1.000 27.62000 ? 60  TYR   A CD2 1 
ATOM   490  C CE1 . TYR   A 1 60  ? 2.02867   -6.92748  3.97546   1.000 27.29000 ? 60  TYR   A CE1 1 
ATOM   491  C CE2 . TYR   A 1 60  ? 0.23461   -5.68639  2.98490   1.000 27.31000 ? 60  TYR   A CE2 1 
ATOM   492  C CZ  . TYR   A 1 60  ? 1.02167   -5.98294  4.07473   1.000 30.04000 ? 60  TYR   A CZ  1 
ATOM   493  O OH  . TYR   A 1 60  ? 0.78940   -5.32715  5.26313   1.000 28.96000 ? 60  TYR   A OH  1 
ATOM   494  N N   . ASP   A 1 61  ? -1.45327  -9.58637  0.89467   1.000 22.60000 ? 61  ASP   A N   1 
ATOM   495  C CA  . ASP   A 1 61  ? -2.90351  -9.43540  0.92279   1.000 22.46000 ? 61  ASP   A CA  1 
ATOM   496  C C   . ASP   A 1 61  ? -3.35559  -8.90268  2.27876   1.000 21.91000 ? 61  ASP   A C   1 
ATOM   497  O O   . ASP   A 1 61  ? -2.81233  -9.28390  3.32200   1.000 22.60000 ? 61  ASP   A O   1 
ATOM   498  C CB  . ASP   A 1 61  ? -3.62077  -10.76677 0.65050   1.000 27.18000 ? 61  ASP   A CB  1 
ATOM   499  C CG  . ASP   A 1 61  ? -3.08068  -11.49633 -0.56449  1.000 34.78000 ? 61  ASP   A CG  1 
ATOM   500  O OD1 . ASP   A 1 61  ? -2.46852  -10.84695 -1.44243  1.000 31.12000 ? 61  ASP   A OD1 1 
ATOM   501  O OD2 . ASP   A 1 61  ? -3.27935  -12.72658 -0.63792  1.000 39.54000 ? 61  ASP   A OD2 1 
ATOM   502  N N   . VAL   A 1 62  ? -4.35366  -8.02516  2.26432   1.000 21.87000 ? 62  VAL   A N   1 
ATOM   503  C CA  . VAL   A 1 62  ? -4.93308  -7.51360  3.50375   1.000 19.36000 ? 62  VAL   A CA  1 
ATOM   504  C C   . VAL   A 1 62  ? -6.41373  -7.23824  3.28202   1.000 21.74000 ? 62  VAL   A C   1 
ATOM   505  O O   . VAL   A 1 62  ? -6.81592  -6.76393  2.21800   1.000 22.79000 ? 62  VAL   A O   1 
ATOM   506  C CB  . VAL   A 1 62  ? -4.18836  -6.24999  3.98620   1.000 24.35000 ? 62  VAL   A CB  1 
ATOM   507  C CG1 . VAL   A 1 62  ? -4.40464  -5.10112  3.03341   1.000 22.78000 ? 62  VAL   A CG1 1 
ATOM   508  C CG2 . VAL   A 1 62  ? -4.62141  -5.87178  5.40146   1.000 26.77000 ? 62  VAL   A CG2 1 
ATOM   509  N N   . ASP   A 1 63  ? -7.22516  -7.56286  4.28544   1.000 22.44000 ? 63  ASP   A N   1 
ATOM   510  C CA  . ASP   A 1 63  ? -8.65123  -7.27006  4.29981   1.000 21.83000 ? 63  ASP   A CA  1 
ATOM   511  C C   . ASP   A 1 63  ? -8.92799  -6.31555  5.44788   1.000 21.46000 ? 63  ASP   A C   1 
ATOM   512  O O   . ASP   A 1 63  ? -8.40513  -6.50341  6.55144   1.000 22.18000 ? 63  ASP   A O   1 
ATOM   513  C CB  . ASP   A 1 63  ? -9.48141  -8.54363  4.48873   1.000 23.12000 ? 63  ASP   A CB  1 
ATOM   514  C CG  . ASP   A 1 63  ? -9.17988  -9.60309  3.44662   1.000 34.22000 ? 63  ASP   A CG  1 
ATOM   515  O OD1 . ASP   A 1 63  ? -8.74754  -9.24131  2.33745   1.000 28.05000 ? 63  ASP   A OD1 1 
ATOM   516  O OD2 . ASP   A 1 63  ? -9.37294  -10.80399 3.73922   1.000 41.61000 ? 63  ASP   A OD2 1 
ATOM   517  N N   . PHE   A 1 64  ? -9.76215  -5.30582  5.21024   1.000 20.09000 ? 64  PHE   A N   1 
ATOM   518  C CA  . PHE   A 1 64  ? -10.09203 -4.39048  6.29255   1.000 17.85000 ? 64  PHE   A CA  1 
ATOM   519  C C   . PHE   A 1 64  ? -11.45498 -3.75716  6.05637   1.000 19.41000 ? 64  PHE   A C   1 
ATOM   520  O O   . PHE   A 1 64  ? -12.03067 -3.82684  4.96591   1.000 20.30000 ? 64  PHE   A O   1 
ATOM   521  C CB  . PHE   A 1 64  ? -9.01696  -3.31602  6.46148   1.000 17.14000 ? 64  PHE   A CB  1 
ATOM   522  C CG  . PHE   A 1 64  ? -8.75732  -2.52101  5.21784   1.000 21.30000 ? 64  PHE   A CG  1 
ATOM   523  C CD1 . PHE   A 1 64  ? -9.54619  -1.42376  4.89713   1.000 20.23000 ? 64  PHE   A CD1 1 
ATOM   524  C CD2 . PHE   A 1 64  ? -7.72063  -2.87052  4.36040   1.000 20.34000 ? 64  PHE   A CD2 1 
ATOM   525  C CE1 . PHE   A 1 64  ? -9.30147  -0.68947  3.73075   1.000 16.65000 ? 64  PHE   A CE1 1 
ATOM   526  C CE2 . PHE   A 1 64  ? -7.48747  -2.14504  3.19619   1.000 20.27000 ? 64  PHE   A CE2 1 
ATOM   527  C CZ  . PHE   A 1 64  ? -8.28057  -1.04920  2.89417   1.000 17.22000 ? 64  PHE   A CZ  1 
ATOM   528  N N   . THR   A 1 65  ? -11.97448 -3.15281  7.12160   1.000 18.78000 ? 65  THR   A N   1 
ATOM   529  C CA  . THR   A 1 65  ? -13.20808 -2.38796  7.09304   1.000 19.73000 ? 65  THR   A CA  1 
ATOM   530  C C   . THR   A 1 65  ? -12.86392 -0.94242  7.41038   1.000 19.43000 ? 65  THR   A C   1 
ATOM   531  O O   . THR   A 1 65  ? -12.24694 -0.65914  8.44419   1.000 16.70000 ? 65  THR   A O   1 
ATOM   532  C CB  . THR   A 1 65  ? -14.21110 -2.94406  8.10708   1.000 20.97000 ? 65  THR   A CB  1 
ATOM   533  O OG1 . THR   A 1 65  ? -14.49714 -4.31562  7.79151   1.000 23.77000 ? 65  THR   A OG1 1 
ATOM   534  C CG2 . THR   A 1 65  ? -15.49797 -2.13545  8.08052   1.000 19.92000 ? 65  THR   A CG2 1 
ATOM   535  N N   . VAL   A 1 66  ? -13.23236 -0.03215  6.51081   1.000 17.23000 ? 66  VAL   A N   1 
ATOM   536  C CA  . VAL   A 1 66  ? -12.99224 1.38145   6.75300   1.000 16.00000 ? 66  VAL   A CA  1 
ATOM   537  C C   . VAL   A 1 66  ? -13.61405 1.77397   8.08171   1.000 19.62000 ? 66  VAL   A C   1 
ATOM   538  O O   . VAL   A 1 66  ? -14.76937 1.44228   8.37297   1.000 20.55000 ? 66  VAL   A O   1 
ATOM   539  C CB  . VAL   A 1 66  ? -13.54988 2.22907   5.59619   1.000 19.07000 ? 66  VAL   A CB  1 
ATOM   540  C CG1 . VAL   A 1 66  ? -13.44772 3.71451   5.94006   1.000 23.47000 ? 66  VAL   A CG1 1 
ATOM   541  C CG2 . VAL   A 1 66  ? -12.78644 1.92478   4.31819   1.000 21.06000 ? 66  VAL   A CG2 1 
ATOM   542  N N   . GLY   A 1 67  ? -12.83485 2.47027   8.89629   1.000 15.97000 ? 67  GLY   A N   1 
ATOM   543  C CA  . GLY   A 1 67  ? -13.30138 2.97160   10.16698  1.000 18.78000 ? 67  GLY   A CA  1 
ATOM   544  C C   . GLY   A 1 67  ? -13.20234 1.99433   11.31093  1.000 21.34000 ? 67  GLY   A C   1 
ATOM   545  O O   . GLY   A 1 67  ? -13.66713 2.32104   12.40733  1.000 17.57000 ? 67  GLY   A O   1 
ATOM   546  N N   . VAL   A 1 68  ? -12.62170 0.81243   11.09913  1.000 15.51000 ? 68  VAL   A N   1 
ATOM   547  C CA  . VAL   A 1 68  ? -12.49710 -0.19856  12.15957  1.000 15.83000 ? 68  VAL   A CA  1 
ATOM   548  C C   . VAL   A 1 68  ? -11.02444 -0.50881  12.35743  1.000 18.43000 ? 68  VAL   A C   1 
ATOM   549  O O   . VAL   A 1 68  ? -10.37784 -1.08634  11.47161  1.000 18.92000 ? 68  VAL   A O   1 
ATOM   550  C CB  . VAL   A 1 68  ? -13.27491 -1.48089  11.84172  1.000 16.96000 ? 68  VAL   A CB  1 
ATOM   551  C CG1 . VAL   A 1 68  ? -13.03315 -2.52581  12.94823  1.000 17.28000 ? 68  VAL   A CG1 1 
ATOM   552  C CG2 . VAL   A 1 68  ? -14.75743 -1.18367  11.68202  1.000 18.52000 ? 68  VAL   A CG2 1 
ATOM   553  N N   . GLU   A 1 69  ? -10.50019 -0.18042  13.53645  1.000 18.10000 ? 69  GLU   A N   1 
ATOM   554  C CA  . GLU   A 1 69  ? -9.09984  -0.46559  13.81590  1.000 18.37000 ? 69  GLU   A CA  1 
ATOM   555  C C   . GLU   A 1 69  ? -8.85062  -1.96954  13.78989  1.000 21.71000 ? 69  GLU   A C   1 
ATOM   556  O O   . GLU   A 1 69  ? -9.71503  -2.76796  14.17268  1.000 19.28000 ? 69  GLU   A O   1 
ATOM   557  C CB  . GLU   A 1 69  ? -8.70432  0.11705   15.16782  1.000 22.03000 ? 69  GLU   A CB  1 
ATOM   558  C CG  . GLU   A 1 69  ? -7.23738  -0.04943  15.47659  1.000 24.85000 ? 69  GLU   A CG  1 
ATOM   559  C CD  . GLU   A 1 69  ? -6.84285  0.64964   16.76026  1.000 38.40000 ? 69  GLU   A CD  1 
ATOM   560  O OE1 . GLU   A 1 69  ? -6.18816  1.71367   16.68729  1.000 50.92000 ? 69  GLU   A OE1 1 
ATOM   561  O OE2 . GLU   A 1 69  ? -7.19647  0.13790   17.84234  1.000 41.21000 ? 69  GLU   A OE2 1 
ATOM   562  N N   . PHE   A 1 70  ? -7.67410  -2.36955  13.30983  1.000 18.26000 ? 70  PHE   A N   1 
ATOM   563  C CA  . PHE   A 1 70  ? -7.32138  -3.78149  13.33485  1.000 20.62000 ? 70  PHE   A CA  1 
ATOM   564  C C   . PHE   A 1 70  ? -5.83703  -3.95483  13.63382  1.000 26.05000 ? 70  PHE   A C   1 
ATOM   565  O O   . PHE   A 1 70  ? -4.99308  -3.18957  13.14602  1.000 24.91000 ? 70  PHE   A O   1 
ATOM   566  C CB  . PHE   A 1 70  ? -7.70867  -4.50282  12.02154  1.000 24.00000 ? 70  PHE   A CB  1 
ATOM   567  C CG  . PHE   A 1 70  ? -7.10916  -3.91356  10.76436  1.000 23.67000 ? 70  PHE   A CG  1 
ATOM   568  C CD1 . PHE   A 1 70  ? -7.56447  -2.71547  10.23304  1.000 18.73000 ? 70  PHE   A CD1 1 
ATOM   569  C CD2 . PHE   A 1 70  ? -6.12175  -4.60506  10.07897  1.000 27.00000 ? 70  PHE   A CD2 1 
ATOM   570  C CE1 . PHE   A 1 70  ? -7.02456  -2.20041  9.05900   1.000 22.39000 ? 70  PHE   A CE1 1 
ATOM   571  C CE2 . PHE   A 1 70  ? -5.57554  -4.09522  8.91447   1.000 22.44000 ? 70  PHE   A CE2 1 
ATOM   572  C CZ  . PHE   A 1 70  ? -6.02590  -2.89642  8.40124   1.000 22.68000 ? 70  PHE   A CZ  1 
ATOM   573  N N   . ASP   A 1 71  ? -5.53490  -4.95714  14.45916  1.000 25.98000 ? 71  ASP   A N   1 
ATOM   574  C CA  . ASP   A 1 71  ? -4.15479  -5.36348  14.68058  1.000 26.41000 ? 71  ASP   A CA  1 
ATOM   575  C C   . ASP   A 1 71  ? -3.65169  -6.14563  13.48065  1.000 29.56000 ? 71  ASP   A C   1 
ATOM   576  O O   . ASP   A 1 71  ? -4.39765  -6.90351  12.85472  1.000 31.84000 ? 71  ASP   A O   1 
ATOM   577  C CB  . ASP   A 1 71  ? -4.03175  -6.21645  15.94267  1.000 29.94000 ? 71  ASP   A CB  1 
ATOM   578  C CG  . ASP   A 1 71  ? -3.97702  -5.38322  17.20112  1.000 37.97000 ? 71  ASP   A CG  1 
ATOM   579  O OD1 . ASP   A 1 71  ? -3.72967  -5.95914  18.28029  1.000 47.22000 ? 71  ASP   A OD1 1 
ATOM   580  O OD2 . ASP   A 1 71  ? -4.18835  -4.15415  17.11416  1.000 40.59000 ? 71  ASP   A OD2 1 
ATOM   581  N N   . GLU   A 1 72  ? -2.37604  -5.96540  13.16491  1.000 26.06000 ? 72  GLU   A N   1 
ATOM   582  C CA  . GLU   A 1 72  ? -1.82744  -6.45309  11.91372  1.000 23.07000 ? 72  GLU   A CA  1 
ATOM   583  C C   . GLU   A 1 72  ? -0.41139  -6.96793  12.10417  1.000 19.66000 ? 72  GLU   A C   1 
ATOM   584  O O   . GLU   A 1 72  ? 0.39210   -6.33911  12.78826  1.000 23.03000 ? 72  GLU   A O   1 
ATOM   585  C CB  . GLU   A 1 72  ? -1.82307  -5.33646  10.88530  1.000 30.46000 ? 72  GLU   A CB  1 
ATOM   586  C CG  . GLU   A 1 72  ? -1.81465  -5.82356  9.50658   1.000 34.83000 ? 72  GLU   A CG  1 
ATOM   587  C CD  . GLU   A 1 72  ? -1.80275  -4.70062  8.51876   1.000 30.85000 ? 72  GLU   A CD  1 
ATOM   588  O OE1 . GLU   A 1 72  ? -2.09308  -5.01171  7.36692   1.000 31.28000 ? 72  GLU   A OE1 1 
ATOM   589  O OE2 . GLU   A 1 72  ? -1.51658  -3.53082  8.88584   1.000 25.75000 ? 72  GLU   A OE2 1 
ATOM   590  N N   . TYR   A 1 73  ? -0.11662  -8.10926  11.49070  1.000 21.98000 ? 73  TYR   A N   1 
ATOM   591  C CA  . TYR   A 1 73  ? 1.25016   -8.57526  11.31735  1.000 24.11000 ? 73  TYR   A CA  1 
ATOM   592  C C   . TYR   A 1 73  ? 1.61684   -8.34559  9.86240   1.000 21.26000 ? 73  TYR   A C   1 
ATOM   593  O O   . TYR   A 1 73  ? 0.88329   -8.76881  8.96307   1.000 22.33000 ? 73  TYR   A O   1 
ATOM   594  C CB  . TYR   A 1 73  ? 1.38295   -10.05467 11.67652  1.000 26.38000 ? 73  TYR   A CB  1 
ATOM   595  C CG  . TYR   A 1 73  ? 2.80876   -10.55949 11.75000  1.000 22.70000 ? 73  TYR   A CG  1 
ATOM   596  C CD1 . TYR   A 1 73  ? 3.73225   -9.96628  12.59579  1.000 23.86000 ? 73  TYR   A CD1 1 
ATOM   597  C CD2 . TYR   A 1 73  ? 3.22741   -11.63727 10.96834  1.000 26.21000 ? 73  TYR   A CD2 1 
ATOM   598  C CE1 . TYR   A 1 73  ? 5.03315   -10.43192 12.67487  1.000 24.42000 ? 73  TYR   A CE1 1 
ATOM   599  C CE2 . TYR   A 1 73  ? 4.52918   -12.10861 11.03724  1.000 26.60000 ? 73  TYR   A CE2 1 
ATOM   600  C CZ  . TYR   A 1 73  ? 5.42496   -11.50169 11.89626  1.000 31.76000 ? 73  TYR   A CZ  1 
ATOM   601  O OH  . TYR   A 1 73  ? 6.71595   -11.95830 11.97592  1.000 34.10000 ? 73  TYR   A OH  1 
ATOM   602  N N   . THR   A 1 74  ? 2.71887   -7.64181  9.62410   1.000 21.03000 ? 74  THR   A N   1 
ATOM   603  C CA  . THR   A 1 74  ? 3.02112   -7.28838  8.24845   1.000 18.69000 ? 74  THR   A CA  1 
ATOM   604  C C   . THR   A 1 74  ? 3.74362   -8.40077  7.48952   1.000 26.57000 ? 74  THR   A C   1 
ATOM   605  O O   . THR   A 1 74  ? 4.23785   -8.15245  6.38714   1.000 28.49000 ? 74  THR   A O   1 
ATOM   606  C CB  . THR   A 1 74  ? 3.80563   -5.97202  8.20259   1.000 20.04000 ? 74  THR   A CB  1 
ATOM   607  O OG1 . THR   A 1 74  ? 5.02877   -6.09962  8.94008   1.000 21.62000 ? 74  THR   A OG1 1 
ATOM   608  C CG2 . THR   A 1 74  ? 2.96770   -4.83770  8.80443   1.000 19.23000 ? 74  THR   A CG2 1 
ATOM   609  N N   . LYS   A 1 75  ? 3.80440   -9.61042  8.05193   1.000 24.22000 ? 75  LYS   A N   1 
ATOM   610  C CA  . LYS   A 1 75  ? 4.03548   -10.85431 7.29691   1.000 27.43000 ? 75  LYS   A CA  1 
ATOM   611  C C   . LYS   A 1 75  ? 5.26127   -10.69935 6.39972   1.000 27.33000 ? 75  LYS   A C   1 
ATOM   612  O O   . LYS   A 1 75  ? 6.33176   -10.30629 6.89008   1.000 29.80000 ? 75  LYS   A O   1 
ATOM   613  C CB  . LYS   A 1 75  ? 2.73463   -11.21623 6.57853   1.000 25.80000 ? 75  LYS   A CB  1 
ATOM   614  C CG  . LYS   A 1 75  ? 1.65325   -11.73060 7.52210   1.000 23.62000 ? 75  LYS   A CG  1 
ATOM   615  C CD  . LYS   A 1 75  ? 0.28728   -11.77793 6.86417   1.000 27.17000 ? 75  LYS   A CD  1 
ATOM   616  C CE  . LYS   A 1 75  ? -0.81233  -12.18303 7.82567   1.000 23.96000 ? 75  LYS   A CE  1 
ATOM   617  N NZ  . LYS   A 1 75  ? -2.13204  -12.13766 7.14104   1.000 29.04000 ? 75  LYS   A NZ  1 
ATOM   618  N N   . SER   A 1 76  ? 5.16891   -10.99784 5.10391   1.000 26.54000 ? 76  SER   A N   1 
ATOM   619  C CA  . SER   A 1 76  ? 6.35803   -11.07714 4.26757   1.000 30.77000 ? 76  SER   A CA  1 
ATOM   620  C C   . SER   A 1 76  ? 6.92516   -9.71578  3.89272   1.000 32.48000 ? 76  SER   A C   1 
ATOM   621  O O   . SER   A 1 76  ? 7.89539   -9.67382  3.12712   1.000 37.51000 ? 76  SER   A O   1 
ATOM   622  C CB  . SER   A 1 76  ? 6.05194   -11.88065 2.99990   1.000 40.00000 ? 76  SER   A CB  1 
ATOM   623  O OG  . SER   A 1 76  ? 5.10644   -11.21699 2.17289   1.000 41.93000 ? 76  SER   A OG  1 
ATOM   624  N N   . LEU   A 1 77  ? 6.35627   -8.61079  4.37883   1.000 27.14000 ? 77  LEU   A N   1 
ATOM   625  C CA  . LEU   A 1 77  ? 6.99050   -7.31486  4.15832   1.000 21.38000 ? 77  LEU   A CA  1 
ATOM   626  C C   . LEU   A 1 77  ? 8.13160   -7.15103  5.15555   1.000 25.18000 ? 77  LEU   A C   1 
ATOM   627  O O   . LEU   A 1 77  ? 9.27299   -7.49613  4.84085   1.000 29.85000 ? 77  LEU   A O   1 
ATOM   628  C CB  . LEU   A 1 77  ? 5.96893   -6.17121  4.25924   1.000 22.43000 ? 77  LEU   A CB  1 
ATOM   629  C CG  . LEU   A 1 77  ? 6.47894   -4.75051  3.96756   1.000 20.08000 ? 77  LEU   A CG  1 
ATOM   630  C CD1 . LEU   A 1 77  ? 7.07261   -4.65245  2.57232   1.000 22.24000 ? 77  LEU   A CD1 1 
ATOM   631  C CD2 . LEU   A 1 77  ? 5.35969   -3.73271  4.12336   1.000 22.85000 ? 77  LEU   A CD2 1 
ATOM   632  N N   . ASP   A 1 78  ? 7.85088   -6.66276  6.36735   1.000 23.94000 ? 78  ASP   A N   1 
ATOM   633  C CA  . ASP   A 1 78  ? 8.90438   -6.47857  7.36250   1.000 23.49000 ? 78  ASP   A CA  1 
ATOM   634  C C   . ASP   A 1 78  ? 8.62432   -7.18720  8.68772   1.000 23.58000 ? 78  ASP   A C   1 
ATOM   635  O O   . ASP   A 1 78  ? 9.30605   -6.90129  9.67895   1.000 25.46000 ? 78  ASP   A O   1 
ATOM   636  C CB  . ASP   A 1 78  ? 9.15636   -4.98521  7.61313   1.000 24.84000 ? 78  ASP   A CB  1 
ATOM   637  C CG  . ASP   A 1 78  ? 7.92433   -4.26215  8.12039   1.000 19.40000 ? 78  ASP   A CG  1 
ATOM   638  O OD1 . ASP   A 1 78  ? 6.80894   -4.55648  7.64282   1.000 21.49000 ? 78  ASP   A OD1 1 
ATOM   639  O OD2 . ASP   A 1 78  ? 8.07987   -3.40256  9.00675   1.000 23.30000 ? 78  ASP   A OD2 1 
ATOM   640  N N   . ASN   A 1 79  ? 7.66230   -8.10823  8.73132   1.000 22.50000 ? 79  ASN   A N   1 
ATOM   641  C CA  . ASN   A 1 79  ? 7.39515   -8.94337  9.91312   1.000 24.32000 ? 79  ASN   A CA  1 
ATOM   642  C C   . ASN   A 1 79  ? 7.32018   -8.12323  11.19913  1.000 24.24000 ? 79  ASN   A C   1 
ATOM   643  O O   . ASN   A 1 79  ? 8.00282   -8.41414  12.18767  1.000 24.58000 ? 79  ASN   A O   1 
ATOM   644  C CB  . ASN   A 1 79  ? 8.44451   -10.05240 10.06114  1.000 28.79000 ? 79  ASN   A CB  1 
ATOM   645  C CG  . ASN   A 1 79  ? 8.74388   -10.76542 8.75469   1.000 39.50000 ? 79  ASN   A CG  1 
ATOM   646  O OD1 . ASN   A 1 79  ? 8.08649   -11.74969 8.41186   1.000 45.35000 ? 79  ASN   A OD1 1 
ATOM   647  N ND2 . ASN   A 1 79  ? 9.75469   -10.29397 8.03691   1.000 36.15000 ? 79  ASN   A ND2 1 
ATOM   648  N N   . ARG   A 1 80  ? 6.45890   -7.10471  11.20301  1.000 22.11000 ? 80  ARG   A N   1 
ATOM   649  C CA  . ARG   A 1 80  ? 6.24939   -6.28412  12.38864  1.000 23.31000 ? 80  ARG   A CA  1 
ATOM   650  C C   . ARG   A 1 80  ? 4.77085   -6.26957  12.75833  1.000 23.49000 ? 80  ARG   A C   1 
ATOM   651  O O   . ARG   A 1 80  ? 3.89538   -6.49419  11.91849  1.000 19.97000 ? 80  ARG   A O   1 
ATOM   652  C CB  . ARG   A 1 80  ? 6.73030   -4.83988  12.19223  1.000 20.97000 ? 80  ARG   A CB  1 
ATOM   653  C CG  . ARG   A 1 80  ? 8.24366   -4.67472  12.25537  1.000 21.14000 ? 80  ARG   A CG  1 
ATOM   654  C CD  . ARG   A 1 80  ? 8.62509   -3.20871  12.13174  1.000 21.15000 ? 80  ARG   A CD  1 
ATOM   655  N NE  . ARG   A 1 80  ? 10.04646  -3.00635  12.40014  1.000 23.75000 ? 80  ARG   A NE  1 
ATOM   656  C CZ  . ARG   A 1 80  ? 10.95377  -2.78140  11.45496  1.000 24.63000 ? 80  ARG   A CZ  1 
ATOM   657  N NH1 . ARG   A 1 80  ? 10.58574  -2.72480  10.18399  1.000 20.79000 ? 80  ARG   A NH1 1 
ATOM   658  N NH2 . ARG   A 1 80  ? 12.22515  -2.61204  11.78026  1.000 23.79000 ? 80  ARG   A NH2 1 
ATOM   659  N N   . HIS   A 1 81  ? 4.50967   -6.00264  14.03435  1.000 23.71000 ? 81  HIS   A N   1 
ATOM   660  C CA  . HIS   A 1 81  ? 3.15701   -5.84965  14.54134  1.000 20.90000 ? 81  HIS   A CA  1 
ATOM   661  C C   . HIS   A 1 81  ? 2.79281   -4.37253  14.54299  1.000 19.59000 ? 81  HIS   A C   1 
ATOM   662  O O   . HIS   A 1 81  ? 3.55080   -3.54379  15.05689  1.000 22.48000 ? 81  HIS   A O   1 
ATOM   663  C CB  . HIS   A 1 81  ? 3.04914   -6.41904  15.95798  1.000 24.07000 ? 81  HIS   A CB  1 
ATOM   664  C CG  . HIS   A 1 81  ? 3.27680   -7.89749  16.03927  1.000 30.12000 ? 81  HIS   A CG  1 
ATOM   665  N ND1 . HIS   A 1 81  ? 2.33812   -8.82273  15.63341  1.000 38.55000 ? 81  HIS   A ND1 1 
ATOM   666  C CD2 . HIS   A 1 81  ? 4.34810   -8.60977  16.46090  1.000 35.03000 ? 81  HIS   A CD2 1 
ATOM   667  C CE1 . HIS   A 1 81  ? 2.81540   -10.04250 15.81896  1.000 33.22000 ? 81  HIS   A CE1 1 
ATOM   668  N NE2 . HIS   A 1 81  ? 4.03634   -9.93915  16.31458  1.000 35.18000 ? 81  HIS   A NE2 1 
ATOM   669  N N   . VAL   A 1 82  ? 1.63613   -4.04312  13.95853  1.000 21.05000 ? 82  VAL   A N   1 
ATOM   670  C CA  . VAL   A 1 82  ? 1.13798   -2.67259  13.93375  1.000 16.89000 ? 82  VAL   A CA  1 
ATOM   671  C C   . VAL   A 1 82  ? -0.35749  -2.65596  14.23036  1.000 18.09000 ? 82  VAL   A C   1 
ATOM   672  O O   . VAL   A 1 82  ? -1.06293  -3.65239  14.05995  1.000 23.40000 ? 82  VAL   A O   1 
ATOM   673  C CB  . VAL   A 1 82  ? 1.40894   -1.98048  12.57607  1.000 18.16000 ? 82  VAL   A CB  1 
ATOM   674  C CG1 . VAL   A 1 82  ? 2.89958   -1.87386  12.31485  1.000 20.38000 ? 82  VAL   A CG1 1 
ATOM   675  C CG2 . VAL   A 1 82  ? 0.74255   -2.75169  11.46444  1.000 18.31000 ? 82  VAL   A CG2 1 
ATOM   676  N N   . LYS   A 1 83  ? -0.83465  -1.49458  14.67656  1.000 18.20000 ? 83  LYS   A N   1 
ATOM   677  C CA  . LYS   A 1 83  ? -2.26150  -1.22694  14.83834  1.000 20.34000 ? 83  LYS   A CA  1 
ATOM   678  C C   . LYS   A 1 83  ? -2.68932  -0.36711  13.65928  1.000 17.99000 ? 83  LYS   A C   1 
ATOM   679  O O   . LYS   A 1 83  ? -2.25715  0.78079   13.53610  1.000 20.62000 ? 83  LYS   A O   1 
ATOM   680  C CB  . LYS   A 1 83  ? -2.55394  -0.51480  16.15598  1.000 24.23000 ? 83  LYS   A CB  1 
ATOM   681  C CG  . LYS   A 1 83  ? -2.51222  -1.41089  17.37410  1.000 31.57000 ? 83  LYS   A CG  1 
ATOM   682  C CD  . LYS   A 1 83  ? -3.31721  -0.80355  18.51547  1.000 35.95000 ? 83  LYS   A CD  1 
ATOM   683  C CE  . LYS   A 1 83  ? -3.33830  0.72100   18.42191  1.000 44.56000 ? 83  LYS   A CE  1 
ATOM   684  N NZ  . LYS   A 1 83  ? -2.16257  1.35485   19.09275  1.000 52.54000 ? 83  LYS   A NZ  1 
ATOM   685  N N   . ALA   A 1 84  ? -3.53867  -0.91651  12.80012  1.000 18.12000 ? 84  ALA   A N   1 
ATOM   686  C CA  . ALA   A 1 84  ? -3.85763  -0.30207  11.51915  1.000 17.71000 ? 84  ALA   A CA  1 
ATOM   687  C C   . ALA   A 1 84  ? -5.25011  0.31237   11.53465  1.000 19.20000 ? 84  ALA   A C   1 
ATOM   688  O O   . ALA   A 1 84  ? -6.16194  -0.19699  12.19148  1.000 18.26000 ? 84  ALA   A O   1 
ATOM   689  C CB  . ALA   A 1 84  ? -3.76219  -1.33643  10.39172  1.000 19.08000 ? 84  ALA   A CB  1 
ATOM   690  N N   . LEU   A 1 85  ? -5.42136  1.39973   10.78099  1.000 17.49000 ? 85  LEU   A N   1 
ATOM   691  C CA  . LEU   A 1 85  ? -6.72655  2.03800   10.65358  1.000 14.83000 ? 85  LEU   A CA  1 
ATOM   692  C C   . LEU   A 1 85  ? -6.80785  2.68322   9.28144   1.000 15.25000 ? 85  LEU   A C   1 
ATOM   693  O O   . LEU   A 1 85  ? -5.88982  3.41146   8.89341   1.000 18.90000 ? 85  LEU   A O   1 
ATOM   694  C CB  . LEU   A 1 85  ? -6.95145  3.09314   11.74037  1.000 17.60000 ? 85  LEU   A CB  1 
ATOM   695  C CG  . LEU   A 1 85  ? -8.23124  3.92122   11.62087  1.000 19.75000 ? 85  LEU   A CG  1 
ATOM   696  C CD1 . LEU   A 1 85  ? -9.47254  3.03771   11.72605  1.000 19.54000 ? 85  LEU   A CD1 1 
ATOM   697  C CD2 . LEU   A 1 85  ? -8.26455  5.03495   12.65542  1.000 23.40000 ? 85  LEU   A CD2 1 
ATOM   698  N N   . VAL   A 1 86  ? -7.88208  2.40261   8.55166   1.000 13.42000 ? 86  VAL   A N   1 
ATOM   699  C CA  . VAL   A 1 86  ? -8.09568  2.98154   7.22582   1.000 14.25000 ? 86  VAL   A CA  1 
ATOM   700  C C   . VAL   A 1 86  ? -9.35157  3.83829   7.27471   1.000 16.73000 ? 86  VAL   A C   1 
ATOM   701  O O   . VAL   A 1 86  ? -10.41296 3.37507   7.72177   1.000 16.23000 ? 86  VAL   A O   1 
ATOM   702  C CB  . VAL   A 1 86  ? -8.20562  1.91588   6.12457   1.000 15.66000 ? 86  VAL   A CB  1 
ATOM   703  C CG1 . VAL   A 1 86  ? -8.32484  2.61051   4.74581   1.000 14.24000 ? 86  VAL   A CG1 1 
ATOM   704  C CG2 . VAL   A 1 86  ? -6.97518  1.01097   6.13961   1.000 17.48000 ? 86  VAL   A CG2 1 
ATOM   705  N N   . THR   A 1 87  ? -9.22541  5.08454   6.81636   1.000 14.69000 ? 87  THR   A N   1 
ATOM   706  C CA  . THR   A 1 87  ? -10.31292 6.05013   6.84103   1.000 15.35000 ? 87  THR   A CA  1 
ATOM   707  C C   . THR   A 1 87  ? -10.26725 6.89708   5.57354   1.000 18.79000 ? 87  THR   A C   1 
ATOM   708  O O   . THR   A 1 87  ? -9.29521  6.86934   4.81086   1.000 17.56000 ? 87  THR   A O   1 
ATOM   709  C CB  . THR   A 1 87  ? -10.24310 6.96434   8.07491   1.000 17.98000 ? 87  THR   A CB  1 
ATOM   710  O OG1 . THR   A 1 87  ? -9.01863  7.70270   8.06410   1.000 20.45000 ? 87  THR   A OG1 1 
ATOM   711  C CG2 . THR   A 1 87  ? -10.35263 6.14835   9.39070   1.000 20.02000 ? 87  THR   A CG2 1 
ATOM   712  N N   . TRP   A 1 88  ? -11.35066 7.63823   5.35048   1.000 15.47000 ? 88  TRP   A N   1 
ATOM   713  C CA  . TRP   A 1 88  ? -11.47155 8.57228   4.23788   1.000 16.49000 ? 88  TRP   A CA  1 
ATOM   714  C C   . TRP   A 1 88  ? -11.14798 9.99088   4.67847   1.000 21.67000 ? 88  TRP   A C   1 
ATOM   715  O O   . TRP   A 1 88  ? -11.67151 10.46832  5.69341   1.000 19.27000 ? 88  TRP   A O   1 
ATOM   716  C CB  . TRP   A 1 88  ? -12.88588 8.56176   3.67068   1.000 18.90000 ? 88  TRP   A CB  1 
ATOM   717  C CG  . TRP   A 1 88  ? -13.25381 7.33020   2.98357   1.000 15.18000 ? 88  TRP   A CG  1 
ATOM   718  C CD1 . TRP   A 1 88  ? -14.12473 6.37235   3.42463   1.000 20.28000 ? 88  TRP   A CD1 1 
ATOM   719  C CD2 . TRP   A 1 88  ? -12.79209 6.89997   1.70254   1.000 17.82000 ? 88  TRP   A CD2 1 
ATOM   720  N NE1 . TRP   A 1 88  ? -14.22978 5.36781   2.48928   1.000 20.30000 ? 88  TRP   A NE1 1 
ATOM   721  C CE2 . TRP   A 1 88  ? -13.42238 5.67010   1.42370   1.000 20.03000 ? 88  TRP   A CE2 1 
ATOM   722  C CE3 . TRP   A 1 88  ? -11.91000 7.43941   0.75914   1.000 20.32000 ? 88  TRP   A CE3 1 
ATOM   723  C CZ2 . TRP   A 1 88  ? -13.18564 4.95959   0.24685   1.000 21.59000 ? 88  TRP   A CZ2 1 
ATOM   724  C CZ3 . TRP   A 1 88  ? -11.68157 6.73330   -0.41096  1.000 20.86000 ? 88  TRP   A CZ3 1 
ATOM   725  C CH2 . TRP   A 1 88  ? -12.32447 5.50948   -0.65784  1.000 19.45000 ? 88  TRP   A CH2 1 
ATOM   726  N N   . GLU   A 1 89  ? -10.32216 10.67366  3.89011   1.000 18.45000 ? 89  GLU   A N   1 
ATOM   727  C CA  . GLU   A 1 89  ? -10.14882 12.12257  3.95962   1.000 19.88000 ? 89  GLU   A CA  1 
ATOM   728  C C   . GLU   A 1 89  ? -10.62315 12.66121  2.61374   1.000 19.39000 ? 89  GLU   A C   1 
ATOM   729  O O   . GLU   A 1 89  ? -9.87262  12.64666  1.63306   1.000 21.99000 ? 89  GLU   A O   1 
ATOM   730  C CB  . GLU   A 1 89  ? -8.70101  12.49243  4.25311   1.000 20.51000 ? 89  GLU   A CB  1 
ATOM   731  C CG  . GLU   A 1 89  ? -8.22843  11.92547  5.56873   1.000 25.93000 ? 89  GLU   A CG  1 
ATOM   732  C CD  . GLU   A 1 89  ? -6.86858  12.42284  5.99160   1.000 36.39000 ? 89  GLU   A CD  1 
ATOM   733  O OE1 . GLU   A 1 89  ? -6.48301  12.11754  7.13931   1.000 37.30000 ? 89  GLU   A OE1 1 
ATOM   734  O OE2 . GLU   A 1 89  ? -6.19191  13.10929  5.19277   1.000 30.69000 ? 89  GLU   A OE2 1 
ATOM   735  N N   . GLY   A 1 90  ? -11.86498 13.12286  2.55361   1.000 19.37000 ? 90  GLY   A N   1 
ATOM   736  C CA  . GLY   A 1 90  ? -12.42945 13.41098  1.24690   1.000 23.64000 ? 90  GLY   A CA  1 
ATOM   737  C C   . GLY   A 1 90  ? -12.50709 12.11800  0.46540   1.000 22.13000 ? 90  GLY   A C   1 
ATOM   738  O O   . GLY   A 1 90  ? -13.08745 11.12684  0.92723   1.000 22.04000 ? 90  GLY   A O   1 
ATOM   739  N N   . ASP   A 1 91  ? -11.91846 12.09867  -0.73228  1.000 19.03000 ? 91  ASP   A N   1 
ATOM   740  C CA  . ASP   A 1 91  ? -11.85410 10.85222  -1.48675  1.000 19.57000 ? 91  ASP   A CA  1 
ATOM   741  C C   . ASP   A 1 91  ? -10.44534 10.26720  -1.53086  1.000 18.81000 ? 91  ASP   A C   1 
ATOM   742  O O   . ASP   A 1 91  ? -10.14531 9.44655   -2.40481  1.000 20.23000 ? 91  ASP   A O   1 
ATOM   743  C CB  . ASP   A 1 91  ? -12.43631 11.02849  -2.88859  1.000 24.04000 ? 91  ASP   A CB  1 
ATOM   744  C CG  . ASP   A 1 91  ? -11.75550 12.09994  -3.68252  1.000 25.11000 ? 91  ASP   A CG  1 
ATOM   745  O OD1 . ASP   A 1 91  ? -12.17370 12.26673  -4.85057  1.000 29.82000 ? 91  ASP   A OD1 1 
ATOM   746  O OD2 . ASP   A 1 91  ? -10.81602 12.75220  -3.17653  1.000 29.98000 ? 91  ASP   A OD2 1 
ATOM   747  N N   . VAL   A 1 92  ? -9.59886  10.63346  -0.57168  1.000 17.59000 ? 92  VAL   A N   1 
ATOM   748  C CA  . VAL   A 1 92  ? -8.31506  9.97048   -0.35207  1.000 14.71000 ? 92  VAL   A CA  1 
ATOM   749  C C   . VAL   A 1 92  ? -8.50667  8.91018   0.72663   1.000 17.58000 ? 92  VAL   A C   1 
ATOM   750  O O   . VAL   A 1 92  ? -8.96514  9.21464   1.83258   1.000 18.90000 ? 92  VAL   A O   1 
ATOM   751  C CB  . VAL   A 1 92  ? -7.23525  10.97917  0.06323   1.000 17.54000 ? 92  VAL   A CB  1 
ATOM   752  C CG1 . VAL   A 1 92  ? -5.89297  10.26504  0.32263   1.000 17.51000 ? 92  VAL   A CG1 1 
ATOM   753  C CG2 . VAL   A 1 92  ? -7.10752  12.07547  -1.00473  1.000 18.14000 ? 92  VAL   A CG2 1 
ATOM   754  N N   . LEU   A 1 93  ? -8.15243  7.66821   0.40943   1.000 15.70000 ? 93  LEU   A N   1 
ATOM   755  C CA  . LEU   A 1 93  ? -8.18791  6.57068   1.37504   1.000 15.70000 ? 93  LEU   A CA  1 
ATOM   756  C C   . LEU   A 1 93  ? -6.85740  6.56010   2.12280   1.000 17.57000 ? 93  LEU   A C   1 
ATOM   757  O O   . LEU   A 1 93  ? -5.79834  6.42724   1.50349   1.000 17.35000 ? 93  LEU   A O   1 
ATOM   758  C CB  . LEU   A 1 93  ? -8.42805  5.24005   0.66443   1.000 16.19000 ? 93  LEU   A CB  1 
ATOM   759  C CG  . LEU   A 1 93  ? -8.76596  4.05373   1.58084   1.000 17.42000 ? 93  LEU   A CG  1 
ATOM   760  C CD1 . LEU   A 1 93  ? -10.13642 4.23841   2.25932   1.000 18.17000 ? 93  LEU   A CD1 1 
ATOM   761  C CD2 . LEU   A 1 93  ? -8.70300  2.74074   0.81124   1.000 16.44000 ? 93  LEU   A CD2 1 
ATOM   762  N N   . VAL   A 1 94  ? -6.90498  6.69452   3.44718   1.000 15.06000 ? 94  VAL   A N   1 
ATOM   763  C CA  . VAL   A 1 94  ? -5.70891  6.92183   4.24928   1.000 14.54000 ? 94  VAL   A CA  1 
ATOM   764  C C   . VAL   A 1 94  ? -5.54817  5.77180   5.23057   1.000 15.20000 ? 94  VAL   A C   1 
ATOM   765  O O   . VAL   A 1 94  ? -6.47530  5.46087   5.98704   1.000 16.76000 ? 94  VAL   A O   1 
ATOM   766  C CB  . VAL   A 1 94  ? -5.78782  8.26064   5.00298   1.000 18.45000 ? 94  VAL   A CB  1 
ATOM   767  C CG1 . VAL   A 1 94  ? -4.56567  8.43297   5.88615   1.000 22.62000 ? 94  VAL   A CG1 1 
ATOM   768  C CG2 . VAL   A 1 94  ? -5.89795  9.42004   4.00859   1.000 18.75000 ? 94  VAL   A CG2 1 
ATOM   769  N N   . CYS   A 1 95  ? -4.38032  5.13953   5.21303   1.000 14.94000 ? 95  CYS   A N   1 
ATOM   770  C CA  . CYS   A 1 95  ? -4.03529  4.09590   6.17293   1.000 18.74000 ? 95  CYS   A CA  1 
ATOM   771  C C   . CYS   A 1 95  ? -2.91969  4.58213   7.09230   1.000 16.06000 ? 95  CYS   A C   1 
ATOM   772  O O   . CYS   A 1 95  ? -1.86956  5.03435   6.62089   1.000 15.37000 ? 95  CYS   A O   1 
ATOM   773  C CB  . CYS   A 1 95  ? -3.58064  2.81962   5.45629   1.000 14.32000 ? 95  CYS   A CB  1 
ATOM   774  S SG  . CYS   A 1 95  ? -3.10045  1.48838   6.65181   1.000 20.35000 ? 95  CYS   A SG  1 
ATOM   775  N N   . VAL   A 1 96  ? -3.15620  4.50662   8.39920   1.000 15.17000 ? 96  VAL   A N   1 
ATOM   776  C CA  A VAL   A 1 96  ? -2.13772  4.77199   9.40781   0.070 17.30000 ? 96  VAL   A CA  1 
ATOM   777  C CA  B VAL   A 1 96  ? -2.13611  4.77282   9.40866   0.930 17.19000 ? 96  VAL   A CA  1 
ATOM   778  C C   . VAL   A 1 96  ? -1.85585  3.46405   10.13065  1.000 16.09000 ? 96  VAL   A C   1 
ATOM   779  O O   . VAL   A 1 96  ? -2.78551  2.79202   10.59639  1.000 18.02000 ? 96  VAL   A O   1 
ATOM   780  C CB  A VAL   A 1 96  ? -2.58997  5.86184   10.39325  0.070 18.90000 ? 96  VAL   A CB  1 
ATOM   781  C CB  B VAL   A 1 96  ? -2.58290  5.86249   10.40036  0.930 18.86000 ? 96  VAL   A CB  1 
ATOM   782  C CG1 A VAL   A 1 96  ? -2.66110  7.21202   9.70315   0.070 20.94000 ? 96  VAL   A CG1 1 
ATOM   783  C CG1 B VAL   A 1 96  ? -1.60451  5.94060   11.56201  0.930 22.23000 ? 96  VAL   A CG1 1 
ATOM   784  C CG2 A VAL   A 1 96  ? -3.93650  5.50111   11.00709  0.070 19.71000 ? 96  VAL   A CG2 1 
ATOM   785  C CG2 B VAL   A 1 96  ? -2.68431  7.20989   9.70914   0.930 20.94000 ? 96  VAL   A CG2 1 
ATOM   786  N N   . GLN   A 1 97  ? -0.58458  3.09908   10.20125  1.000 16.81000 ? 97  GLN   A N   1 
ATOM   787  C CA  . GLN   A 1 97  ? -0.12546  1.89011   10.87395  1.000 16.84000 ? 97  GLN   A CA  1 
ATOM   788  C C   . GLN   A 1 97  ? 0.72953   2.30906   12.06118  1.000 17.91000 ? 97  GLN   A C   1 
ATOM   789  O O   . GLN   A 1 97  ? 1.88280   2.72634   11.88787  1.000 18.40000 ? 97  GLN   A O   1 
ATOM   790  C CB  . GLN   A 1 97  ? 0.65856   0.99841   9.92448   1.000 19.22000 ? 97  GLN   A CB  1 
ATOM   791  C CG  . GLN   A 1 97  ? -0.21715  0.31149   8.90588   1.000 17.48000 ? 97  GLN   A CG  1 
ATOM   792  C CD  . GLN   A 1 97  ? 0.56858   -0.20028  7.72973   1.000 21.67000 ? 97  GLN   A CD  1 
ATOM   793  O OE1 . GLN   A 1 97  ? 1.46902   0.47265   7.23389   1.000 21.73000 ? 97  GLN   A OE1 1 
ATOM   794  N NE2 . GLN   A 1 97  ? 0.22761   -1.39741  7.26989   1.000 25.05000 ? 97  GLN   A NE2 1 
ATOM   795  N N   . LYS   A 1 98  ? 0.15013   2.20825   13.25665  1.000 19.77000 ? 98  LYS   A N   1 
ATOM   796  C CA  . LYS   A 1 98  ? 0.83060   2.62858   14.47406  1.000 21.92000 ? 98  LYS   A CA  1 
ATOM   797  C C   . LYS   A 1 98  ? 1.75849   1.52897   14.96345  1.000 20.87000 ? 98  LYS   A C   1 
ATOM   798  O O   . LYS   A 1 98  ? 1.35940   0.36458   15.03554  1.000 20.84000 ? 98  LYS   A O   1 
ATOM   799  C CB  . LYS   A 1 98  ? -0.19870  2.96640   15.54648  1.000 21.59000 ? 98  LYS   A CB  1 
ATOM   800  C CG  . LYS   A 1 98  ? -0.88838  4.27715   15.31056  1.000 22.15000 ? 98  LYS   A CG  1 
ATOM   801  C CD  . LYS   A 1 98  ? -1.63709  4.70283   16.56316  1.000 36.35000 ? 98  LYS   A CD  1 
ATOM   802  C CE  . LYS   A 1 98  ? -2.71810  5.72994   16.26822  1.000 40.82000 ? 98  LYS   A CE  1 
ATOM   803  N NZ  . LYS   A 1 98  ? -3.80250  5.67015   17.30350  1.000 43.17000 ? 98  LYS   A NZ  1 
ATOM   804  N N   . GLY   A 1 99  ? 2.98971   1.89778   15.31021  1.000 22.15000 ? 99  GLY   A N   1 
ATOM   805  C CA  . GLY   A 1 99  ? 3.96089   0.90560   15.74791  1.000 26.88000 ? 99  GLY   A CA  1 
ATOM   806  C C   . GLY   A 1 99  ? 5.35905   1.48601   15.84539  1.000 19.78000 ? 99  GLY   A C   1 
ATOM   807  O O   . GLY   A 1 99  ? 5.53679   2.67706   16.12005  1.000 24.86000 ? 99  GLY   A O   1 
ATOM   808  N N   . GLU   A 1 100 ? 6.34772   0.62157   15.59579  1.000 18.48000 ? 100 GLU   A N   1 
ATOM   809  C CA  . GLU   A 1 100 ? 7.75109   1.00509   15.72815  1.000 22.98000 ? 100 GLU   A CA  1 
ATOM   810  C C   . GLU   A 1 100 ? 8.11921   2.15490   14.79939  1.000 26.33000 ? 100 GLU   A C   1 
ATOM   811  O O   . GLU   A 1 100 ? 8.93052   3.01571   15.15856  1.000 23.60000 ? 100 GLU   A O   1 
ATOM   812  C CB  . GLU   A 1 100 ? 8.63742   -0.21207  15.44967  1.000 25.99000 ? 100 GLU   A CB  1 
ATOM   813  C CG  . GLU   A 1 100 ? 9.83151   -0.37600  16.38454  1.000 43.25000 ? 100 GLU   A CG  1 
ATOM   814  C CD  . GLU   A 1 100 ? 10.95208  0.60560   16.09393  1.000 45.29000 ? 100 GLU   A CD  1 
ATOM   815  O OE1 . GLU   A 1 100 ? 11.21615  0.86731   14.90199  1.000 44.50000 ? 100 GLU   A OE1 1 
ATOM   816  O OE2 . GLU   A 1 100 ? 11.58780  1.09793   17.05708  1.000 41.50000 ? 100 GLU   A OE2 1 
ATOM   817  N N   . LYS   A 1 101 ? 7.55548   2.18010   13.59730  1.000 23.93000 ? 101 LYS   A N   1 
ATOM   818  C CA  . LYS   A 1 101 ? 7.92726   3.16653   12.59680  1.000 21.30000 ? 101 LYS   A CA  1 
ATOM   819  C C   . LYS   A 1 101 ? 7.02664   4.39209   12.67647  1.000 21.12000 ? 101 LYS   A C   1 
ATOM   820  O O   . LYS   A 1 101 ? 5.81644   4.27607   12.87491  1.000 24.25000 ? 101 LYS   A O   1 
ATOM   821  C CB  . LYS   A 1 101 ? 7.83424   2.55526   11.19651  1.000 22.28000 ? 101 LYS   A CB  1 
ATOM   822  C CG  . LYS   A 1 101 ? 8.79117   1.38984   10.96217  1.000 20.96000 ? 101 LYS   A CG  1 
ATOM   823  C CD  . LYS   A 1 101 ? 10.24468  1.86820   10.91805  1.000 21.75000 ? 101 LYS   A CD  1 
ATOM   824  C CE  . LYS   A 1 101 ? 11.20809  0.70299   10.76022  1.000 21.50000 ? 101 LYS   A CE  1 
ATOM   825  N NZ  . LYS   A 1 101 ? 12.62868  1.14178   10.64305  1.000 27.47000 ? 101 LYS   A NZ  1 
ATOM   826  N N   . GLU   A 1 102 ? 7.61816   5.56595   12.47621  1.000 23.39000 ? 102 GLU   A N   1 
ATOM   827  C CA  . GLU   A 1 102 ? 6.82551   6.78370   12.41388  1.000 26.59000 ? 102 GLU   A CA  1 
ATOM   828  C C   . GLU   A 1 102 ? 6.29485   7.01387   10.99405  1.000 22.71000 ? 102 GLU   A C   1 
ATOM   829  O O   . GLU   A 1 102 ? 6.83987   6.51109   10.00984  1.000 22.29000 ? 102 GLU   A O   1 
ATOM   830  C CB  . GLU   A 1 102 ? 7.65648   7.98291   12.87552  1.000 30.42000 ? 102 GLU   A CB  1 
ATOM   831  C CG  . GLU   A 1 102 ? 8.42875   7.72645   14.16754  1.000 35.73000 ? 102 GLU   A CG  1 
ATOM   832  C CD  . GLU   A 1 102 ? 8.61006   8.97344   15.01807  1.000 52.22000 ? 102 GLU   A CD  1 
ATOM   833  O OE1 . GLU   A 1 102 ? 8.75903   10.07758  14.45248  1.000 47.69000 ? 102 GLU   A OE1 1 
ATOM   834  O OE2 . GLU   A 1 102 ? 8.60875   8.84364   16.26194  1.000 59.57000 ? 102 GLU   A OE2 1 
ATOM   835  N N   . ASN   A 1 103 ? 5.21170   7.78835   10.90452  1.000 21.26000 ? 103 ASN   A N   1 
ATOM   836  C CA  . ASN   A 1 103 ? 4.62063   8.19014   9.62493   1.000 23.75000 ? 103 ASN   A CA  1 
ATOM   837  C C   . ASN   A 1 103 ? 4.41267   7.00229   8.68799   1.000 23.01000 ? 103 ASN   A C   1 
ATOM   838  O O   . ASN   A 1 103 ? 4.60948   7.11150   7.47489   1.000 22.90000 ? 103 ASN   A O   1 
ATOM   839  C CB  . ASN   A 1 103 ? 5.47150   9.24784   8.91711   1.000 28.01000 ? 103 ASN   A CB  1 
ATOM   840  C CG  . ASN   A 1 103 ? 5.71737   10.47322  9.75815   1.000 35.24000 ? 103 ASN   A CG  1 
ATOM   841  O OD1 . ASN   A 1 103 ? 4.78985   11.04725  10.32696  1.000 34.44000 ? 103 ASN   A OD1 1 
ATOM   842  N ND2 . ASN   A 1 103 ? 6.97049   10.92142  9.79056   1.000 37.29000 ? 103 ASN   A ND2 1 
ATOM   843  N N   . ARG   A 1 104 ? 4.00849   5.86075   9.24142   1.000 21.16000 ? 104 ARG   A N   1 
ATOM   844  C CA  . ARG   A 1 104 ? 3.89025   4.62751   8.46711   1.000 17.29000 ? 104 ARG   A CA  1 
ATOM   845  C C   . ARG   A 1 104 ? 2.45751   4.41534   7.98855   1.000 18.68000 ? 104 ARG   A C   1 
ATOM   846  O O   . ARG   A 1 104 ? 1.51502   4.44740   8.78500   1.000 19.03000 ? 104 ARG   A O   1 
ATOM   847  C CB  . ARG   A 1 104 ? 4.32962   3.41035   9.28554   1.000 17.52000 ? 104 ARG   A CB  1 
ATOM   848  C CG  . ARG   A 1 104 ? 4.16886   2.12122   8.48369   1.000 18.75000 ? 104 ARG   A CG  1 
ATOM   849  C CD  . ARG   A 1 104 ? 4.51894   0.86967   9.27878   1.000 24.16000 ? 104 ARG   A CD  1 
ATOM   850  N NE  . ARG   A 1 104 ? 4.48371   -0.29182  8.40065   1.000 21.61000 ? 104 ARG   A NE  1 
ATOM   851  C CZ  . ARG   A 1 104 ? 5.24294   -1.37170  8.53812   1.000 20.87000 ? 104 ARG   A CZ  1 
ATOM   852  N NH1 . ARG   A 1 104 ? 6.10410   -1.47354  9.53941   1.000 22.38000 ? 104 ARG   A NH1 1 
ATOM   853  N NH2 . ARG   A 1 104 ? 5.15730   -2.35372  7.65916   1.000 20.51000 ? 104 ARG   A NH2 1 
ATOM   854  N N   . GLY   A 1 105 ? 2.29804   4.18373   6.69849   1.000 17.35000 ? 105 GLY   A N   1 
ATOM   855  C CA  . GLY   A 1 105 ? 0.98151   3.86478   6.16716   1.000 15.00000 ? 105 GLY   A CA  1 
ATOM   856  C C   . GLY   A 1 105 ? 0.96251   4.11453   4.67041   1.000 15.34000 ? 105 GLY   A C   1 
ATOM   857  O O   . GLY   A 1 105 ? 1.98352   3.98134   3.99671   1.000 18.25000 ? 105 GLY   A O   1 
ATOM   858  N N   . TRP   A 1 106 ? -0.21473  4.47618   4.17081   1.000 17.49000 ? 106 TRP   A N   1 
ATOM   859  C CA  . TRP   A 1 106 ? -0.32501  4.77191   2.74784   1.000 16.54000 ? 106 TRP   A CA  1 
ATOM   860  C C   . TRP   A 1 106 ? -1.53739  5.65498   2.49516   1.000 17.69000 ? 106 TRP   A C   1 
ATOM   861  O O   . TRP   A 1 106 ? -2.37838  5.86403   3.36748   1.000 16.70000 ? 106 TRP   A O   1 
ATOM   862  C CB  . TRP   A 1 106 ? -0.38594  3.48827   1.91650   1.000 15.90000 ? 106 TRP   A CB  1 
ATOM   863  C CG  . TRP   A 1 106 ? -1.34543  2.38772   2.37878   1.000 18.04000 ? 106 TRP   A CG  1 
ATOM   864  C CD1 . TRP   A 1 106 ? -0.99507  1.18649   2.93293   1.000 18.61000 ? 106 TRP   A CD1 1 
ATOM   865  C CD2 . TRP   A 1 106 ? -2.78341  2.36154   2.24798   1.000 16.19000 ? 106 TRP   A CD2 1 
ATOM   866  N NE1 . TRP   A 1 106 ? -2.11715  0.42590   3.16546   1.000 21.35000 ? 106 TRP   A NE1 1 
ATOM   867  C CE2 . TRP   A 1 106 ? -3.22552  1.12424   2.76623   1.000 18.69000 ? 106 TRP   A CE2 1 
ATOM   868  C CE3 . TRP   A 1 106 ? -3.73371  3.26905   1.76831   1.000 17.12000 ? 106 TRP   A CE3 1 
ATOM   869  C CZ2 . TRP   A 1 106 ? -4.58044  0.75924   2.80326   1.000 17.97000 ? 106 TRP   A CZ2 1 
ATOM   870  C CZ3 . TRP   A 1 106 ? -5.08884  2.89947   1.80779   1.000 15.78000 ? 106 TRP   A CZ3 1 
ATOM   871  C CH2 . TRP   A 1 106 ? -5.48984  1.65938   2.32620   1.000 18.41000 ? 106 TRP   A CH2 1 
ATOM   872  N N   . LYS   A 1 107 ? -1.60154  6.19350   1.27782   1.000 17.42000 ? 107 LYS   A N   1 
ATOM   873  C CA  . LYS   A 1 107 ? -2.76519  6.92718   0.80825   1.000 15.99000 ? 107 LYS   A CA  1 
ATOM   874  C C   . LYS   A 1 107 ? -3.04749  6.46206   -0.61043  1.000 15.56000 ? 107 LYS   A C   1 
ATOM   875  O O   . LYS   A 1 107 ? -2.11060  6.25202   -1.38860  1.000 19.12000 ? 107 LYS   A O   1 
ATOM   876  C CB  . LYS   A 1 107 ? -2.53925  8.44634   0.80222   1.000 19.99000 ? 107 LYS   A CB  1 
ATOM   877  C CG  . LYS   A 1 107 ? -1.98761  9.02295   2.09290   1.000 25.66000 ? 107 LYS   A CG  1 
ATOM   878  C CD  . LYS   A 1 107 ? -1.85506  10.54282  1.98828   1.000 27.38000 ? 107 LYS   A CD  1 
ATOM   879  C CE  . LYS   A 1 107 ? -0.97047  11.09561  3.10308   1.000 38.05000 ? 107 LYS   A CE  1 
ATOM   880  N NZ  . LYS   A 1 107 ? 0.44444   10.63729  2.96272   1.000 34.39000 ? 107 LYS   A NZ  1 
ATOM   881  N N   . LYS   A 1 108 ? -4.31819  6.30011   -0.93245  1.000 15.22000 ? 108 LYS   A N   1 
ATOM   882  C CA  . LYS   A 1 108 ? -4.71297  5.94995   -2.27583  1.000 16.32000 ? 108 LYS   A CA  1 
ATOM   883  C C   . LYS   A 1 108 ? -5.83759  6.84314   -2.78779  1.000 16.77000 ? 108 LYS   A C   1 
ATOM   884  O O   . LYS   A 1 108 ? -6.69705  7.11942   -2.08825  1.000 16.37000 ? 108 LYS   A O   1 
ATOM   885  C CB  . LYS   A 1 108 ? -5.22068  4.52610   -2.37857  1.000 21.02000 ? 108 LYS   A CB  1 
ATOM   886  C CG  . LYS   A 1 108 ? -4.25320  3.41510   -2.03934  1.000 21.37000 ? 108 LYS   A CG  1 
ATOM   887  C CD  . LYS   A 1 108 ? -4.94443  2.06901   -1.92756  1.000 19.70000 ? 108 LYS   A CD  1 
ATOM   888  C CE  . LYS   A 1 108 ? -4.22992  0.99038   -1.10796  1.000 31.73000 ? 108 LYS   A CE  1 
ATOM   889  N NZ  . LYS   A 1 108 ? -2.94203  0.43892   -1.52778  1.000 45.77000 ? 108 LYS   A NZ  1 
ATOM   890  N N   . TRP   A 1 109 ? -5.77264  7.26749   -4.04697  1.000 14.92000 ? 109 TRP   A N   1 
ATOM   891  C CA  . TRP   A 1 109 ? -6.88281  8.02316   -4.60103  1.000 19.25000 ? 109 TRP   A CA  1 
ATOM   892  C C   . TRP   A 1 109 ? -6.96816  7.77083   -6.09964  1.000 20.26000 ? 109 TRP   A C   1 
ATOM   893  O O   . TRP   A 1 109 ? -6.02112  7.28073   -6.71824  1.000 19.11000 ? 109 TRP   A O   1 
ATOM   894  C CB  . TRP   A 1 109 ? -6.73857  9.51672   -4.30680  1.000 20.31000 ? 109 TRP   A CB  1 
ATOM   895  C CG  . TRP   A 1 109 ? -5.57208  10.16613  -4.97684  1.000 17.41000 ? 109 TRP   A CG  1 
ATOM   896  C CD1 . TRP   A 1 109 ? -5.57230  10.80618  -6.18779  1.000 18.46000 ? 109 TRP   A CD1 1 
ATOM   897  C CD2 . TRP   A 1 109 ? -4.23824  10.27258  -4.46751  1.000 17.75000 ? 109 TRP   A CD2 1 
ATOM   898  N NE1 . TRP   A 1 109 ? -4.31472  11.30962  -6.45339  1.000 18.48000 ? 109 TRP   A NE1 1 
ATOM   899  C CE2 . TRP   A 1 109 ? -3.47721  10.98426  -5.41912  1.000 16.81000 ? 109 TRP   A CE2 1 
ATOM   900  C CE3 . TRP   A 1 109 ? -3.60780  9.82663   -3.30376  1.000 19.20000 ? 109 TRP   A CE3 1 
ATOM   901  C CZ2 . TRP   A 1 109 ? -2.11986  11.26852  -5.23311  1.000 19.22000 ? 109 TRP   A CZ2 1 
ATOM   902  C CZ3 . TRP   A 1 109 ? -2.26532  10.11287  -3.11974  1.000 20.18000 ? 109 TRP   A CZ3 1 
ATOM   903  C CH2 . TRP   A 1 109 ? -1.53010  10.81531  -4.08870  1.000 22.18000 ? 109 TRP   A CH2 1 
ATOM   904  N N   . ILE   A 1 110 ? -8.12701  8.10488   -6.66577  1.000 18.99000 ? 110 ILE   A N   1 
ATOM   905  C CA  . ILE   A 1 110 ? -8.40600  7.92698   -8.09139  1.000 18.87000 ? 110 ILE   A CA  1 
ATOM   906  C C   . ILE   A 1 110 ? -8.30678  9.27133   -8.79950  1.000 27.93000 ? 110 ILE   A C   1 
ATOM   907  O O   . ILE   A 1 110 ? -8.89451  10.26361  -8.35179  1.000 29.52000 ? 110 ILE   A O   1 
ATOM   908  C CB  . ILE   A 1 110 ? -9.79966  7.31484   -8.30717  1.000 23.22000 ? 110 ILE   A CB  1 
ATOM   909  C CG1 . ILE   A 1 110 ? -9.91516  5.96836   -7.59210  1.000 23.77000 ? 110 ILE   A CG1 1 
ATOM   910  C CG2 . ILE   A 1 110 ? -10.09640 7.19122   -9.80551  1.000 23.90000 ? 110 ILE   A CG2 1 
ATOM   911  C CD1 . ILE   A 1 110 ? -9.00703  4.89149   -8.15921  1.000 26.57000 ? 110 ILE   A CD1 1 
ATOM   912  N N   . GLU   A 1 111 ? -7.59117  9.29852   -9.92313  1.000 23.29000 ? 111 GLU   A N   1 
ATOM   913  C CA  . GLU   A 1 111 ? -7.57449  10.43416  -10.84795 1.000 29.92000 ? 111 GLU   A CA  1 
ATOM   914  C C   . GLU   A 1 111 ? -7.96864  9.86719   -12.20351 1.000 33.29000 ? 111 GLU   A C   1 
ATOM   915  O O   . GLU   A 1 111 ? -7.16988  9.17465   -12.84150 1.000 31.37000 ? 111 GLU   A O   1 
ATOM   916  C CB  . GLU   A 1 111 ? -6.20540  11.10657  -10.91780 1.000 34.84000 ? 111 GLU   A CB  1 
ATOM   917  C CG  . GLU   A 1 111 ? -5.76116  11.83187  -9.66644  1.000 33.67000 ? 111 GLU   A CG  1 
ATOM   918  C CD  . GLU   A 1 111 ? -6.40317  13.19773  -9.49534  1.000 31.05000 ? 111 GLU   A CD  1 
ATOM   919  O OE1 . GLU   A 1 111 ? -5.98576  13.92903  -8.57131  1.000 35.54000 ? 111 GLU   A OE1 1 
ATOM   920  O OE2 . GLU   A 1 111 ? -7.33849  13.53663  -10.25546 1.000 31.05000 ? 111 GLU   A OE2 1 
ATOM   921  N N   . GLY   A 1 112 ? -9.20113  10.12177  -12.61987 1.000 40.82000 ? 112 GLY   A N   1 
ATOM   922  C CA  . GLY   A 1 112 ? -9.67635  9.59456   -13.88916 1.000 40.75000 ? 112 GLY   A CA  1 
ATOM   923  C C   . GLY   A 1 112 ? -9.69620  8.07829   -13.88559 1.000 29.01000 ? 112 GLY   A C   1 
ATOM   924  O O   . GLY   A 1 112 ? -10.37418 7.43640   -13.07577 1.000 40.71000 ? 112 GLY   A O   1 
ATOM   925  N N   . ASP   A 1 113 ? -8.96141  7.48456   -14.82363 1.000 38.10000 ? 113 ASP   A N   1 
ATOM   926  C CA  . ASP   A 1 113 ? -8.86261  6.03917   -14.95040 1.000 33.77000 ? 113 ASP   A CA  1 
ATOM   927  C C   . ASP   A 1 113 ? -7.58846  5.49613   -14.31574 1.000 26.43000 ? 113 ASP   A C   1 
ATOM   928  O O   . ASP   A 1 113 ? -7.12705  4.41139   -14.68679 1.000 26.36000 ? 113 ASP   A O   1 
ATOM   929  C CB  . ASP   A 1 113 ? -8.93429  5.63818   -16.42741 1.000 41.90000 ? 113 ASP   A CB  1 
ATOM   930  C CG  . ASP   A 1 113 ? -7.76275  6.17769   -17.23737 1.000 50.42000 ? 113 ASP   A CG  1 
ATOM   931  O OD1 . ASP   A 1 113 ? -6.99685  5.36123   -17.79933 1.000 55.92000 ? 113 ASP   A OD1 1 
ATOM   932  O OD2 . ASP   A 1 113 ? -7.60013  7.41609   -17.30283 1.000 57.83000 ? 113 ASP   A OD2 1 
ATOM   933  N N   . LYS   A 1 114 ? -7.00304  6.22841   -13.36977 1.000 24.79000 ? 114 LYS   A N   1 
ATOM   934  C CA  . LYS   A 1 114 ? -5.75328  5.81406   -12.75940 1.000 20.29000 ? 114 LYS   A CA  1 
ATOM   935  C C   . LYS   A 1 114 ? -5.87957  5.84840   -11.24410 1.000 20.87000 ? 114 LYS   A C   1 
ATOM   936  O O   . LYS   A 1 114 ? -6.62844  6.65341   -10.68214 1.000 24.63000 ? 114 LYS   A O   1 
ATOM   937  C CB  . LYS   A 1 114 ? -4.59147  6.69841   -13.20010 1.000 21.80000 ? 114 LYS   A CB  1 
ATOM   938  C CG  . LYS   A 1 114 ? -4.17067  6.50509   -14.68388 1.000 24.16000 ? 114 LYS   A CG  1 
ATOM   939  C CD  . LYS   A 1 114 ? -3.14838  7.54476   -15.09811 1.000 32.62000 ? 114 LYS   A CD  1 
ATOM   940  C CE  . LYS   A 1 114 ? -2.56337  7.27522   -16.48774 1.000 36.64000 ? 114 LYS   A CE  1 
ATOM   941  N NZ  . LYS   A 1 114 ? -3.62254  6.98598   -17.48097 1.000 44.20000 ? 114 LYS   A NZ  1 
ATOM   942  N N   . LEU   A 1 115 ? -5.13728  4.95960   -10.59663 1.000 18.73000 ? 115 LEU   A N   1 
ATOM   943  C CA  . LEU   A 1 115 ? -5.03912  4.92119   -9.14379  1.000 16.44000 ? 115 LEU   A CA  1 
ATOM   944  C C   . LEU   A 1 115 ? -3.65695  5.41962   -8.73592  1.000 18.08000 ? 115 LEU   A C   1 
ATOM   945  O O   . LEU   A 1 115 ? -2.63259  4.92252   -9.22895  1.000 18.33000 ? 115 LEU   A O   1 
ATOM   946  C CB  . LEU   A 1 115 ? -5.29076  3.50407   -8.62140  1.000 14.19000 ? 115 LEU   A CB  1 
ATOM   947  C CG  . LEU   A 1 115 ? -5.24233  3.33768   -7.09662  1.000 19.20000 ? 115 LEU   A CG  1 
ATOM   948  C CD1 . LEU   A 1 115 ? -6.11846  2.18547   -6.64093  1.000 27.93000 ? 115 LEU   A CD1 1 
ATOM   949  C CD2 . LEU   A 1 115 ? -3.81111  3.14120   -6.61677  1.000 23.74000 ? 115 LEU   A CD2 1 
ATOM   950  N N   . TYR   A 1 116 ? -3.63837  6.39014   -7.82955  1.000 16.56000 ? 116 TYR   A N   1 
ATOM   951  C CA  . TYR   A 1 116 ? -2.41915  6.98212   -7.29855  1.000 16.72000 ? 116 TYR   A CA  1 
ATOM   952  C C   . TYR   A 1 116 ? -2.22397  6.49780   -5.87476  1.000 18.89000 ? 116 TYR   A C   1 
ATOM   953  O O   . TYR   A 1 116 ? -3.18273  6.42972   -5.09622  1.000 17.28000 ? 116 TYR   A O   1 
ATOM   954  C CB  . TYR   A 1 116 ? -2.49965  8.50430   -7.30368  1.000 17.35000 ? 116 TYR   A CB  1 
ATOM   955  C CG  . TYR   A 1 116 ? -2.38182  9.09673   -8.68170  1.000 21.26000 ? 116 TYR   A CG  1 
ATOM   956  C CD1 . TYR   A 1 116 ? -1.25953  9.81523   -9.04489  1.000 22.60000 ? 116 TYR   A CD1 1 
ATOM   957  C CD2 . TYR   A 1 116 ? -3.38993  8.92270   -9.61535  1.000 25.09000 ? 116 TYR   A CD2 1 
ATOM   958  C CE1 . TYR   A 1 116 ? -1.14237  10.35960  -10.30980 1.000 28.33000 ? 116 TYR   A CE1 1 
ATOM   959  C CE2 . TYR   A 1 116 ? -3.28249  9.45514   -10.88090 1.000 32.06000 ? 116 TYR   A CE2 1 
ATOM   960  C CZ  . TYR   A 1 116 ? -2.15773  10.16919  -11.21871 1.000 27.83000 ? 116 TYR   A CZ  1 
ATOM   961  O OH  . TYR   A 1 116 ? -2.03591  10.70992  -12.48188 1.000 34.04000 ? 116 TYR   A OH  1 
ATOM   962  N N   . GLU   A 1 117 ? -0.98523  6.18085   -5.53174  1.000 15.43000 ? 117 GLU   A N   1 
ATOM   963  C CA  . GLU   A 1 117 ? -0.68925  5.59112   -4.23131  1.000 16.35000 ? 117 GLU   A CA  1 
ATOM   964  C C   . GLU   A 1 117 ? 0.54441   6.26757   -3.65916  1.000 19.98000 ? 117 GLU   A C   1 
ATOM   965  O O   . GLU   A 1 117 ? 1.52950   6.46100   -4.37176  1.000 17.71000 ? 117 GLU   A O   1 
ATOM   966  C CB  . GLU   A 1 117 ? -0.45493  4.08618   -4.42020  1.000 25.56000 ? 117 GLU   A CB  1 
ATOM   967  C CG  . GLU   A 1 117 ? -0.04169  3.26304   -3.24435  1.000 37.08000 ? 117 GLU   A CG  1 
ATOM   968  C CD  . GLU   A 1 117 ? -0.42751  1.81743   -3.48550  1.000 36.41000 ? 117 GLU   A CD  1 
ATOM   969  O OE1 . GLU   A 1 117 ? 0.42311   1.03525   -3.96624  1.000 26.69000 ? 117 GLU   A OE1 1 
ATOM   970  O OE2 . GLU   A 1 117 ? -1.59653  1.47591   -3.22682  1.000 34.98000 ? 117 GLU   A OE2 1 
ATOM   971  N N   . GLU   A 1 118 ? 0.49307   6.63005   -2.37902  1.000 14.68000 ? 118 GLU   A N   1 
ATOM   972  C CA  . GLU   A 1 118 ? 1.67697   7.02499   -1.62666  1.000 17.04000 ? 118 GLU   A CA  1 
ATOM   973  C C   . GLU   A 1 118 ? 1.93072   5.95745   -0.57009  1.000 18.97000 ? 118 GLU   A C   1 
ATOM   974  O O   . GLU   A 1 118 ? 1.00979   5.59744   0.17756   1.000 19.25000 ? 118 GLU   A O   1 
ATOM   975  C CB  . GLU   A 1 118 ? 1.48555   8.37337   -0.93239  1.000 21.15000 ? 118 GLU   A CB  1 
ATOM   976  C CG  . GLU   A 1 118 ? 1.34202   9.58374   -1.82875  1.000 26.88000 ? 118 GLU   A CG  1 
ATOM   977  C CD  . GLU   A 1 118 ? 1.22060   10.85089  -0.99846  1.000 31.28000 ? 118 GLU   A CD  1 
ATOM   978  O OE1 . GLU   A 1 118 ? 0.95879   11.93088  -1.56274  1.000 37.03000 ? 118 GLU   A OE1 1 
ATOM   979  O OE2 . GLU   A 1 118 ? 1.43182   10.76766  0.23083   1.000 33.33000 ? 118 GLU   A OE2 1 
ATOM   980  N N   . LEU   A 1 119 ? 3.15666   5.43865   -0.51155  1.000 15.23000 ? 119 LEU   A N   1 
ATOM   981  C CA  . LEU   A 1 119 ? 3.57284   4.56700   0.59087   1.000 14.79000 ? 119 LEU   A CA  1 
ATOM   982  C C   . LEU   A 1 119 ? 4.56380   5.33673   1.44598   1.000 19.02000 ? 119 LEU   A C   1 
ATOM   983  O O   . LEU   A 1 119 ? 5.55267   5.86158   0.92164   1.000 18.36000 ? 119 LEU   A O   1 
ATOM   984  C CB  . LEU   A 1 119 ? 4.22246   3.27158   0.08712   1.000 15.43000 ? 119 LEU   A CB  1 
ATOM   985  C CG  . LEU   A 1 119 ? 3.56358   2.53466   -1.07172  1.000 16.10000 ? 119 LEU   A CG  1 
ATOM   986  C CD1 . LEU   A 1 119 ? 4.43091   1.35396   -1.51808  1.000 19.62000 ? 119 LEU   A CD1 1 
ATOM   987  C CD2 . LEU   A 1 119 ? 2.14854   2.07725   -0.73879  1.000 22.24000 ? 119 LEU   A CD2 1 
ATOM   988  N N   . THR   A 1 120 ? 4.30740   5.40701   2.75278   1.000 18.08000 ? 120 THR   A N   1 
ATOM   989  C CA  . THR   A 1 120 ? 5.12595   6.23372   3.63197   1.000 18.34000 ? 120 THR   A CA  1 
ATOM   990  C C   . THR   A 1 120 ? 5.72276   5.42226   4.77377   1.000 18.91000 ? 120 THR   A C   1 
ATOM   991  O O   . THR   A 1 120 ? 5.10376   4.49009   5.30533   1.000 18.47000 ? 120 THR   A O   1 
ATOM   992  C CB  . THR   A 1 120 ? 4.34103   7.44002   4.20033   1.000 18.00000 ? 120 THR   A CB  1 
ATOM   993  O OG1 . THR   A 1 120 ? 3.25841   6.99625   5.02666   1.000 20.81000 ? 120 THR   A OG1 1 
ATOM   994  C CG2 . THR   A 1 120 ? 3.77403   8.29861   3.05759   1.000 21.82000 ? 120 THR   A CG2 1 
ATOM   995  N N   . CYS   A 1 121 ? 6.94829   5.78424   5.12611   1.000 18.73000 ? 121 CYS   A N   1 
ATOM   996  C CA  . CYS   A 1 121 ? 7.63229   5.23253   6.28626   1.000 16.27000 ? 121 CYS   A CA  1 
ATOM   997  C C   . CYS   A 1 121 ? 8.74085   6.19626   6.67203   1.000 21.53000 ? 121 CYS   A C   1 
ATOM   998  O O   . CYS   A 1 121 ? 9.56844   6.56310   5.83152   1.000 21.98000 ? 121 CYS   A O   1 
ATOM   999  C CB  . CYS   A 1 121 ? 8.20409   3.83151   6.01917   1.000 16.54000 ? 121 CYS   A CB  1 
ATOM   1000 S SG  . CYS   A 1 121 ? 8.84012   3.04508   7.54739   1.000 22.93000 ? 121 CYS   A SG  1 
ATOM   1001 N N   . GLY   A 1 122 ? 8.74022   6.62161   7.92477   1.000 22.95000 ? 122 GLY   A N   1 
ATOM   1002 C CA  . GLY   A 1 122 ? 9.75065   7.58221   8.33926   1.000 24.05000 ? 122 GLY   A CA  1 
ATOM   1003 C C   . GLY   A 1 122 ? 9.65713   8.84626   7.51226   1.000 22.60000 ? 122 GLY   A C   1 
ATOM   1004 O O   . GLY   A 1 122 ? 8.58442   9.44339   7.36341   1.000 24.43000 ? 122 GLY   A O   1 
ATOM   1005 N N   . ASP   A 1 123 ? 10.79127  9.27675   6.95504   1.000 23.84000 ? 123 ASP   A N   1 
ATOM   1006 C CA  . ASP   A 1 123 ? 10.81984  10.44976  6.09584   1.000 26.75000 ? 123 ASP   A CA  1 
ATOM   1007 C C   . ASP   A 1 123 ? 10.76938  10.09201  4.61441   1.000 22.21000 ? 123 ASP   A C   1 
ATOM   1008 O O   . ASP   A 1 123 ? 11.02761  10.95935  3.77174   1.000 27.48000 ? 123 ASP   A O   1 
ATOM   1009 C CB  . ASP   A 1 123 ? 12.06343  11.29873  6.39173   1.000 29.90000 ? 123 ASP   A CB  1 
ATOM   1010 C CG  . ASP   A 1 123 ? 13.33463  10.70441  5.82003   1.000 37.74000 ? 123 ASP   A CG  1 
ATOM   1011 O OD1 . ASP   A 1 123 ? 13.38959  9.48092   5.57129   1.000 33.58000 ? 123 ASP   A OD1 1 
ATOM   1012 O OD2 . ASP   A 1 123 ? 14.29282  11.47871  5.61384   1.000 44.08000 ? 123 ASP   A OD2 1 
ATOM   1013 N N   . GLN   A 1 124 ? 10.43997  8.84360   4.27818   1.000 23.62000 ? 124 GLN   A N   1 
ATOM   1014 C CA  . GLN   A 1 124 ? 10.44027  8.37641   2.89558   1.000 20.14000 ? 124 GLN   A CA  1 
ATOM   1015 C C   . GLN   A 1 124 ? 9.01957   8.27087   2.36174   1.000 19.29000 ? 124 GLN   A C   1 
ATOM   1016 O O   . GLN   A 1 124 ? 8.10785   7.79751   3.04919   1.000 21.47000 ? 124 GLN   A O   1 
ATOM   1017 C CB  . GLN   A 1 124 ? 11.12920  7.01564   2.75989   1.000 21.67000 ? 124 GLN   A CB  1 
ATOM   1018 C CG  . GLN   A 1 124 ? 12.59120  7.01259   3.11465   1.000 22.75000 ? 124 GLN   A CG  1 
ATOM   1019 C CD  . GLN   A 1 124 ? 13.37809  7.92955   2.22771   1.000 24.37000 ? 124 GLN   A CD  1 
ATOM   1020 O OE1 . GLN   A 1 124 ? 13.33295  7.80816   1.00689   1.000 25.17000 ? 124 GLN   A OE1 1 
ATOM   1021 N NE2 . GLN   A 1 124 ? 14.10698  8.86392   2.83033   1.000 32.04000 ? 124 GLN   A NE2 1 
ATOM   1022 N N   . VAL   A 1 125 ? 8.83866   8.72061   1.12696   1.000 19.98000 ? 125 VAL   A N   1 
ATOM   1023 C CA  . VAL   A 1 125 ? 7.56335   8.61246   0.43648   1.000 18.25000 ? 125 VAL   A CA  1 
ATOM   1024 C C   . VAL   A 1 125 ? 7.83115   7.96418   -0.91034  1.000 17.96000 ? 125 VAL   A C   1 
ATOM   1025 O O   . VAL   A 1 125 ? 8.64704   8.46714   -1.69154  1.000 20.00000 ? 125 VAL   A O   1 
ATOM   1026 C CB  . VAL   A 1 125 ? 6.88500   9.97961   0.24655   1.000 25.88000 ? 125 VAL   A CB  1 
ATOM   1027 C CG1 . VAL   A 1 125 ? 5.57543   9.81992   -0.49823  1.000 26.26000 ? 125 VAL   A CG1 1 
ATOM   1028 C CG2 . VAL   A 1 125 ? 6.66085   10.65647  1.59358   1.000 27.92000 ? 125 VAL   A CG2 1 
ATOM   1029 N N   . CYS   A 1 126 ? 7.15957   6.84996   -1.17140  1.000 18.85000 ? 126 CYS   A N   1 
ATOM   1030 C CA  . CYS   A 1 126 ? 7.14479   6.21617   -2.48203  1.000 17.31000 ? 126 CYS   A CA  1 
ATOM   1031 C C   . CYS   A 1 126 ? 5.83663   6.58300   -3.17299  1.000 18.83000 ? 126 CYS   A C   1 
ATOM   1032 O O   . CYS   A 1 126 ? 4.76191   6.46462   -2.57687  1.000 19.79000 ? 126 CYS   A O   1 
ATOM   1033 C CB  . CYS   A 1 126 ? 7.28274   4.69808   -2.34569  1.000 18.01000 ? 126 CYS   A CB  1 
ATOM   1034 S SG  . CYS   A 1 126 ? 6.76603   3.76026   -3.80330  1.000 18.61000 ? 126 CYS   A SG  1 
ATOM   1035 N N   . ARG   A 1 127 ? 5.92788   7.06199   -4.41033  1.000 17.46000 ? 127 ARG   A N   1 
ATOM   1036 C CA  . ARG   A 1 127 ? 4.75482   7.46010   -5.17528  1.000 18.22000 ? 127 ARG   A CA  1 
ATOM   1037 C C   . ARG   A 1 127 ? 4.57724   6.50723   -6.34676  1.000 19.55000 ? 127 ARG   A C   1 
ATOM   1038 O O   . ARG   A 1 127 ? 5.53737   6.21741   -7.06842  1.000 19.62000 ? 127 ARG   A O   1 
ATOM   1039 C CB  . ARG   A 1 127 ? 4.87799   8.90994   -5.66274  1.000 20.41000 ? 127 ARG   A CB  1 
ATOM   1040 C CG  . ARG   A 1 127 ? 4.99605   9.93233   -4.54209  1.000 30.41000 ? 127 ARG   A CG  1 
ATOM   1041 C CD  . ARG   A 1 127 ? 5.19961   11.33783  -5.09380  1.000 32.09000 ? 127 ARG   A CD  1 
ATOM   1042 N NE  . ARG   A 1 127 ? 6.09873   12.12761  -4.25353  1.000 44.53000 ? 127 ARG   A NE  1 
ATOM   1043 C CZ  . ARG   A 1 127 ? 5.71192   12.76086  -3.15250  1.000 37.05000 ? 127 ARG   A CZ  1 
ATOM   1044 N NH1 . ARG   A 1 127 ? 4.44876   12.68108  -2.76054  1.000 42.59000 ? 127 ARG   A NH1 1 
ATOM   1045 N NH2 . ARG   A 1 127 ? 6.58492   13.45675  -2.43697  1.000 45.60000 ? 127 ARG   A NH2 1 
ATOM   1046 N N   . GLN   A 1 128 ? 3.35698   6.00483   -6.51518  1.000 16.27000 ? 128 GLN   A N   1 
ATOM   1047 C CA  . GLN   A 1 128 ? 3.04429   5.04182   -7.56286  1.000 19.15000 ? 128 GLN   A CA  1 
ATOM   1048 C C   . GLN   A 1 128 ? 1.78607   5.45671   -8.31227  1.000 19.59000 ? 128 GLN   A C   1 
ATOM   1049 O O   . GLN   A 1 128 ? 0.88716   6.09864   -7.75750  1.000 19.38000 ? 128 GLN   A O   1 
ATOM   1050 C CB  . GLN   A 1 128 ? 2.85557   3.62713   -6.98344  1.000 18.33000 ? 128 GLN   A CB  1 
ATOM   1051 C CG  . GLN   A 1 128 ? 3.98529   3.15779   -6.07290  1.000 20.14000 ? 128 GLN   A CG  1 
ATOM   1052 C CD  . GLN   A 1 128 ? 3.72915   1.77768   -5.49345  1.000 22.08000 ? 128 GLN   A CD  1 
ATOM   1053 O OE1 . GLN   A 1 128 ? 2.63105   1.48126   -5.00932  1.000 26.23000 ? 128 GLN   A OE1 1 
ATOM   1054 N NE2 . GLN   A 1 128 ? 4.73494   0.92593   -5.53478  1.000 21.78000 ? 128 GLN   A NE2 1 
ATOM   1055 N N   . VAL   A 1 129 ? 1.72923   5.07570   -9.58844  1.000 17.50000 ? 129 VAL   A N   1 
ATOM   1056 C CA  . VAL   A 1 129 ? 0.55060   5.26115   -10.42575 1.000 18.32000 ? 129 VAL   A CA  1 
ATOM   1057 C C   . VAL   A 1 129 ? 0.23892   3.94033   -11.10702 1.000 17.89000 ? 129 VAL   A C   1 
ATOM   1058 O O   . VAL   A 1 129 ? 1.14968   3.25762   -11.59331 1.000 18.42000 ? 129 VAL   A O   1 
ATOM   1059 C CB  . VAL   A 1 129 ? 0.74386   6.37225   -11.47461 1.000 19.16000 ? 129 VAL   A CB  1 
ATOM   1060 C CG1 . VAL   A 1 129 ? -0.57484  6.66889   -12.18336 1.000 23.48000 ? 129 VAL   A CG1 1 
ATOM   1061 C CG2 . VAL   A 1 129 ? 1.27452   7.63096   -10.82530 1.000 22.19000 ? 129 VAL   A CG2 1 
ATOM   1062 N N   . PHE   A 1 130 ? -1.04018  3.56429   -11.08983 1.000 15.96000 ? 130 PHE   A N   1 
ATOM   1063 C CA  . PHE   A 1 130 ? -1.56050  2.34301   -11.68704 1.000 18.34000 ? 130 PHE   A CA  1 
ATOM   1064 C C   . PHE   A 1 130 ? -2.63270  2.70586   -12.70155 1.000 19.78000 ? 130 PHE   A C   1 
ATOM   1065 O O   . PHE   A 1 130 ? -3.39694  3.65605   -12.50098 1.000 19.88000 ? 130 PHE   A O   1 
ATOM   1066 C CB  . PHE   A 1 130 ? -2.18761  1.40276   -10.61990 1.000 16.49000 ? 130 PHE   A CB  1 
ATOM   1067 C CG  . PHE   A 1 130 ? -1.20977  0.90371   -9.59126  1.000 14.69000 ? 130 PHE   A CG  1 
ATOM   1068 C CD1 . PHE   A 1 130 ? -0.75951  1.73395   -8.57173  1.000 20.10000 ? 130 PHE   A CD1 1 
ATOM   1069 C CD2 . PHE   A 1 130 ? -0.73810  -0.39938  -9.63777  1.000 15.88000 ? 130 PHE   A CD2 1 
ATOM   1070 C CE1 . PHE   A 1 130 ? 0.14447   1.26952   -7.64326  1.000 18.41000 ? 130 PHE   A CE1 1 
ATOM   1071 C CE2 . PHE   A 1 130 ? 0.16186   -0.86587  -8.71143  1.000 19.47000 ? 130 PHE   A CE2 1 
ATOM   1072 C CZ  . PHE   A 1 130 ? 0.60564   -0.03259  -7.70840  1.000 18.82000 ? 130 PHE   A CZ  1 
ATOM   1073 N N   . LYS   A 1 131 ? -2.70513  1.93902   -13.78239 1.000 20.34000 ? 131 LYS   A N   1 
ATOM   1074 C CA  . LYS   A 1 131 ? -3.76469  2.12025   -14.76267 1.000 20.25000 ? 131 LYS   A CA  1 
ATOM   1075 C C   . LYS   A 1 131 ? -4.79908  1.02038   -14.59291 1.000 22.23000 ? 131 LYS   A C   1 
ATOM   1076 O O   . LYS   A 1 131 ? -4.46232  -0.13119  -14.29269 1.000 23.38000 ? 131 LYS   A O   1 
ATOM   1077 C CB  . LYS   A 1 131 ? -3.20872  2.13172   -16.19062 1.000 20.64000 ? 131 LYS   A CB  1 
ATOM   1078 C CG  . LYS   A 1 131 ? -2.57517  0.82039   -16.63473 1.000 35.85000 ? 131 LYS   A CG  1 
ATOM   1079 C CD  . LYS   A 1 131 ? -2.41718  0.78902   -18.15172 1.000 39.62000 ? 131 LYS   A CD  1 
ATOM   1080 C CE  . LYS   A 1 131 ? -1.40295  -0.25644  -18.60730 1.000 45.09000 ? 131 LYS   A CE  1 
ATOM   1081 N NZ  . LYS   A 1 131 ? -1.83905  -1.64382  -18.27631 1.000 44.94000 ? 131 LYS   A NZ  1 
ATOM   1082 N N   . LYS   A 1 132 ? -6.06617  1.38504   -14.73896 1.000 21.96000 ? 132 LYS   A N   1 
ATOM   1083 C CA  . LYS   A 1 132 ? -7.13042  0.41269   -14.54463 1.000 24.68000 ? 132 LYS   A CA  1 
ATOM   1084 C C   . LYS   A 1 132 ? -7.14663  -0.59054  -15.68370 1.000 30.49000 ? 132 LYS   A C   1 
ATOM   1085 O O   . LYS   A 1 132 ? -7.22941  -0.21979  -16.86101 1.000 26.53000 ? 132 LYS   A O   1 
ATOM   1086 C CB  . LYS   A 1 132 ? -8.48390  1.10077   -14.42083 1.000 27.64000 ? 132 LYS   A CB  1 
ATOM   1087 C CG  . LYS   A 1 132 ? -9.56736  0.13893   -13.96641 1.000 29.99000 ? 132 LYS   A CG  1 
ATOM   1088 C CD  . LYS   A 1 132 ? -10.82383 0.85971   -13.53732 1.000 27.57000 ? 132 LYS   A CD  1 
ATOM   1089 C CE  . LYS   A 1 132 ? -11.66497 -0.04162  -12.65453 1.000 33.99000 ? 132 LYS   A CE  1 
ATOM   1090 N NZ  . LYS   A 1 132 ? -13.10605 0.14327   -12.93615 1.000 33.02000 ? 132 LYS   A NZ  1 
ATOM   1091 N N   . LYS   A 1 133 ? -6.99331  -1.85133  -15.42413 1.000 27.71000 ? 133 LYS   A N   1 
ATOM   1092 C CA  . LYS   A 1 133 ? -6.95518  -2.80317  -16.53253 1.000 37.88000 ? 133 LYS   A CA  1 
ATOM   1093 C C   . LYS   A 1 133 ? -8.28704  -2.99670  -17.23780 1.000 41.52000 ? 133 LYS   A C   1 
ATOM   1094 O O   . LYS   A 1 133 ? -9.15567  -3.61081  -16.68773 1.000 47.21000 ? 133 LYS   A O   1 
ATOM   1095 C CB  . LYS   A 1 133 ? -6.46234  -4.12619  -16.00765 1.000 38.31000 ? 133 LYS   A CB  1 
ATOM   1096 C CG  . LYS   A 1 133 ? -6.52817  -5.31138  -16.94571 1.000 47.74000 ? 133 LYS   A CG  1 
ATOM   1097 C CD  . LYS   A 1 133 ? -5.43178  -5.36920  -17.97210 1.000 48.66000 ? 133 LYS   A CD  1 
ATOM   1098 C CE  . LYS   A 1 133 ? -5.11192  -6.81575  -18.35499 1.000 46.64000 ? 133 LYS   A CE  1 
ATOM   1099 N NZ  . LYS   A 1 133 ? -4.29970  -6.90999  -19.59268 1.000 48.36000 ? 133 LYS   A NZ  1 
HETATM 1100 C C10 . A1CKV B 2 .   ? 1.71294   -1.88360  -1.93691  1.000 26.66000 ? 201 A1CKV A C10 1 
HETATM 1101 C C11 . A1CKV B 2 .   ? 3.09536   -2.64331  -2.06491  1.000 30.75000 ? 201 A1CKV A C11 1 
HETATM 1102 C C12 . A1CKV B 2 .   ? -0.34159  -1.92980  -0.35125  1.000 31.33000 ? 201 A1CKV A C12 1 
HETATM 1103 C C13 . A1CKV B 2 .   ? -0.94351  -1.04260  -1.11179  1.000 29.17000 ? 201 A1CKV A C13 1 
HETATM 1104 C C14 . A1CKV B 2 .   ? -2.30901  -0.54030  -0.68563  1.000 29.98000 ? 201 A1CKV A C14 1 
HETATM 1105 C C18 . A1CKV B 2 .   ? 7.90366   -8.27514  0.08305   1.000 35.23000 ? 201 A1CKV A C18 1 
HETATM 1106 C C19 . A1CKV B 2 .   ? 9.06982   -6.74254  -0.75667  1.000 32.08000 ? 201 A1CKV A C19 1 
HETATM 1107 C C20 . A1CKV B 2 .   ? -0.99365  -2.47641  0.90999   1.000 36.66000 ? 201 A1CKV A C20 1 
HETATM 1108 C C01 . A1CKV B 2 .   ? 5.26088   -6.41897  0.09112   1.000 28.85000 ? 201 A1CKV A C01 1 
HETATM 1109 C C02 . A1CKV B 2 .   ? 6.47740   -6.03139  -0.45352  1.000 30.15000 ? 201 A1CKV A C02 1 
HETATM 1110 C C03 . A1CKV B 2 .   ? 6.58686   -4.84869  -1.15849  1.000 30.38000 ? 201 A1CKV A C03 1 
HETATM 1111 C C04 . A1CKV B 2 .   ? 5.47544   -4.05300  -1.33690  1.000 27.42000 ? 201 A1CKV A C04 1 
HETATM 1112 C C05 . A1CKV B 2 .   ? 4.25797   -4.43466  -0.80085  1.000 27.36000 ? 201 A1CKV A C05 1 
HETATM 1113 C C06 . A1CKV B 2 .   ? 4.14433   -5.61788  -0.08985  1.000 29.09000 ? 201 A1CKV A C06 1 
HETATM 1114 C C07 . A1CKV B 2 .   ? 3.17065   -3.60935  -0.98768  1.000 29.72000 ? 201 A1CKV A C07 1 
HETATM 1115 C C09 . A1CKV B 2 .   ? 1.02171   -2.41020  -0.78032  1.000 35.71000 ? 201 A1CKV A C09 1 
HETATM 1116 C C21 . A1CKV B 2 .   ? 9.35303   -8.07905  -0.17263  1.000 32.93000 ? 201 A1CKV A C21 1 
HETATM 1117 N N17 . A1CKV B 2 .   ? 7.65996   -6.84780  -0.27915  1.000 29.55000 ? 201 A1CKV A N17 1 
HETATM 1118 S S08 . A1CKV B 2 .   ? 1.88162   -3.51328  -0.10102  1.000 32.82000 ? 201 A1CKV A S08 1 
HETATM 1119 H H26 . A1CKV B 2 .   ? 1.39982   -1.21795  -2.50597  1.000 32.03000 ? 201 A1CKV A H26 1 
HETATM 1120 H H27 . A1CKV B 2 .   ? 3.74293   -2.49791  -2.71565  1.000 36.94000 ? 201 A1CKV A H27 1 
HETATM 1121 H H28 . A1CKV B 2 .   ? -0.54225  -0.73157  -1.88887  1.000 35.04000 ? 201 A1CKV A H28 1 
HETATM 1122 H H30 . A1CKV B 2 .   ? 7.49235   -8.89695  -0.53908  1.000 42.31000 ? 201 A1CKV A H30 1 
HETATM 1123 H H29 . A1CKV B 2 .   ? 7.70896   -8.46439  1.01364   1.000 42.31000 ? 201 A1CKV A H29 1 
HETATM 1124 H H31 . A1CKV B 2 .   ? 9.56207   -6.03097  -0.31967  1.000 38.54000 ? 201 A1CKV A H31 1 
HETATM 1125 H H32 . A1CKV B 2 .   ? 9.14010   -6.73286  -1.72446  1.000 38.54000 ? 201 A1CKV A H32 1 
HETATM 1126 H H34 . A1CKV B 2 .   ? -0.41605  -3.14328  1.30972   1.000 44.04000 ? 201 A1CKV A H34 1 
HETATM 1127 H H35 . A1CKV B 2 .   ? -1.84796  -2.87925  0.68650   1.000 44.04000 ? 201 A1CKV A H35 1 
HETATM 1128 H H33 . A1CKV B 2 .   ? -1.13516  -1.75151  1.54025   1.000 44.04000 ? 201 A1CKV A H33 1 
HETATM 1129 H H22 . A1CKV B 2 .   ? 5.19619   -7.20995  0.57287   1.000 34.66000 ? 201 A1CKV A H22 1 
HETATM 1130 H H23 . A1CKV B 2 .   ? 7.40600   -4.59143  -1.51241  1.000 36.49000 ? 201 A1CKV A H23 1 
HETATM 1131 H H24 . A1CKV B 2 .   ? 5.54311   -3.25949  -1.81735  1.000 32.94000 ? 201 A1CKV A H24 1 
HETATM 1132 H H25 . A1CKV B 2 .   ? 3.32390   -5.87533  0.26199   1.000 34.95000 ? 201 A1CKV A H25 1 
HETATM 1133 H H36 . A1CKV B 2 .   ? 9.70564   -8.70406  -0.82405  1.000 39.56000 ? 201 A1CKV A H36 1 
HETATM 1134 H H37 . A1CKV B 2 .   ? 9.87365   -8.02699  0.64538   1.000 39.56000 ? 201 A1CKV A H37 1 
HETATM 1135 H H16 . A1CKV B 2 .   ? -2.39653  0.09364   -0.01324  1.000 36.01000 ? 201 A1CKV A H16 1 
HETATM 1136 C C   . ACT   C 3 .   ? -2.03482  -2.81793  5.28064   1.000 30.61000 ? 202 ACT   A C   1 
HETATM 1137 O O   . ACT   C 3 .   ? -1.34751  -3.78571  5.67487   1.000 27.80000 ? 202 ACT   A O   1 
HETATM 1138 O OXT . ACT   C 3 .   ? -3.08983  -2.29478  5.76886   1.000 31.21000 ? 202 ACT   A OXT 1 
HETATM 1139 C CH3 . ACT   C 3 .   ? -1.52845  -2.17889  4.03389   1.000 21.95000 ? 202 ACT   A CH3 1 
HETATM 1140 O O   . HOH   D 4 .   ? -6.82262  16.10762  -8.13794  1.000 31.81000 ? 301 HOH   A O   1 
HETATM 1141 O O   . HOH   D 4 .   ? 6.19225   9.86393   -9.38063  1.000 32.00000 ? 302 HOH   A O   1 
HETATM 1142 O O   . HOH   D 4 .   ? -8.61754  14.61929  0.81249   1.000 34.39000 ? 303 HOH   A O   1 
HETATM 1143 O O   . HOH   D 4 .   ? -2.59119  -13.35352 5.02862   1.000 40.33000 ? 304 HOH   A O   1 
HETATM 1144 O O   . HOH   D 4 .   ? -9.71765  10.10224  7.91958   1.000 28.44000 ? 305 HOH   A O   1 
HETATM 1145 O O   . HOH   D 4 .   ? -8.65541  -8.23357  -3.85997  1.000 30.00000 ? 306 HOH   A O   1 
HETATM 1146 O O   . HOH   D 4 .   ? 8.63424   -2.61191  -7.64111  1.000 22.11000 ? 307 HOH   A O   1 
HETATM 1147 O O   . HOH   D 4 .   ? 18.32412  -4.18243  -8.80842  1.000 37.11000 ? 308 HOH   A O   1 
HETATM 1148 O O   . HOH   D 4 .   ? -1.64011  13.28502  -12.65321 1.000 34.32000 ? 309 HOH   A O   1 
HETATM 1149 O O   . HOH   D 4 .   ? 3.71732   4.84127   14.34135  1.000 29.24000 ? 310 HOH   A O   1 
HETATM 1150 O O   . HOH   D 4 .   ? 6.66922   -8.21075  -11.40973 1.000 25.80000 ? 311 HOH   A O   1 
HETATM 1151 O O   . HOH   D 4 .   ? -11.38599 -2.99766  16.20971  1.000 24.83000 ? 312 HOH   A O   1 
HETATM 1152 O O   . HOH   D 4 .   ? -10.32520 7.51402   -4.22133  1.000 26.85000 ? 313 HOH   A O   1 
HETATM 1153 O O   . HOH   D 4 .   ? 11.86000  4.63757   -10.04729 1.000 33.20000 ? 314 HOH   A O   1 
HETATM 1154 O O   . HOH   D 4 .   ? 14.00839  -8.11589  5.04699   1.000 37.56000 ? 315 HOH   A O   1 
HETATM 1155 O O   . HOH   D 4 .   ? 5.24336   7.34152   -9.70672  1.000 22.55000 ? 316 HOH   A O   1 
HETATM 1156 O O   . HOH   D 4 .   ? -5.69303  13.47784  2.58035   1.000 33.98000 ? 317 HOH   A O   1 
HETATM 1157 O O   . HOH   D 4 .   ? 3.60164   -13.03705 3.45713   1.000 32.25000 ? 318 HOH   A O   1 
HETATM 1158 O O   . HOH   D 4 .   ? 10.92766  -12.20892 -9.31642  1.000 33.76000 ? 319 HOH   A O   1 
HETATM 1159 O O   . HOH   D 4 .   ? -9.69591  0.18185   9.17775   1.000 17.71000 ? 320 HOH   A O   1 
HETATM 1160 O O   . HOH   D 4 .   ? 0.74648   7.80713   4.41981   1.000 29.39000 ? 321 HOH   A O   1 
HETATM 1161 O O   . HOH   D 4 .   ? -11.06035 14.93181  -1.57143  1.000 35.64000 ? 322 HOH   A O   1 
HETATM 1162 O O   . HOH   D 4 .   ? 2.59686   -7.64593  -11.58547 1.000 33.27000 ? 323 HOH   A O   1 
HETATM 1163 O O   . HOH   D 4 .   ? 1.35257   -3.22451  -5.41130  1.000 23.69000 ? 324 HOH   A O   1 
HETATM 1164 O O   . HOH   D 4 .   ? 5.82960   -2.06539  14.62166  1.000 20.43000 ? 325 HOH   A O   1 
HETATM 1165 O O   . HOH   D 4 .   ? 4.49392   1.87002   12.63020  1.000 21.60000 ? 326 HOH   A O   1 
HETATM 1166 O O   . HOH   D 4 .   ? 8.97896   10.27379  -3.75860  1.000 33.56000 ? 327 HOH   A O   1 
HETATM 1167 O O   . HOH   D 4 .   ? 15.19696  2.25243   10.21598  1.000 34.95000 ? 328 HOH   A O   1 
HETATM 1168 O O   . HOH   D 4 .   ? -19.07645 3.59312   -6.19123  1.000 33.46000 ? 329 HOH   A O   1 
HETATM 1169 O O   . HOH   D 4 .   ? 5.70781   9.50406   -12.98193 1.000 31.92000 ? 330 HOH   A O   1 
HETATM 1170 O O   . HOH   D 4 .   ? -17.01595 1.05652   10.04155  1.000 27.83000 ? 331 HOH   A O   1 
HETATM 1171 O O   . HOH   D 4 .   ? -16.20639 3.35117   2.56058   1.000 29.99000 ? 332 HOH   A O   1 
HETATM 1172 O O   . HOH   D 4 .   ? -10.83373 -3.39734  9.69724   1.000 18.68000 ? 333 HOH   A O   1 
HETATM 1173 O O   . HOH   D 4 .   ? -19.62944 -1.15782  7.63459   1.000 43.16000 ? 334 HOH   A O   1 
HETATM 1174 O O   . HOH   D 4 .   ? 11.98805  -6.48765  10.49820  1.000 42.56000 ? 335 HOH   A O   1 
HETATM 1175 O O   . HOH   D 4 .   ? 2.75572   5.42630   11.92381  1.000 24.40000 ? 336 HOH   A O   1 
HETATM 1176 O O   . HOH   D 4 .   ? 6.69324   -6.13144  15.84487  1.000 30.77000 ? 337 HOH   A O   1 
HETATM 1177 O O   . HOH   D 4 .   ? 10.78588  10.57875  0.20601   1.000 28.41000 ? 338 HOH   A O   1 
HETATM 1178 O O   . HOH   D 4 .   ? 13.64124  3.45246   -5.74236  1.000 28.98000 ? 339 HOH   A O   1 
HETATM 1179 O O   . HOH   D 4 .   ? -0.86135  7.68950   6.37501   1.000 31.08000 ? 340 HOH   A O   1 
HETATM 1180 O O   . HOH   D 4 .   ? -2.05740  6.19400   -19.73098 1.000 47.83000 ? 341 HOH   A O   1 
HETATM 1181 O O   . HOH   D 4 .   ? 15.47430  5.10196   3.06450   1.000 38.67000 ? 342 HOH   A O   1 
HETATM 1182 O O   . HOH   D 4 .   ? -14.87322 -6.39068  -0.21346  1.000 32.86000 ? 343 HOH   A O   1 
HETATM 1183 O O   . HOH   D 4 .   ? 3.96623   8.87771   13.24166  1.000 34.28000 ? 344 HOH   A O   1 
HETATM 1184 O O   . HOH   D 4 .   ? -12.53293 2.11105   -9.93547  1.000 31.74000 ? 345 HOH   A O   1 
HETATM 1185 O O   . HOH   D 4 .   ? 3.27743   -0.77732  5.38137   1.000 30.00000 ? 346 HOH   A O   1 
HETATM 1186 O O   . HOH   D 4 .   ? -12.91186 -6.98368  3.96777   1.000 29.96000 ? 347 HOH   A O   1 
HETATM 1187 O O   . HOH   D 4 .   ? -2.15673  -9.50144  10.01022  1.000 39.25000 ? 348 HOH   A O   1 
HETATM 1188 O O   . HOH   D 4 .   ? 6.98470   9.94435   5.01655   1.000 30.81000 ? 349 HOH   A O   1 
HETATM 1189 O O   . HOH   D 4 .   ? -0.50754  -8.01024  6.55249   1.000 32.11000 ? 350 HOH   A O   1 
HETATM 1190 O O   . HOH   D 4 .   ? -9.35616  -6.39757  9.27270   1.000 36.93000 ? 351 HOH   A O   1 
HETATM 1191 O O   . HOH   D 4 .   ? 20.68179  -9.18111  1.95746   1.000 33.92000 ? 352 HOH   A O   1 
HETATM 1192 O O   . HOH   D 4 .   ? -11.74069 14.20240  -6.97734  1.000 35.73000 ? 353 HOH   A O   1 
HETATM 1193 O O   . HOH   D 4 .   ? -6.61671  6.28748   8.91309   1.000 22.07000 ? 354 HOH   A O   1 
HETATM 1194 O O   . HOH   D 4 .   ? 12.78359  6.32641   -8.07671  1.000 32.47000 ? 355 HOH   A O   1 
HETATM 1195 O O   . HOH   D 4 .   ? 20.47194  -5.88613  4.59423   1.000 38.99000 ? 356 HOH   A O   1 
HETATM 1196 O O   . HOH   D 4 .   ? 0.94545   -5.09083  -13.79070 1.000 34.38000 ? 357 HOH   A O   1 
HETATM 1197 O O   . HOH   D 4 .   ? -0.43865  -5.63404  16.14926  1.000 42.91000 ? 358 HOH   A O   1 
HETATM 1198 O O   . HOH   D 4 .   ? 10.45585  5.67783   11.68537  1.000 34.18000 ? 359 HOH   A O   1 
HETATM 1199 O O   . HOH   D 4 .   ? -2.70097  -9.06800  6.26235   1.000 31.58000 ? 360 HOH   A O   1 
HETATM 1200 O O   . HOH   D 4 .   ? 3.85258   1.72480   4.40901   1.000 30.00000 ? 361 HOH   A O   1 
HETATM 1201 O O   . HOH   D 4 .   ? 1.92570   -3.07678  -15.64767 1.000 32.72000 ? 362 HOH   A O   1 
HETATM 1202 O O   . HOH   D 4 .   ? 8.00800   -12.04287 14.66006  1.000 44.83000 ? 363 HOH   A O   1 
HETATM 1203 O O   . HOH   D 4 .   ? 9.41672   -0.74765  -10.09281 1.000 39.10000 ? 364 HOH   A O   1 
HETATM 1204 O O   . HOH   D 4 .   ? -20.09833 -1.77893  4.23709   1.000 34.33000 ? 365 HOH   A O   1 
HETATM 1205 O O   . HOH   D 4 .   ? -3.30970  12.70056  5.92916   1.000 48.97000 ? 366 HOH   A O   1 
HETATM 1206 O O   . HOH   D 4 .   ? 6.12066   -0.25738  12.30494  1.000 19.36000 ? 367 HOH   A O   1 
HETATM 1207 O O   . HOH   D 4 .   ? 15.71384  7.47253   -0.86987  1.000 42.21000 ? 368 HOH   A O   1 
HETATM 1208 O O   . HOH   D 4 .   ? -16.59061 13.75570  3.13788   1.000 34.41000 ? 369 HOH   A O   1 
HETATM 1209 O O   . HOH   D 4 .   ? -10.81698 -5.56457  13.56371  1.000 33.77000 ? 370 HOH   A O   1 
HETATM 1210 O O   . HOH   D 4 .   ? -18.37618 -7.51261  2.10426   1.000 45.56000 ? 371 HOH   A O   1 
HETATM 1211 O O   . HOH   D 4 .   ? 11.22615  3.24404   -7.57339  1.000 26.66000 ? 372 HOH   A O   1 
HETATM 1212 O O   . HOH   D 4 .   ? -3.95165  3.40716   13.41207  1.000 32.56000 ? 373 HOH   A O   1 
HETATM 1213 O O   . HOH   D 4 .   ? -5.98898  -9.36346  6.50803   1.000 28.95000 ? 374 HOH   A O   1 
HETATM 1214 O O   . HOH   D 4 .   ? 10.78212  -14.34273 -7.90050  0.50  38.77000 ? 375 HOH   A O   1 
HETATM 1215 O O   . HOH   D 4 .   ? 18.24601  -4.57116  7.62683   1.000 40.06000 ? 376 HOH   A O   1 
HETATM 1216 O O   . HOH   D 4 .   ? -10.42643 -3.71847  -13.70610 1.000 37.11000 ? 377 HOH   A O   1 
HETATM 1217 O O   . HOH   D 4 .   ? 13.20121  7.22312   7.84031   1.000 40.28000 ? 378 HOH   A O   1 
HETATM 1218 O O   . HOH   D 4 .   ? 1.92468   -9.83597  -10.58607 1.000 38.79000 ? 379 HOH   A O   1 
HETATM 1219 O O   . HOH   D 4 .   ? 11.90144  4.80138   9.26921   1.000 36.43000 ? 380 HOH   A O   1 
HETATM 1220 O O   . HOH   D 4 .   ? 1.24748   -1.66190  4.13663   1.000 30.00000 ? 381 HOH   A O   1 
HETATM 1221 O O   . HOH   D 4 .   ? 1.04350   7.73456   8.43290   1.000 31.07000 ? 382 HOH   A O   1 
HETATM 1222 O O   . HOH   D 4 .   ? -20.71487 1.87573   3.37795   1.000 39.78000 ? 383 HOH   A O   1 
HETATM 1223 O O   . HOH   D 4 .   ? -22.46122 -4.40323  -4.57228  1.000 33.84000 ? 384 HOH   A O   1 
HETATM 1224 O O   . HOH   D 4 .   ? 11.31041  6.02396   15.83610  1.000 46.64000 ? 385 HOH   A O   1 
HETATM 1225 O O   . HOH   D 4 .   ? 5.61444   16.98658  -0.92247  1.000 46.61000 ? 386 HOH   A O   1 
HETATM 1226 O O   . HOH   D 4 .   ? -7.59741  6.69796   16.02551  1.000 40.72000 ? 387 HOH   A O   1 
HETATM 1227 O O   . HOH   D 4 .   ? 22.66510  -7.60348  3.65871   1.000 43.03000 ? 388 HOH   A O   1 
HETATM 1228 O O   . HOH   D 4 .   ? -4.54278  -8.74330  8.49163   1.000 36.85000 ? 389 HOH   A O   1 
HETATM 1229 O O   . HOH   D 4 .   ? 13.14988  -11.18107 -10.82320 1.000 39.86000 ? 390 HOH   A O   1 
HETATM 1230 O O   . HOH   D 4 .   ? -5.88249  7.65311   11.29211  1.000 33.45000 ? 391 HOH   A O   1 
HETATM 1231 O O   . HOH   D 4 .   ? -1.40780  9.97940   7.06678   1.000 41.08000 ? 392 HOH   A O   1 
HETATM 1232 O O   . HOH   D 4 .   ? -11.37638 -5.82869  10.81165  1.000 36.81000 ? 393 HOH   A O   1 
# 
